data_7PMQ
#
_entry.id   7PMQ
#
_cell.length_a   159.644
_cell.length_b   159.644
_cell.length_c   204.682
_cell.angle_alpha   90.000
_cell.angle_beta   90.000
_cell.angle_gamma   90.000
#
_symmetry.space_group_name_H-M   'P 43 21 2'
#
loop_
_entity.id
_entity.type
_entity.pdbx_description
1 polymer 'ATP-dependent RNA helicase DbpA'
2 polymer 'RNA (42-MER)'
3 non-polymer "ADENOSINE-5'-DIPHOSPHATE"
4 non-polymer 'BERYLLIUM TRIFLUORIDE ION'
5 non-polymer 'MAGNESIUM ION'
6 non-polymer 'PHOSPHATE ION'
#
loop_
_entity_poly.entity_id
_entity_poly.type
_entity_poly.pdbx_seq_one_letter_code
_entity_poly.pdbx_strand_id
1 'polypeptide(L)'
;GGMTAFSTLNVLPPAQLTNLNELGYLTMTPVQAAALPAILAGKDVRVQAKTGSGKTAAFGLGLLQQIDASLFQTQALVLC
PTRELADQVAGELRRLARFLPNTKILTLCGGQPFGMQRDSLQHAPHIIVATPGRLLDHLQKGTVSLDALNTLVMDEADRM
LDMGFSDAIDDVIRFAPASRQTLLFSATWPEAIAAISGRVQRDPLAIEIDSTDALPPIEQQFYETSSKGKIPLLQRLLSL
HQPSSCVVFCNTKKDCQAVCDALNEVGQSALSLHGDLEQRDRDQTLVRFANGSARVLVATDVAARGLDIKSLELVVNFEL
AWDPEVHVHRIGRTARAGNSGLAISFCAPEEAQRANIISDMLQIKLNWQTPPANSSIATLEAEMATLCIDGGKKAKMRPG
DVLGALTGDIGLDGADIGKIAVHPAHVYVAVRQAVAHKAWKQLQGGKIKGKTCRVRLLK
;
C,A,B,D
2 'polyribonucleotide' GGGAAGGGUUUCGACCCUUCCCAAUAUGGCUGUUCGCCAUUU E,F,G,H
#
loop_
_chem_comp.id
_chem_comp.type
_chem_comp.name
_chem_comp.formula
A RNA linking ADENOSINE-5'-MONOPHOSPHATE 'C10 H14 N5 O7 P'
ADP non-polymer ADENOSINE-5'-DIPHOSPHATE 'C10 H15 N5 O10 P2'
BEF non-polymer 'BERYLLIUM TRIFLUORIDE ION' 'Be F3 -1'
C RNA linking CYTIDINE-5'-MONOPHOSPHATE 'C9 H14 N3 O8 P'
G RNA linking GUANOSINE-5'-MONOPHOSPHATE 'C10 H14 N5 O8 P'
MG non-polymer 'MAGNESIUM ION' 'Mg 2'
PO4 non-polymer 'PHOSPHATE ION' 'O4 P -3'
U RNA linking URIDINE-5'-MONOPHOSPHATE 'C9 H13 N2 O9 P'
#
# COMPACT_ATOMS: atom_id res chain seq x y z
N GLY A 2 27.00 34.91 37.44
CA GLY A 2 25.96 34.32 36.62
C GLY A 2 26.36 33.00 35.99
N MET A 3 27.63 32.90 35.61
CA MET A 3 28.14 31.68 35.00
C MET A 3 28.32 30.59 36.04
N THR A 4 28.23 29.34 35.58
CA THR A 4 28.41 28.18 36.44
C THR A 4 29.28 27.16 35.72
N ALA A 5 30.36 26.74 36.35
CA ALA A 5 31.26 25.76 35.76
C ALA A 5 30.75 24.35 36.00
N PHE A 6 31.23 23.42 35.18
CA PHE A 6 30.83 22.02 35.32
C PHE A 6 31.38 21.38 36.58
N SER A 7 32.48 21.90 37.13
CA SER A 7 33.00 21.38 38.38
C SER A 7 32.13 21.72 39.57
N THR A 8 31.16 22.64 39.42
CA THR A 8 30.25 22.95 40.51
C THR A 8 29.34 21.77 40.83
N LEU A 9 29.10 20.89 39.84
CA LEU A 9 28.38 19.65 40.12
C LEU A 9 29.19 18.74 41.02
N ASN A 10 30.52 18.88 41.02
CA ASN A 10 31.46 18.15 41.87
C ASN A 10 31.21 16.64 41.89
N VAL A 11 30.58 16.14 40.83
CA VAL A 11 30.33 14.70 40.72
C VAL A 11 30.90 14.08 39.45
N LEU A 12 31.21 14.87 38.44
CA LEU A 12 31.82 14.32 37.24
C LEU A 12 33.29 13.98 37.52
N PRO A 13 33.82 12.91 36.95
CA PRO A 13 35.22 12.56 37.15
C PRO A 13 36.13 13.61 36.51
N PRO A 14 37.38 13.72 36.98
CA PRO A 14 38.29 14.72 36.37
C PRO A 14 38.54 14.49 34.90
N ALA A 15 38.50 13.25 34.44
CA ALA A 15 38.64 12.98 33.01
C ALA A 15 37.52 13.63 32.22
N GLN A 16 36.29 13.59 32.74
CA GLN A 16 35.17 14.23 32.06
C GLN A 16 35.31 15.75 32.07
N LEU A 17 35.84 16.31 33.15
CA LEU A 17 36.10 17.75 33.18
C LEU A 17 37.12 18.14 32.12
N THR A 18 38.19 17.36 32.01
CA THR A 18 39.19 17.62 30.96
C THR A 18 38.57 17.49 29.57
N ASN A 19 37.74 16.48 29.37
CA ASN A 19 37.11 16.27 28.06
C ASN A 19 36.21 17.45 27.71
N LEU A 20 35.39 17.91 28.66
CA LEU A 20 34.53 19.06 28.40
C LEU A 20 35.34 20.32 28.17
N ASN A 21 36.47 20.47 28.85
CA ASN A 21 37.31 21.64 28.63
C ASN A 21 37.96 21.62 27.24
N GLU A 22 38.31 20.43 26.77
CA GLU A 22 38.91 20.33 25.44
C GLU A 22 37.87 20.52 24.34
N LEU A 23 36.68 19.92 24.51
CA LEU A 23 35.65 20.01 23.48
C LEU A 23 35.02 21.39 23.36
N GLY A 24 35.40 22.34 24.22
CA GLY A 24 34.85 23.68 24.17
C GLY A 24 33.67 23.93 25.09
N TYR A 25 33.37 23.01 26.00
CA TYR A 25 32.26 23.19 26.94
C TYR A 25 32.79 23.87 28.20
N LEU A 26 33.11 25.16 28.04
CA LEU A 26 33.80 25.90 29.09
C LEU A 26 32.88 26.26 30.24
N THR A 27 31.59 26.48 29.97
CA THR A 27 30.64 26.89 30.98
C THR A 27 29.32 26.16 30.74
N MET A 28 28.60 25.88 31.83
CA MET A 28 27.30 25.24 31.71
C MET A 28 26.27 26.23 31.20
N THR A 29 25.42 25.76 30.29
CA THR A 29 24.26 26.54 29.87
C THR A 29 23.16 26.39 30.91
N PRO A 30 22.14 27.26 30.87
CA PRO A 30 21.08 27.17 31.91
C PRO A 30 20.45 25.80 32.04
N VAL A 31 20.15 25.12 30.93
CA VAL A 31 19.49 23.81 31.01
C VAL A 31 20.38 22.81 31.74
N GLN A 32 21.66 22.78 31.39
CA GLN A 32 22.58 21.86 32.04
C GLN A 32 22.71 22.17 33.53
N ALA A 33 22.98 23.43 33.86
CA ALA A 33 23.18 23.81 35.26
C ALA A 33 21.95 23.54 36.11
N ALA A 34 20.75 23.69 35.54
CA ALA A 34 19.54 23.51 36.32
C ALA A 34 19.07 22.06 36.36
N ALA A 35 19.40 21.24 35.38
CA ALA A 35 18.86 19.89 35.32
C ALA A 35 19.84 18.79 35.75
N LEU A 36 21.14 18.98 35.52
CA LEU A 36 22.10 17.89 35.74
C LEU A 36 22.12 17.38 37.17
N PRO A 37 22.21 18.22 38.22
CA PRO A 37 22.30 17.64 39.58
C PRO A 37 21.12 16.76 39.94
N ALA A 38 19.90 17.17 39.58
CA ALA A 38 18.74 16.32 39.83
C ALA A 38 18.78 15.06 38.98
N ILE A 39 19.33 15.14 37.77
CA ILE A 39 19.33 13.98 36.87
C ILE A 39 20.29 12.92 37.39
N LEU A 40 21.55 13.28 37.61
CA LEU A 40 22.51 12.28 38.06
C LEU A 40 22.29 11.85 39.51
N ALA A 41 21.33 12.47 40.21
CA ALA A 41 20.91 11.97 41.52
C ALA A 41 19.94 10.80 41.41
N GLY A 42 19.36 10.58 40.22
CA GLY A 42 18.45 9.47 39.99
C GLY A 42 17.01 9.85 39.75
N LYS A 43 16.69 11.14 39.68
CA LYS A 43 15.32 11.58 39.52
C LYS A 43 14.86 11.46 38.08
N ASP A 44 13.62 11.03 37.89
CA ASP A 44 12.96 11.15 36.60
C ASP A 44 12.61 12.62 36.37
N VAL A 45 13.00 13.16 35.23
CA VAL A 45 12.94 14.60 35.01
C VAL A 45 12.26 14.90 33.67
N ARG A 46 11.54 16.02 33.64
CA ARG A 46 10.89 16.53 32.43
C ARG A 46 11.35 17.96 32.23
N VAL A 47 12.20 18.19 31.24
CA VAL A 47 12.94 19.45 31.08
C VAL A 47 12.50 20.17 29.81
N GLN A 48 12.31 21.48 29.94
CA GLN A 48 12.06 22.38 28.83
C GLN A 48 13.14 23.46 28.81
N ALA A 49 13.57 23.83 27.62
CA ALA A 49 14.56 24.90 27.46
C ALA A 49 14.41 25.50 26.06
N LYS A 50 15.18 26.54 25.79
CA LYS A 50 15.14 27.19 24.49
C LYS A 50 15.71 26.27 23.40
N THR A 51 15.61 26.73 22.16
CA THR A 51 16.16 25.99 21.03
C THR A 51 17.64 26.35 20.88
N GLY A 52 18.51 25.35 20.96
CA GLY A 52 19.94 25.57 20.83
C GLY A 52 20.65 25.93 22.11
N SER A 53 20.10 25.57 23.27
CA SER A 53 20.73 25.84 24.55
C SER A 53 21.52 24.66 25.08
N GLY A 54 21.57 23.55 24.35
CA GLY A 54 22.39 22.42 24.74
C GLY A 54 21.72 21.41 25.64
N LYS A 55 20.49 21.01 25.29
CA LYS A 55 19.83 19.95 26.04
C LYS A 55 20.45 18.60 25.75
N THR A 56 21.00 18.41 24.54
CA THR A 56 21.60 17.13 24.16
C THR A 56 22.71 16.76 25.14
N ALA A 57 23.72 17.61 25.27
CA ALA A 57 24.78 17.35 26.23
C ALA A 57 24.24 17.35 27.66
N ALA A 58 23.17 18.11 27.91
CA ALA A 58 22.59 18.17 29.25
C ALA A 58 22.14 16.79 29.71
N PHE A 59 21.39 16.06 28.87
CA PHE A 59 21.04 14.71 29.29
C PHE A 59 22.15 13.70 29.02
N GLY A 60 23.05 13.99 28.07
CA GLY A 60 24.13 13.06 27.79
C GLY A 60 25.10 12.92 28.93
N LEU A 61 25.38 14.00 29.64
CA LEU A 61 26.29 13.92 30.78
C LEU A 61 25.71 13.04 31.89
N GLY A 62 24.46 13.29 32.27
CA GLY A 62 23.81 12.45 33.27
C GLY A 62 23.64 11.01 32.81
N LEU A 63 23.52 10.81 31.50
CA LEU A 63 23.49 9.46 30.95
C LEU A 63 24.83 8.76 31.15
N LEU A 64 25.92 9.44 30.77
CA LEU A 64 27.24 8.84 30.81
C LEU A 64 27.74 8.63 32.24
N GLN A 65 27.28 9.46 33.18
CA GLN A 65 27.79 9.35 34.55
C GLN A 65 27.51 7.99 35.16
N GLN A 66 26.43 7.33 34.74
CA GLN A 66 26.14 5.98 35.22
C GLN A 66 26.22 4.97 34.09
N ILE A 67 27.41 4.81 33.51
CA ILE A 67 27.66 3.83 32.45
C ILE A 67 28.87 3.01 32.85
N ASP A 68 28.66 1.71 33.07
CA ASP A 68 29.75 0.80 33.41
C ASP A 68 30.33 0.26 32.11
N ALA A 69 31.48 0.81 31.71
CA ALA A 69 32.10 0.41 30.44
C ALA A 69 32.53 -1.05 30.46
N SER A 70 32.85 -1.59 31.63
CA SER A 70 33.29 -2.98 31.71
C SER A 70 32.14 -3.96 31.54
N LEU A 71 30.89 -3.50 31.53
CA LEU A 71 29.75 -4.41 31.47
C LEU A 71 29.52 -4.93 30.05
N PHE A 72 29.66 -4.05 29.05
CA PHE A 72 29.39 -4.41 27.65
C PHE A 72 27.96 -4.93 27.48
N GLN A 73 27.00 -4.20 28.05
CA GLN A 73 25.59 -4.49 27.89
C GLN A 73 24.83 -3.17 27.90
N THR A 74 23.71 -3.15 27.17
CA THR A 74 22.96 -1.91 26.98
C THR A 74 22.38 -1.42 28.31
N GLN A 75 22.77 -0.22 28.72
CA GLN A 75 22.28 0.38 29.96
C GLN A 75 21.86 1.84 29.77
N ALA A 76 21.65 2.26 28.53
CA ALA A 76 21.22 3.63 28.25
C ALA A 76 20.55 3.65 26.88
N LEU A 77 19.33 4.17 26.83
CA LEU A 77 18.57 4.25 25.58
C LEU A 77 18.10 5.68 25.37
N VAL A 78 18.27 6.18 24.13
CA VAL A 78 17.82 7.50 23.74
C VAL A 78 16.89 7.35 22.54
N LEU A 79 15.76 8.04 22.57
CA LEU A 79 14.75 7.93 21.52
C LEU A 79 14.58 9.28 20.82
N CYS A 80 14.69 9.26 19.50
CA CYS A 80 14.59 10.44 18.67
C CYS A 80 13.50 10.29 17.62
N PRO A 81 12.95 11.41 17.10
CA PRO A 81 11.84 11.31 16.14
C PRO A 81 12.27 11.14 14.69
N THR A 82 13.50 11.53 14.36
CA THR A 82 14.00 11.41 12.99
C THR A 82 15.36 10.73 12.99
N ARG A 83 15.74 10.23 11.82
CA ARG A 83 16.99 9.46 11.71
C ARG A 83 18.20 10.37 11.76
N GLU A 84 18.13 11.53 11.11
CA GLU A 84 19.27 12.45 11.10
C GLU A 84 19.53 12.99 12.50
N LEU A 85 18.47 13.32 13.24
CA LEU A 85 18.65 13.74 14.63
C LEU A 85 19.19 12.61 15.49
N ALA A 86 18.81 11.37 15.18
CA ALA A 86 19.39 10.23 15.90
C ALA A 86 20.89 10.15 15.67
N ASP A 87 21.32 10.25 14.40
CA ASP A 87 22.75 10.26 14.10
C ASP A 87 23.47 11.40 14.81
N GLN A 88 22.86 12.59 14.81
CA GLN A 88 23.50 13.75 15.42
C GLN A 88 23.64 13.58 16.93
N VAL A 89 22.59 13.10 17.59
CA VAL A 89 22.66 12.88 19.03
C VAL A 89 23.68 11.79 19.36
N ALA A 90 23.74 10.74 18.54
CA ALA A 90 24.72 9.69 18.76
C ALA A 90 26.14 10.23 18.62
N GLY A 91 26.37 11.12 17.65
CA GLY A 91 27.69 11.70 17.48
C GLY A 91 28.09 12.61 18.63
N GLU A 92 27.15 13.44 19.09
CA GLU A 92 27.45 14.28 20.25
C GLU A 92 27.72 13.44 21.49
N LEU A 93 26.96 12.36 21.68
CA LEU A 93 27.21 11.48 22.82
C LEU A 93 28.56 10.78 22.69
N ARG A 94 28.94 10.38 21.47
CA ARG A 94 30.25 9.76 21.26
C ARG A 94 31.37 10.74 21.62
N ARG A 95 31.22 12.01 21.23
CA ARG A 95 32.23 13.00 21.59
C ARG A 95 32.27 13.24 23.10
N LEU A 96 31.10 13.28 23.74
CA LEU A 96 31.07 13.46 25.19
C LEU A 96 31.70 12.27 25.91
N ALA A 97 31.56 11.07 25.36
CA ALA A 97 32.07 9.85 25.99
C ALA A 97 33.51 9.58 25.57
N ARG A 98 34.38 10.57 25.75
CA ARG A 98 35.81 10.40 25.55
C ARG A 98 36.56 10.20 26.85
N PHE A 99 35.90 10.38 27.99
CA PHE A 99 36.50 10.10 29.30
C PHE A 99 36.30 8.66 29.73
N LEU A 100 35.63 7.85 28.91
CA LEU A 100 35.43 6.43 29.17
C LEU A 100 35.90 5.66 27.94
N PRO A 101 37.09 5.07 27.97
CA PRO A 101 37.57 4.30 26.81
C PRO A 101 36.69 3.09 26.54
N ASN A 102 36.57 2.76 25.26
CA ASN A 102 35.80 1.60 24.79
C ASN A 102 34.33 1.71 25.20
N THR A 103 33.74 2.88 24.93
CA THR A 103 32.31 3.12 25.17
C THR A 103 31.59 3.01 23.84
N LYS A 104 30.96 1.86 23.60
CA LYS A 104 30.30 1.59 22.34
C LYS A 104 28.88 2.15 22.37
N ILE A 105 28.62 3.15 21.53
CA ILE A 105 27.28 3.68 21.32
C ILE A 105 26.85 3.29 19.91
N LEU A 106 25.61 2.81 19.78
CA LEU A 106 25.10 2.32 18.51
C LEU A 106 23.83 3.07 18.12
N THR A 107 23.67 3.30 16.82
CA THR A 107 22.53 4.00 16.27
C THR A 107 21.62 3.01 15.56
N LEU A 108 20.35 3.00 15.94
CA LEU A 108 19.36 2.10 15.35
C LEU A 108 18.22 2.94 14.76
N CYS A 109 18.23 3.07 13.43
CA CYS A 109 17.18 3.80 12.72
C CYS A 109 17.05 3.24 11.32
N GLY A 110 15.90 3.51 10.70
CA GLY A 110 15.58 2.99 9.38
C GLY A 110 16.53 3.44 8.28
N GLY A 111 16.38 2.88 7.08
CA GLY A 111 17.26 3.24 6.00
C GLY A 111 18.53 2.42 5.98
N GLN A 112 19.10 2.21 7.16
CA GLN A 112 20.33 1.44 7.28
C GLN A 112 20.05 -0.05 7.10
N PRO A 113 21.07 -0.82 6.74
CA PRO A 113 20.87 -2.27 6.59
C PRO A 113 20.58 -2.92 7.93
N PHE A 114 19.62 -3.84 7.93
CA PHE A 114 19.26 -4.54 9.15
C PHE A 114 20.33 -5.55 9.54
N GLY A 115 20.93 -6.21 8.54
CA GLY A 115 21.92 -7.24 8.84
C GLY A 115 23.18 -6.67 9.47
N MET A 116 23.61 -5.49 9.02
CA MET A 116 24.79 -4.86 9.62
C MET A 116 24.51 -4.48 11.07
N GLN A 117 23.33 -3.92 11.34
CA GLN A 117 22.95 -3.60 12.71
C GLN A 117 22.93 -4.86 13.57
N ARG A 118 22.41 -5.97 13.02
CA ARG A 118 22.37 -7.21 13.78
C ARG A 118 23.77 -7.73 14.07
N ASP A 119 24.65 -7.75 13.06
CA ASP A 119 26.01 -8.24 13.25
C ASP A 119 26.79 -7.37 14.22
N SER A 120 26.55 -6.07 14.21
CA SER A 120 27.18 -5.18 15.18
C SER A 120 26.55 -5.30 16.56
N LEU A 121 25.29 -5.74 16.65
CA LEU A 121 24.59 -5.81 17.92
C LEU A 121 24.97 -7.03 18.75
N GLN A 122 25.78 -7.94 18.21
CA GLN A 122 26.22 -9.09 18.99
C GLN A 122 27.14 -8.64 20.13
N HIS A 123 28.15 -7.83 19.82
CA HIS A 123 28.90 -7.14 20.85
C HIS A 123 28.01 -6.04 21.41
N ALA A 124 27.24 -6.36 22.45
CA ALA A 124 26.19 -5.47 22.92
C ALA A 124 26.73 -4.08 23.23
N PRO A 125 26.09 -3.02 22.75
CA PRO A 125 26.61 -1.66 22.97
C PRO A 125 26.21 -1.13 24.33
N HIS A 126 27.01 -0.17 24.82
CA HIS A 126 26.70 0.45 26.11
C HIS A 126 25.49 1.36 26.02
N ILE A 127 25.42 2.17 24.96
CA ILE A 127 24.33 3.12 24.76
C ILE A 127 23.73 2.90 23.37
N ILE A 128 22.42 3.09 23.26
CA ILE A 128 21.71 2.94 22.00
C ILE A 128 20.90 4.21 21.76
N VAL A 129 21.28 4.97 20.75
CA VAL A 129 20.45 6.05 20.23
C VAL A 129 19.65 5.48 19.07
N ALA A 130 18.33 5.69 19.09
CA ALA A 130 17.49 5.00 18.13
C ALA A 130 16.22 5.77 17.87
N THR A 131 15.58 5.40 16.79
CA THR A 131 14.20 5.71 16.42
C THR A 131 13.31 4.52 16.73
N PRO A 132 12.04 4.75 17.08
CA PRO A 132 11.19 3.63 17.54
C PRO A 132 10.97 2.55 16.51
N GLY A 133 11.07 2.86 15.21
CA GLY A 133 10.81 1.86 14.19
C GLY A 133 11.75 0.68 14.21
N ARG A 134 13.03 0.92 13.91
CA ARG A 134 14.00 -0.19 13.88
C ARG A 134 14.26 -0.74 15.27
N LEU A 135 14.17 0.09 16.31
CA LEU A 135 14.35 -0.39 17.67
C LEU A 135 13.27 -1.39 18.04
N LEU A 136 12.02 -1.10 17.68
CA LEU A 136 10.93 -2.04 17.91
C LEU A 136 11.14 -3.33 17.12
N ASP A 137 11.78 -3.24 15.95
CA ASP A 137 12.07 -4.43 15.17
C ASP A 137 13.14 -5.28 15.85
N HIS A 138 14.21 -4.66 16.34
CA HIS A 138 15.26 -5.41 17.01
C HIS A 138 14.78 -6.01 18.33
N LEU A 139 13.92 -5.28 19.04
CA LEU A 139 13.39 -5.80 20.30
C LEU A 139 12.49 -7.01 20.06
N GLN A 140 11.72 -6.99 18.97
CA GLN A 140 10.85 -8.11 18.67
C GLN A 140 11.64 -9.31 18.15
N LYS A 141 12.62 -9.08 17.29
CA LYS A 141 13.45 -10.19 16.81
C LYS A 141 14.43 -10.68 17.86
N GLY A 142 14.68 -9.89 18.91
CA GLY A 142 15.50 -10.34 20.02
C GLY A 142 16.97 -10.08 19.86
N THR A 143 17.35 -8.83 19.58
CA THR A 143 18.74 -8.45 19.45
C THR A 143 19.18 -7.37 20.41
N VAL A 144 18.25 -6.51 20.87
CA VAL A 144 18.55 -5.49 21.87
C VAL A 144 18.05 -5.99 23.21
N SER A 145 18.90 -5.90 24.23
CA SER A 145 18.58 -6.34 25.59
C SER A 145 18.44 -5.11 26.48
N LEU A 146 17.20 -4.67 26.68
CA LEU A 146 16.89 -3.57 27.60
C LEU A 146 16.67 -4.07 29.02
N ASP A 147 17.50 -5.00 29.50
CA ASP A 147 17.31 -5.57 30.83
C ASP A 147 18.13 -4.83 31.89
N ALA A 148 19.44 -4.67 31.67
CA ALA A 148 20.28 -3.93 32.60
C ALA A 148 20.20 -2.44 32.31
N LEU A 149 19.04 -1.98 31.85
CA LEU A 149 18.88 -0.60 31.44
C LEU A 149 18.83 0.33 32.66
N ASN A 150 19.50 1.47 32.54
CA ASN A 150 19.53 2.48 33.59
C ASN A 150 18.71 3.71 33.22
N THR A 151 19.04 4.36 32.11
CA THR A 151 18.41 5.62 31.74
C THR A 151 17.71 5.50 30.40
N LEU A 152 16.51 6.07 30.32
CA LEU A 152 15.71 6.13 29.11
C LEU A 152 15.40 7.60 28.85
N VAL A 153 15.96 8.15 27.78
CA VAL A 153 15.81 9.56 27.43
C VAL A 153 14.95 9.65 26.18
N MET A 154 14.05 10.63 26.16
CA MET A 154 13.23 10.94 25.00
C MET A 154 13.54 12.37 24.58
N ASP A 155 14.24 12.53 23.46
CA ASP A 155 14.58 13.85 22.94
C ASP A 155 13.45 14.35 22.06
N GLU A 156 13.14 15.63 22.18
CA GLU A 156 11.94 16.21 21.59
C GLU A 156 10.71 15.40 22.02
N ALA A 157 10.55 15.29 23.34
CA ALA A 157 9.61 14.33 23.91
C ALA A 157 8.16 14.65 23.55
N ASP A 158 7.84 15.93 23.37
CA ASP A 158 6.47 16.29 23.02
C ASP A 158 6.06 15.71 21.67
N ARG A 159 7.04 15.50 20.78
CA ARG A 159 6.77 14.81 19.53
C ARG A 159 6.71 13.30 19.72
N MET A 160 7.50 12.76 20.65
CA MET A 160 7.50 11.32 20.91
C MET A 160 6.27 10.86 21.66
N LEU A 161 5.53 11.77 22.31
CA LEU A 161 4.34 11.42 23.06
C LEU A 161 3.05 11.88 22.40
N ASP A 162 3.14 12.43 21.19
CA ASP A 162 1.95 12.92 20.50
C ASP A 162 1.08 11.73 20.04
N MET A 163 -0.01 12.06 19.35
CA MET A 163 -0.94 11.02 18.90
C MET A 163 -0.27 10.03 17.96
N GLY A 164 0.77 10.45 17.25
CA GLY A 164 1.41 9.60 16.26
C GLY A 164 2.46 8.65 16.80
N PHE A 165 3.32 9.13 17.71
CA PHE A 165 4.41 8.31 18.22
C PHE A 165 4.07 7.58 19.51
N SER A 166 3.00 7.98 20.20
CA SER A 166 2.73 7.42 21.52
C SER A 166 2.50 5.91 21.48
N ASP A 167 1.91 5.42 20.38
CA ASP A 167 1.66 3.98 20.28
C ASP A 167 2.96 3.20 20.14
N ALA A 168 3.84 3.64 19.24
CA ALA A 168 5.14 2.99 19.10
C ALA A 168 5.96 3.11 20.38
N ILE A 169 5.84 4.24 21.07
CA ILE A 169 6.58 4.42 22.32
C ILE A 169 6.07 3.47 23.39
N ASP A 170 4.75 3.30 23.48
CA ASP A 170 4.18 2.33 24.40
C ASP A 170 4.62 0.91 24.05
N ASP A 171 4.75 0.62 22.75
CA ASP A 171 5.26 -0.68 22.35
C ASP A 171 6.72 -0.86 22.76
N VAL A 172 7.50 0.21 22.70
CA VAL A 172 8.92 0.12 23.02
C VAL A 172 9.13 -0.04 24.52
N ILE A 173 8.48 0.80 25.32
CA ILE A 173 8.71 0.82 26.76
C ILE A 173 8.34 -0.49 27.44
N ARG A 174 7.61 -1.37 26.74
CA ARG A 174 7.27 -2.66 27.32
C ARG A 174 8.50 -3.54 27.49
N PHE A 175 9.47 -3.45 26.57
CA PHE A 175 10.70 -4.21 26.68
C PHE A 175 11.66 -3.65 27.71
N ALA A 176 11.38 -2.45 28.26
CA ALA A 176 12.21 -1.75 29.24
C ALA A 176 11.70 -1.97 30.65
N PRO A 177 12.59 -1.96 31.65
CA PRO A 177 12.15 -2.15 33.03
C PRO A 177 11.63 -0.85 33.63
N ALA A 178 10.68 -1.01 34.56
CA ALA A 178 10.16 0.14 35.29
C ALA A 178 11.14 0.66 36.34
N SER A 179 12.15 -0.14 36.70
CA SER A 179 13.18 0.28 37.64
C SER A 179 14.28 1.04 36.90
N ARG A 180 13.87 2.14 36.26
CA ARG A 180 14.75 2.92 35.41
C ARG A 180 14.59 4.40 35.73
N GLN A 181 15.57 5.19 35.31
CA GLN A 181 15.47 6.63 35.30
C GLN A 181 14.95 7.07 33.95
N THR A 182 14.06 8.05 33.93
CA THR A 182 13.43 8.51 32.70
C THR A 182 13.58 10.02 32.57
N LEU A 183 14.14 10.45 31.45
CA LEU A 183 14.34 11.86 31.13
C LEU A 183 13.56 12.21 29.89
N LEU A 184 12.77 13.28 29.96
CA LEU A 184 11.94 13.75 28.85
C LEU A 184 12.36 15.18 28.53
N PHE A 185 13.10 15.37 27.44
CA PHE A 185 13.62 16.68 27.09
C PHE A 185 12.90 17.23 25.87
N SER A 186 12.47 18.49 25.95
CA SER A 186 11.86 19.12 24.78
C SER A 186 11.98 20.63 24.91
N ALA A 187 11.83 21.31 23.77
CA ALA A 187 11.82 22.76 23.75
C ALA A 187 10.43 23.35 23.91
N THR A 188 9.40 22.62 23.48
CA THR A 188 8.01 23.05 23.63
C THR A 188 7.22 21.94 24.30
N TRP A 189 6.41 22.31 25.29
CA TRP A 189 5.60 21.36 26.05
C TRP A 189 4.16 21.86 26.11
N PRO A 190 3.31 21.42 25.19
CA PRO A 190 1.87 21.69 25.33
C PRO A 190 1.34 21.02 26.59
N GLU A 191 0.46 21.73 27.30
CA GLU A 191 -0.04 21.24 28.58
C GLU A 191 -0.85 19.95 28.40
N ALA A 192 -1.52 19.79 27.27
CA ALA A 192 -2.22 18.54 26.99
C ALA A 192 -1.24 17.38 26.85
N ILE A 193 -0.01 17.65 26.43
CA ILE A 193 1.01 16.61 26.35
C ILE A 193 1.71 16.43 27.69
N ALA A 194 1.90 17.51 28.44
CA ALA A 194 2.55 17.40 29.74
C ALA A 194 1.70 16.61 30.72
N ALA A 195 0.37 16.75 30.64
CA ALA A 195 -0.51 15.98 31.52
C ALA A 195 -0.34 14.49 31.28
N ILE A 196 -0.22 14.07 30.02
CA ILE A 196 -0.04 12.66 29.68
C ILE A 196 1.39 12.19 29.95
N SER A 197 2.37 13.10 29.92
CA SER A 197 3.78 12.73 30.08
C SER A 197 4.03 11.87 31.31
N GLY A 198 3.26 12.08 32.38
CA GLY A 198 3.55 11.42 33.64
C GLY A 198 3.30 9.93 33.70
N ARG A 199 3.11 9.29 32.55
CA ARG A 199 2.85 7.86 32.48
C ARG A 199 4.10 7.05 32.15
N VAL A 200 5.27 7.68 32.10
CA VAL A 200 6.51 6.98 31.82
C VAL A 200 7.56 7.39 32.84
N GLN A 201 7.13 8.12 33.87
CA GLN A 201 8.01 8.61 34.92
C GLN A 201 7.36 8.38 36.28
N ARG A 202 8.19 8.28 37.30
CA ARG A 202 7.73 8.16 38.68
C ARG A 202 8.14 9.42 39.43
N ASP A 203 7.16 10.11 40.00
CA ASP A 203 7.30 11.41 40.65
C ASP A 203 8.28 12.30 39.88
N PRO A 204 7.93 12.68 38.66
CA PRO A 204 8.89 13.43 37.83
C PRO A 204 9.08 14.86 38.32
N LEU A 205 10.30 15.35 38.15
CA LEU A 205 10.64 16.73 38.46
C LEU A 205 10.49 17.56 37.20
N ALA A 206 9.59 18.55 37.23
CA ALA A 206 9.38 19.44 36.10
C ALA A 206 10.37 20.60 36.18
N ILE A 207 11.05 20.88 35.07
CA ILE A 207 12.04 21.95 35.01
C ILE A 207 11.74 22.77 33.74
N GLU A 208 10.87 23.77 33.88
CA GLU A 208 10.64 24.74 32.82
C GLU A 208 11.57 25.92 33.05
N ILE A 209 12.58 26.05 32.19
CA ILE A 209 13.64 27.02 32.41
C ILE A 209 13.34 28.36 31.76
N ASP A 210 12.97 28.34 30.49
CA ASP A 210 12.58 29.54 29.76
C ASP A 210 11.09 29.48 29.47
N SER A 211 10.41 30.61 29.63
CA SER A 211 8.96 30.63 29.45
C SER A 211 8.58 30.29 28.01
N THR A 212 7.26 30.18 27.78
CA THR A 212 6.78 29.80 26.46
C THR A 212 7.17 30.82 25.40
N ASP A 213 7.20 32.10 25.75
CA ASP A 213 7.54 33.16 24.82
C ASP A 213 9.02 33.55 24.88
N ALA A 214 9.80 32.93 25.75
CA ALA A 214 11.23 33.23 25.86
C ALA A 214 11.98 32.46 24.78
N LEU A 215 12.45 33.17 23.76
CA LEU A 215 13.09 32.57 22.61
C LEU A 215 14.49 33.14 22.41
N PRO A 216 15.36 32.42 21.68
CA PRO A 216 16.69 32.96 21.37
C PRO A 216 16.61 34.16 20.45
N PRO A 217 17.69 34.94 20.33
CA PRO A 217 17.65 36.14 19.47
C PRO A 217 17.35 35.82 18.01
N ILE A 218 16.07 35.86 17.64
CA ILE A 218 15.63 35.57 16.28
C ILE A 218 14.73 36.70 15.83
N GLU A 219 15.18 37.47 14.84
CA GLU A 219 14.34 38.48 14.21
C GLU A 219 13.41 37.79 13.20
N GLN A 220 12.14 38.17 13.21
CA GLN A 220 11.13 37.55 12.37
C GLN A 220 10.46 38.60 11.49
N GLN A 221 10.30 38.26 10.22
CA GLN A 221 9.62 39.12 9.24
C GLN A 221 8.55 38.29 8.53
N PHE A 222 7.41 38.92 8.27
CA PHE A 222 6.29 38.26 7.62
C PHE A 222 5.94 38.99 6.33
N TYR A 223 5.78 38.23 5.25
CA TYR A 223 5.42 38.77 3.95
C TYR A 223 4.05 38.23 3.55
N GLU A 224 3.14 39.15 3.23
CA GLU A 224 1.80 38.76 2.78
C GLU A 224 1.84 38.46 1.29
N THR A 225 1.47 37.24 0.92
CA THR A 225 1.54 36.81 -0.48
C THR A 225 0.46 35.75 -0.72
N SER A 226 0.47 35.20 -1.93
CA SER A 226 -0.47 34.15 -2.33
C SER A 226 0.31 32.87 -2.62
N SER A 227 -0.44 31.79 -2.87
CA SER A 227 0.17 30.49 -3.12
C SER A 227 1.05 30.53 -4.37
N LYS A 228 0.54 31.13 -5.44
CA LYS A 228 1.31 31.18 -6.68
C LYS A 228 2.48 32.15 -6.58
N GLY A 229 2.31 33.25 -5.85
CA GLY A 229 3.36 34.23 -5.70
C GLY A 229 4.43 33.90 -4.69
N LYS A 230 4.36 32.73 -4.04
CA LYS A 230 5.35 32.41 -3.01
C LYS A 230 6.71 32.08 -3.63
N ILE A 231 6.73 31.26 -4.68
CA ILE A 231 7.99 30.86 -5.29
C ILE A 231 8.76 32.06 -5.85
N PRO A 232 8.15 32.94 -6.65
CA PRO A 232 8.89 34.14 -7.07
C PRO A 232 9.31 35.01 -5.90
N LEU A 233 8.47 35.12 -4.87
CA LEU A 233 8.84 35.89 -3.69
C LEU A 233 10.03 35.27 -2.98
N LEU A 234 10.07 33.94 -2.91
CA LEU A 234 11.21 33.26 -2.31
C LEU A 234 12.48 33.54 -3.11
N GLN A 235 12.39 33.43 -4.43
CA GLN A 235 13.55 33.72 -5.28
C GLN A 235 14.03 35.15 -5.09
N ARG A 236 13.08 36.09 -5.00
CA ARG A 236 13.44 37.50 -4.83
C ARG A 236 14.12 37.75 -3.49
N LEU A 237 13.57 37.17 -2.41
CA LEU A 237 14.20 37.34 -1.09
C LEU A 237 15.55 36.67 -1.02
N LEU A 238 15.73 35.54 -1.73
CA LEU A 238 17.04 34.89 -1.76
C LEU A 238 18.05 35.74 -2.51
N SER A 239 17.66 36.32 -3.64
CA SER A 239 18.56 37.20 -4.37
C SER A 239 18.78 38.53 -3.65
N LEU A 240 17.91 38.88 -2.69
CA LEU A 240 18.06 40.13 -1.97
C LEU A 240 19.04 40.01 -0.82
N HIS A 241 18.83 39.03 0.07
CA HIS A 241 19.69 38.88 1.24
C HIS A 241 21.03 38.24 0.89
N GLN A 242 21.05 37.36 -0.13
CA GLN A 242 22.26 36.64 -0.53
C GLN A 242 22.90 35.96 0.66
N PRO A 243 22.26 34.95 1.26
CA PRO A 243 22.85 34.31 2.45
C PRO A 243 23.78 33.17 2.11
N SER A 244 24.35 32.55 3.14
CA SER A 244 25.19 31.36 2.98
C SER A 244 24.53 30.10 3.49
N SER A 245 23.70 30.19 4.52
CA SER A 245 23.00 29.05 5.10
C SER A 245 21.53 29.41 5.25
N CYS A 246 20.69 28.80 4.42
CA CYS A 246 19.26 29.04 4.45
C CYS A 246 18.50 27.73 4.38
N VAL A 247 17.46 27.62 5.21
CA VAL A 247 16.59 26.44 5.25
C VAL A 247 15.16 26.90 4.99
N VAL A 248 14.54 26.31 3.96
CA VAL A 248 13.17 26.63 3.57
C VAL A 248 12.28 25.47 3.97
N PHE A 249 11.32 25.73 4.85
CA PHE A 249 10.42 24.72 5.39
C PHE A 249 9.10 24.73 4.64
N CYS A 250 8.65 23.54 4.24
CA CYS A 250 7.37 23.35 3.56
C CYS A 250 6.53 22.36 4.34
N ASN A 251 5.26 22.24 3.95
CA ASN A 251 4.32 21.40 4.66
C ASN A 251 4.10 20.04 4.01
N THR A 252 4.51 19.86 2.74
CA THR A 252 4.36 18.58 2.07
C THR A 252 5.65 18.26 1.31
N LYS A 253 5.85 16.98 1.04
CA LYS A 253 6.99 16.55 0.24
C LYS A 253 6.90 17.09 -1.18
N LYS A 254 5.68 17.16 -1.73
CA LYS A 254 5.49 17.68 -3.07
C LYS A 254 5.92 19.14 -3.15
N ASP A 255 5.41 19.98 -2.23
CA ASP A 255 5.81 21.38 -2.21
C ASP A 255 7.31 21.51 -1.98
N CYS A 256 7.88 20.65 -1.14
CA CYS A 256 9.32 20.69 -0.88
C CYS A 256 10.11 20.46 -2.16
N GLN A 257 9.83 19.36 -2.85
CA GLN A 257 10.58 19.04 -4.06
C GLN A 257 10.33 20.06 -5.17
N ALA A 258 9.09 20.59 -5.25
CA ALA A 258 8.80 21.59 -6.27
C ALA A 258 9.55 22.88 -6.02
N VAL A 259 9.61 23.33 -4.76
CA VAL A 259 10.37 24.53 -4.42
C VAL A 259 11.85 24.31 -4.69
N CYS A 260 12.37 23.12 -4.38
CA CYS A 260 13.77 22.83 -4.66
C CYS A 260 14.05 22.92 -6.16
N ASP A 261 13.21 22.28 -6.97
CA ASP A 261 13.40 22.30 -8.42
C ASP A 261 13.29 23.72 -8.97
N ALA A 262 12.38 24.53 -8.42
CA ALA A 262 12.23 25.90 -8.87
C ALA A 262 13.48 26.72 -8.55
N LEU A 263 13.96 26.64 -7.31
CA LEU A 263 15.15 27.38 -6.93
C LEU A 263 16.38 26.92 -7.72
N ASN A 264 16.42 25.64 -8.10
CA ASN A 264 17.56 25.15 -8.88
C ASN A 264 17.50 25.63 -10.32
N GLU A 265 16.34 25.48 -10.97
CA GLU A 265 16.18 26.00 -12.33
C GLU A 265 16.45 27.50 -12.37
N VAL A 266 16.12 28.21 -11.30
CA VAL A 266 16.42 29.64 -11.21
C VAL A 266 17.93 29.88 -11.21
N GLY A 267 18.69 28.93 -10.67
CA GLY A 267 20.13 29.07 -10.59
C GLY A 267 20.67 29.25 -9.18
N GLN A 268 19.83 29.05 -8.16
CA GLN A 268 20.23 29.21 -6.77
C GLN A 268 20.49 27.83 -6.17
N SER A 269 21.68 27.65 -5.62
CA SER A 269 22.10 26.36 -5.06
C SER A 269 21.13 25.87 -3.99
N ALA A 270 20.42 24.78 -4.27
CA ALA A 270 19.41 24.28 -3.36
C ALA A 270 19.34 22.76 -3.45
N LEU A 271 19.30 22.11 -2.29
CA LEU A 271 19.10 20.68 -2.18
C LEU A 271 17.78 20.41 -1.45
N SER A 272 17.34 19.16 -1.49
CA SER A 272 16.04 18.76 -0.94
C SER A 272 16.22 17.69 0.13
N LEU A 273 15.43 17.79 1.20
CA LEU A 273 15.44 16.82 2.28
C LEU A 273 14.00 16.54 2.69
N HIS A 274 13.48 15.40 2.24
CA HIS A 274 12.13 14.96 2.59
C HIS A 274 12.11 13.45 2.68
N GLY A 275 11.00 12.92 3.21
CA GLY A 275 10.91 11.51 3.53
C GLY A 275 10.70 10.58 2.36
N ASP A 276 10.67 11.08 1.12
CA ASP A 276 10.50 10.24 -0.05
C ASP A 276 11.79 9.89 -0.74
N LEU A 277 12.88 10.60 -0.45
CA LEU A 277 14.18 10.26 -1.01
C LEU A 277 14.75 9.03 -0.30
N GLU A 278 15.82 8.47 -0.88
CA GLU A 278 16.53 7.38 -0.24
C GLU A 278 17.30 7.89 0.97
N GLN A 279 17.44 7.02 1.98
CA GLN A 279 18.15 7.42 3.20
C GLN A 279 19.59 7.80 2.90
N ARG A 280 20.22 7.14 1.92
CA ARG A 280 21.53 7.56 1.46
C ARG A 280 21.48 9.00 0.95
N ASP A 281 20.48 9.31 0.12
CA ASP A 281 20.34 10.66 -0.39
C ASP A 281 20.07 11.65 0.73
N ARG A 282 19.29 11.25 1.74
CA ARG A 282 19.01 12.15 2.86
C ARG A 282 20.28 12.46 3.65
N ASP A 283 21.04 11.42 4.00
CA ASP A 283 22.29 11.62 4.73
C ASP A 283 23.26 12.50 3.93
N GLN A 284 23.42 12.21 2.64
CA GLN A 284 24.37 12.97 1.83
C GLN A 284 23.90 14.40 1.61
N THR A 285 22.59 14.63 1.49
CA THR A 285 22.09 15.99 1.36
C THR A 285 22.34 16.78 2.64
N LEU A 286 22.10 16.16 3.80
CA LEU A 286 22.39 16.84 5.06
C LEU A 286 23.87 17.19 5.16
N VAL A 287 24.74 16.23 4.80
CA VAL A 287 26.18 16.48 4.87
C VAL A 287 26.57 17.62 3.94
N ARG A 288 26.11 17.56 2.68
CA ARG A 288 26.47 18.58 1.70
C ARG A 288 26.01 19.95 2.15
N PHE A 289 24.77 20.07 2.63
CA PHE A 289 24.30 21.36 3.11
C PHE A 289 25.08 21.84 4.33
N ALA A 290 25.50 20.92 5.19
CA ALA A 290 26.28 21.30 6.36
C ALA A 290 27.63 21.86 5.95
N ASN A 291 28.31 21.22 4.99
CA ASN A 291 29.66 21.64 4.62
C ASN A 291 29.67 22.69 3.52
N GLY A 292 28.56 23.39 3.30
CA GLY A 292 28.54 24.48 2.35
C GLY A 292 28.52 24.09 0.89
N SER A 293 28.29 22.81 0.59
CA SER A 293 28.14 22.37 -0.80
C SER A 293 26.79 22.73 -1.39
N ALA A 294 25.93 23.39 -0.63
CA ALA A 294 24.63 23.84 -1.10
C ALA A 294 24.21 25.04 -0.28
N ARG A 295 23.70 26.07 -0.96
CA ARG A 295 23.33 27.30 -0.27
C ARG A 295 22.00 27.17 0.48
N VAL A 296 21.02 26.50 -0.15
CA VAL A 296 19.68 26.40 0.40
C VAL A 296 19.33 24.94 0.62
N LEU A 297 18.62 24.67 1.71
CA LEU A 297 18.09 23.33 2.00
C LEU A 297 16.58 23.45 2.12
N VAL A 298 15.86 22.92 1.14
CA VAL A 298 14.41 22.87 1.19
C VAL A 298 14.04 21.55 1.87
N ALA A 299 13.42 21.64 3.05
CA ALA A 299 13.14 20.46 3.85
C ALA A 299 11.76 20.58 4.48
N THR A 300 11.13 19.43 4.67
CA THR A 300 9.85 19.37 5.37
C THR A 300 10.09 19.41 6.87
N ASP A 301 9.09 18.99 7.66
CA ASP A 301 9.25 19.01 9.11
C ASP A 301 10.26 17.99 9.61
N VAL A 302 10.80 17.14 8.74
CA VAL A 302 11.81 16.17 9.17
C VAL A 302 13.05 16.89 9.68
N ALA A 303 13.39 18.04 9.10
CA ALA A 303 14.54 18.84 9.53
C ALA A 303 14.12 20.04 10.37
N ALA A 304 13.02 19.92 11.10
CA ALA A 304 12.49 21.03 11.89
C ALA A 304 12.89 20.97 13.36
N ARG A 305 13.12 19.77 13.91
CA ARG A 305 13.44 19.60 15.32
C ARG A 305 14.86 19.10 15.49
N GLY A 306 15.55 19.64 16.50
CA GLY A 306 16.78 19.06 16.99
C GLY A 306 18.03 19.30 16.18
N LEU A 307 17.92 19.39 14.86
CA LEU A 307 19.09 19.52 14.01
C LEU A 307 19.89 20.77 14.35
N ASP A 308 21.21 20.61 14.45
CA ASP A 308 22.13 21.68 14.84
C ASP A 308 23.05 21.96 13.66
N ILE A 309 22.63 22.88 12.79
CA ILE A 309 23.44 23.28 11.64
C ILE A 309 24.26 24.50 12.05
N LYS A 310 25.58 24.33 12.09
CA LYS A 310 26.47 25.36 12.61
C LYS A 310 26.30 26.68 11.84
N SER A 311 25.98 27.74 12.58
CA SER A 311 25.84 29.09 12.05
C SER A 311 24.89 29.12 10.85
N LEU A 312 23.65 28.70 11.12
CA LEU A 312 22.59 28.84 10.14
C LEU A 312 22.13 30.29 10.10
N GLU A 313 22.07 30.87 8.90
CA GLU A 313 21.82 32.30 8.77
C GLU A 313 20.35 32.63 8.60
N LEU A 314 19.61 31.85 7.82
CA LEU A 314 18.25 32.22 7.44
C LEU A 314 17.33 31.01 7.46
N VAL A 315 16.14 31.21 8.03
CA VAL A 315 15.05 30.23 7.96
C VAL A 315 13.88 30.90 7.26
N VAL A 316 13.22 30.16 6.37
CA VAL A 316 12.10 30.67 5.59
C VAL A 316 10.95 29.69 5.71
N ASN A 317 9.91 30.07 6.45
CA ASN A 317 8.65 29.35 6.47
C ASN A 317 7.91 29.55 5.15
N PHE A 318 8.17 28.67 4.17
CA PHE A 318 7.46 28.76 2.90
C PHE A 318 5.95 28.66 3.12
N GLU A 319 5.53 27.80 4.05
CA GLU A 319 4.17 27.79 4.55
C GLU A 319 4.21 27.57 6.06
N LEU A 320 3.38 28.31 6.78
CA LEU A 320 3.37 28.22 8.23
C LEU A 320 3.03 26.80 8.67
N ALA A 321 3.75 26.30 9.67
CA ALA A 321 3.52 24.95 10.17
C ALA A 321 2.11 24.85 10.76
N TRP A 322 1.60 23.62 10.80
CA TRP A 322 0.25 23.40 11.32
C TRP A 322 0.14 23.84 12.76
N ASP A 323 1.09 23.43 13.59
CA ASP A 323 1.11 23.76 15.00
C ASP A 323 2.15 24.84 15.28
N PRO A 324 1.89 25.73 16.23
CA PRO A 324 2.88 26.78 16.53
C PRO A 324 4.15 26.24 17.16
N GLU A 325 4.07 25.12 17.89
CA GLU A 325 5.28 24.51 18.42
C GLU A 325 6.24 24.10 17.30
N VAL A 326 5.69 23.56 16.20
CA VAL A 326 6.52 23.21 15.06
C VAL A 326 7.15 24.47 14.45
N HIS A 327 6.42 25.58 14.48
CA HIS A 327 7.00 26.85 14.01
C HIS A 327 8.17 27.26 14.87
N VAL A 328 8.02 27.17 16.20
CA VAL A 328 9.12 27.51 17.11
C VAL A 328 10.32 26.61 16.85
N HIS A 329 10.08 25.31 16.67
CA HIS A 329 11.18 24.38 16.44
C HIS A 329 11.90 24.67 15.12
N ARG A 330 11.16 24.95 14.05
CA ARG A 330 11.80 25.15 12.77
C ARG A 330 12.47 26.52 12.65
N ILE A 331 11.97 27.54 13.36
CA ILE A 331 12.71 28.79 13.39
C ILE A 331 13.89 28.72 14.36
N GLY A 332 13.87 27.77 15.30
CA GLY A 332 15.01 27.57 16.17
C GLY A 332 16.23 26.97 15.50
N ARG A 333 16.14 26.63 14.21
CA ARG A 333 17.30 26.09 13.51
C ARG A 333 18.41 27.12 13.38
N THR A 334 18.06 28.40 13.33
CA THR A 334 19.03 29.48 13.38
C THR A 334 19.12 30.02 14.81
N ALA A 335 20.12 30.87 15.03
CA ALA A 335 20.41 31.44 16.35
C ALA A 335 20.62 30.33 17.38
N ARG A 336 21.60 29.48 17.10
CA ARG A 336 21.94 28.38 17.98
C ARG A 336 23.21 28.70 18.75
N ALA A 337 23.23 28.32 20.03
CA ALA A 337 24.39 28.47 20.90
C ALA A 337 24.88 29.93 20.92
N GLY A 338 23.98 30.81 21.36
CA GLY A 338 24.30 32.21 21.51
C GLY A 338 24.28 33.04 20.24
N ASN A 339 24.14 32.41 19.07
CA ASN A 339 24.12 33.16 17.82
C ASN A 339 22.77 33.86 17.64
N SER A 340 22.66 34.61 16.54
CA SER A 340 21.43 35.26 16.14
C SER A 340 21.00 34.70 14.79
N GLY A 341 19.92 35.24 14.25
CA GLY A 341 19.45 34.77 12.96
C GLY A 341 18.18 35.48 12.54
N LEU A 342 17.72 35.14 11.34
CA LEU A 342 16.52 35.71 10.74
C LEU A 342 15.59 34.58 10.32
N ALA A 343 14.31 34.74 10.61
CA ALA A 343 13.27 33.78 10.25
C ALA A 343 12.15 34.54 9.56
N ILE A 344 12.06 34.40 8.24
CA ILE A 344 11.03 35.04 7.43
C ILE A 344 9.96 34.02 7.11
N SER A 345 8.70 34.39 7.29
CA SER A 345 7.58 33.48 7.07
C SER A 345 6.64 34.07 6.02
N PHE A 346 6.22 33.25 5.07
CA PHE A 346 5.23 33.64 4.08
C PHE A 346 3.84 33.27 4.58
N CYS A 347 2.86 34.10 4.24
CA CYS A 347 1.50 33.94 4.75
C CYS A 347 0.51 34.16 3.61
N ALA A 348 -0.12 33.10 3.16
CA ALA A 348 -1.23 33.17 2.22
C ALA A 348 -2.49 33.61 2.94
N PRO A 349 -3.55 33.98 2.21
CA PRO A 349 -4.79 34.38 2.89
C PRO A 349 -5.38 33.32 3.80
N GLU A 350 -5.23 32.04 3.46
CA GLU A 350 -5.83 30.97 4.24
C GLU A 350 -5.07 30.65 5.53
N GLU A 351 -3.91 31.26 5.74
CA GLU A 351 -3.08 30.97 6.91
C GLU A 351 -2.88 32.21 7.79
N ALA A 352 -3.70 33.25 7.60
CA ALA A 352 -3.60 34.43 8.44
C ALA A 352 -3.97 34.11 9.89
N GLN A 353 -4.84 33.12 10.10
CA GLN A 353 -5.14 32.71 11.47
C GLN A 353 -3.96 32.01 12.11
N ARG A 354 -3.25 31.15 11.37
CA ARG A 354 -2.12 30.44 11.92
C ARG A 354 -1.03 31.40 12.37
N ALA A 355 -0.86 32.53 11.69
CA ALA A 355 0.11 33.53 12.10
C ALA A 355 -0.35 34.31 13.34
N ASN A 356 -1.64 34.26 13.66
CA ASN A 356 -2.16 34.97 14.83
C ASN A 356 -1.97 34.18 16.12
N ILE A 357 -2.12 32.86 16.08
CA ILE A 357 -1.77 32.05 17.24
C ILE A 357 -0.28 32.16 17.53
N ILE A 358 0.54 32.20 16.47
CA ILE A 358 1.97 32.44 16.64
C ILE A 358 2.20 33.81 17.27
N SER A 359 1.39 34.80 16.89
CA SER A 359 1.53 36.13 17.47
C SER A 359 1.17 36.13 18.95
N ASP A 360 0.10 35.41 19.33
CA ASP A 360 -0.34 35.38 20.71
C ASP A 360 0.51 34.46 21.58
N MET A 361 1.10 33.41 21.00
CA MET A 361 1.89 32.49 21.78
C MET A 361 3.26 33.07 22.16
N LEU A 362 3.85 33.88 21.29
CA LEU A 362 5.15 34.47 21.55
C LEU A 362 5.07 35.90 22.04
N GLN A 363 3.87 36.47 22.14
CA GLN A 363 3.67 37.84 22.61
C GLN A 363 4.44 38.85 21.78
N ILE A 364 4.72 38.51 20.52
CA ILE A 364 5.48 39.38 19.62
C ILE A 364 4.52 40.01 18.63
N LYS A 365 4.91 41.20 18.14
CA LYS A 365 4.16 41.87 17.09
C LYS A 365 4.74 41.49 15.74
N LEU A 366 3.90 40.93 14.87
CA LEU A 366 4.34 40.47 13.56
C LEU A 366 4.86 41.64 12.73
N ASN A 367 6.13 41.59 12.36
CA ASN A 367 6.75 42.66 11.58
C ASN A 367 6.48 42.41 10.10
N TRP A 368 5.27 42.80 9.69
CA TRP A 368 4.86 42.62 8.31
C TRP A 368 5.68 43.53 7.39
N GLN A 369 6.42 42.92 6.47
CA GLN A 369 7.32 43.64 5.57
C GLN A 369 6.71 43.70 4.18
N THR A 370 7.09 44.75 3.44
CA THR A 370 6.63 44.89 2.06
C THR A 370 7.47 44.01 1.13
N PRO A 371 6.84 43.32 0.19
CA PRO A 371 7.61 42.46 -0.72
C PRO A 371 8.51 43.30 -1.62
N PRO A 372 9.66 42.76 -2.01
CA PRO A 372 10.61 43.54 -2.82
C PRO A 372 10.10 43.74 -4.24
N ALA A 373 10.76 44.67 -4.94
CA ALA A 373 10.40 45.02 -6.30
C ALA A 373 10.92 43.97 -7.28
N ASN A 374 10.29 43.93 -8.45
CA ASN A 374 10.62 42.93 -9.46
C ASN A 374 12.01 43.20 -10.03
N SER A 375 12.91 42.23 -9.89
CA SER A 375 14.29 42.37 -10.35
C SER A 375 14.73 41.07 -11.01
N SER A 376 15.83 41.15 -11.75
CA SER A 376 16.45 39.96 -12.29
C SER A 376 17.16 39.20 -11.17
N ILE A 377 16.93 37.89 -11.10
CA ILE A 377 17.35 37.11 -9.93
C ILE A 377 18.86 36.93 -9.96
N ALA A 378 19.50 37.15 -8.80
CA ALA A 378 20.92 36.90 -8.63
C ALA A 378 21.14 35.47 -8.18
N THR A 379 22.06 34.77 -8.84
CA THR A 379 22.29 33.36 -8.58
C THR A 379 23.09 33.16 -7.30
N LEU A 380 22.75 32.11 -6.56
CA LEU A 380 23.46 31.72 -5.34
C LEU A 380 24.22 30.44 -5.65
N GLU A 381 25.55 30.54 -5.72
CA GLU A 381 26.40 29.39 -6.01
C GLU A 381 26.95 28.80 -4.72
N ALA A 382 27.13 27.49 -4.73
CA ALA A 382 27.73 26.81 -3.59
C ALA A 382 29.21 27.15 -3.50
N GLU A 383 29.69 27.43 -2.29
CA GLU A 383 31.07 27.83 -2.12
C GLU A 383 32.04 26.68 -2.36
N MET A 384 31.60 25.44 -2.17
CA MET A 384 32.48 24.29 -2.31
C MET A 384 31.66 23.07 -2.71
N ALA A 385 32.37 21.95 -2.89
CA ALA A 385 31.77 20.67 -3.22
C ALA A 385 32.22 19.63 -2.21
N THR A 386 31.62 18.44 -2.28
CA THR A 386 31.84 17.38 -1.32
C THR A 386 32.35 16.13 -2.02
N LEU A 387 33.44 15.56 -1.50
CA LEU A 387 33.97 14.30 -1.98
C LEU A 387 33.62 13.20 -0.98
N CYS A 388 33.15 12.07 -1.50
CA CYS A 388 32.80 10.90 -0.71
C CYS A 388 33.88 9.85 -0.92
N ILE A 389 34.55 9.45 0.17
CA ILE A 389 35.63 8.49 0.13
C ILE A 389 35.16 7.22 0.84
N ASP A 390 35.21 6.10 0.13
CA ASP A 390 34.83 4.80 0.69
C ASP A 390 35.81 4.43 1.79
N GLY A 391 35.44 4.69 3.04
CA GLY A 391 36.29 4.37 4.16
C GLY A 391 35.53 4.34 5.47
N GLY A 392 35.45 5.48 6.14
CA GLY A 392 34.67 5.57 7.36
C GLY A 392 35.35 4.96 8.57
N LYS A 393 34.55 4.83 9.63
CA LYS A 393 35.06 4.26 10.87
C LYS A 393 35.43 2.79 10.71
N LYS A 394 34.76 2.07 9.80
CA LYS A 394 35.12 0.68 9.56
C LYS A 394 36.50 0.55 8.94
N ALA A 395 36.94 1.55 8.19
CA ALA A 395 38.25 1.54 7.56
C ALA A 395 39.31 2.30 8.37
N LYS A 396 38.99 2.69 9.61
CA LYS A 396 39.95 3.31 10.51
C LYS A 396 40.54 4.59 9.91
N MET A 397 39.66 5.45 9.40
CA MET A 397 40.05 6.73 8.82
C MET A 397 39.61 7.85 9.75
N ARG A 398 40.53 8.75 10.05
CA ARG A 398 40.32 9.87 10.94
C ARG A 398 40.52 11.18 10.17
N PRO A 399 40.00 12.30 10.68
CA PRO A 399 40.21 13.58 9.98
C PRO A 399 41.67 13.94 9.82
N GLY A 400 42.55 13.45 10.70
CA GLY A 400 43.96 13.79 10.60
C GLY A 400 44.62 13.21 9.36
N ASP A 401 44.31 11.95 9.04
CA ASP A 401 44.91 11.31 7.87
C ASP A 401 44.21 11.71 6.58
N VAL A 402 42.91 11.99 6.63
CA VAL A 402 42.22 12.51 5.46
C VAL A 402 42.77 13.89 5.10
N LEU A 403 43.01 14.74 6.11
CA LEU A 403 43.66 16.01 5.87
C LEU A 403 45.13 15.83 5.50
N GLY A 404 45.78 14.80 6.04
CA GLY A 404 47.17 14.55 5.69
C GLY A 404 47.31 14.14 4.23
N ALA A 405 46.46 13.22 3.78
CA ALA A 405 46.46 12.84 2.36
C ALA A 405 46.03 13.98 1.45
N LEU A 406 45.36 14.98 2.00
CA LEU A 406 44.92 16.11 1.19
C LEU A 406 46.03 17.14 1.00
N THR A 407 46.86 17.35 2.03
CA THR A 407 47.99 18.26 1.93
C THR A 407 49.32 17.52 1.93
N GLY A 408 49.31 16.26 1.52
CA GLY A 408 50.52 15.48 1.47
C GLY A 408 51.02 15.21 0.06
N ASP A 409 50.63 14.07 -0.51
CA ASP A 409 51.14 13.69 -1.82
C ASP A 409 50.47 14.46 -2.94
N ILE A 410 49.15 14.63 -2.87
CA ILE A 410 48.45 15.35 -3.93
C ILE A 410 48.81 16.82 -3.95
N GLY A 411 49.28 17.37 -2.84
CA GLY A 411 49.76 18.73 -2.79
C GLY A 411 48.69 19.79 -2.96
N LEU A 412 47.77 19.86 -2.00
CA LEU A 412 46.76 20.91 -1.96
C LEU A 412 47.07 21.87 -0.81
N ASP A 413 46.09 22.70 -0.46
CA ASP A 413 46.24 23.69 0.60
C ASP A 413 45.25 23.40 1.71
N GLY A 414 45.74 23.46 2.95
CA GLY A 414 44.87 23.25 4.10
C GLY A 414 43.77 24.28 4.26
N ALA A 415 43.94 25.46 3.64
CA ALA A 415 42.91 26.49 3.70
C ALA A 415 41.78 26.26 2.71
N ASP A 416 41.99 25.42 1.70
CA ASP A 416 40.97 25.10 0.71
C ASP A 416 40.18 23.84 1.07
N ILE A 417 40.11 23.48 2.35
CA ILE A 417 39.46 22.27 2.79
C ILE A 417 38.47 22.61 3.88
N GLY A 418 37.22 22.20 3.71
CA GLY A 418 36.17 22.44 4.68
C GLY A 418 36.12 21.37 5.75
N LYS A 419 34.91 21.10 6.24
CA LYS A 419 34.73 20.13 7.30
C LYS A 419 34.84 18.71 6.78
N ILE A 420 35.55 17.87 7.53
CA ILE A 420 35.69 16.44 7.22
C ILE A 420 34.79 15.68 8.18
N ALA A 421 33.72 15.10 7.65
CA ALA A 421 32.79 14.30 8.43
C ALA A 421 33.10 12.82 8.25
N VAL A 422 33.27 12.11 9.36
CA VAL A 422 33.60 10.69 9.35
C VAL A 422 32.33 9.91 9.66
N HIS A 423 31.77 9.28 8.64
CA HIS A 423 30.60 8.42 8.79
C HIS A 423 31.04 6.98 8.99
N PRO A 424 30.12 6.08 9.36
CA PRO A 424 30.54 4.68 9.58
C PRO A 424 31.13 4.02 8.34
N ALA A 425 30.47 4.15 7.18
CA ALA A 425 30.91 3.44 5.99
C ALA A 425 31.70 4.32 5.02
N HIS A 426 31.58 5.64 5.14
CA HIS A 426 32.25 6.57 4.22
C HIS A 426 32.83 7.73 5.01
N VAL A 427 33.55 8.60 4.31
CA VAL A 427 34.01 9.86 4.90
C VAL A 427 33.85 10.95 3.85
N TYR A 428 33.19 12.04 4.23
CA TYR A 428 32.92 13.15 3.34
C TYR A 428 33.83 14.31 3.66
N VAL A 429 34.34 14.98 2.63
CA VAL A 429 35.29 16.07 2.79
C VAL A 429 34.90 17.22 1.87
N ALA A 430 34.81 18.42 2.43
CA ALA A 430 34.46 19.61 1.66
C ALA A 430 35.72 20.24 1.08
N VAL A 431 35.69 20.54 -0.22
CA VAL A 431 36.80 21.18 -0.91
C VAL A 431 36.24 22.31 -1.77
N ARG A 432 36.91 23.46 -1.73
CA ARG A 432 36.44 24.65 -2.43
C ARG A 432 36.14 24.34 -3.90
N GLN A 433 35.14 25.05 -4.43
CA GLN A 433 34.55 24.71 -5.72
C GLN A 433 35.61 24.57 -6.82
N ALA A 434 36.55 25.52 -6.87
CA ALA A 434 37.56 25.48 -7.92
C ALA A 434 38.46 24.26 -7.80
N VAL A 435 38.89 23.94 -6.57
CA VAL A 435 39.83 22.84 -6.35
C VAL A 435 39.15 21.48 -6.24
N ALA A 436 37.82 21.44 -6.22
CA ALA A 436 37.11 20.20 -5.95
C ALA A 436 37.39 19.15 -7.01
N HIS A 437 37.25 19.52 -8.29
CA HIS A 437 37.42 18.53 -9.36
C HIS A 437 38.87 18.08 -9.46
N LYS A 438 39.82 18.99 -9.28
CA LYS A 438 41.23 18.60 -9.29
C LYS A 438 41.52 17.62 -8.16
N ALA A 439 40.98 17.88 -6.97
CA ALA A 439 41.19 16.98 -5.85
C ALA A 439 40.58 15.61 -6.12
N TRP A 440 39.38 15.58 -6.71
CA TRP A 440 38.75 14.30 -7.02
C TRP A 440 39.55 13.52 -8.07
N LYS A 441 40.06 14.21 -9.09
CA LYS A 441 40.84 13.52 -10.12
C LYS A 441 42.16 13.00 -9.55
N GLN A 442 42.80 13.77 -8.67
CA GLN A 442 44.10 13.37 -8.14
C GLN A 442 43.98 12.37 -6.99
N LEU A 443 42.80 12.24 -6.38
CA LEU A 443 42.62 11.27 -5.31
C LEU A 443 42.19 9.90 -5.81
N GLN A 444 41.62 9.81 -7.00
CA GLN A 444 41.32 8.51 -7.59
C GLN A 444 42.59 7.70 -7.82
N GLY A 445 43.71 8.36 -8.09
CA GLY A 445 44.99 7.69 -8.21
C GLY A 445 45.91 8.02 -7.05
N GLY A 446 45.33 8.16 -5.86
CA GLY A 446 46.11 8.47 -4.68
C GLY A 446 46.10 7.36 -3.65
N LYS A 447 46.67 7.60 -2.48
CA LYS A 447 46.74 6.61 -1.42
C LYS A 447 46.50 7.28 -0.07
N ILE A 448 45.53 6.78 0.67
CA ILE A 448 45.24 7.23 2.03
C ILE A 448 45.57 6.08 2.97
N LYS A 449 46.48 6.32 3.90
CA LYS A 449 46.99 5.31 4.82
C LYS A 449 47.58 4.12 4.06
N GLY A 450 48.31 4.42 2.99
CA GLY A 450 48.96 3.37 2.21
C GLY A 450 48.02 2.52 1.39
N LYS A 451 46.77 2.94 1.21
CA LYS A 451 45.78 2.17 0.48
C LYS A 451 45.05 3.06 -0.51
N THR A 452 44.84 2.55 -1.73
CA THR A 452 44.05 3.25 -2.72
C THR A 452 42.57 3.14 -2.37
N CYS A 453 41.88 4.28 -2.34
CA CYS A 453 40.47 4.33 -1.99
C CYS A 453 39.67 4.90 -3.13
N ARG A 454 38.46 4.36 -3.35
CA ARG A 454 37.55 4.93 -4.32
C ARG A 454 36.97 6.23 -3.78
N VAL A 455 36.97 7.26 -4.62
CA VAL A 455 36.39 8.55 -4.27
C VAL A 455 35.41 8.97 -5.36
N ARG A 456 34.36 9.67 -4.95
CA ARG A 456 33.34 10.16 -5.85
C ARG A 456 33.04 11.61 -5.53
N LEU A 457 33.03 12.47 -6.55
CA LEU A 457 32.60 13.84 -6.37
C LEU A 457 31.08 13.86 -6.32
N LEU A 458 30.53 14.27 -5.18
CA LEU A 458 29.07 14.28 -5.03
C LEU A 458 28.45 15.27 -6.00
N LYS A 459 28.43 14.92 -7.28
CA LYS A 459 27.75 15.71 -8.30
C LYS A 459 26.23 15.58 -8.14
N GLY B 2 -13.42 36.26 -61.20
CA GLY B 2 -13.20 37.03 -59.98
C GLY B 2 -13.18 36.17 -58.73
N MET B 3 -12.44 36.62 -57.73
CA MET B 3 -12.31 35.91 -56.46
C MET B 3 -12.53 36.88 -55.31
N THR B 4 -12.84 36.32 -54.15
CA THR B 4 -13.10 37.11 -52.95
C THR B 4 -12.57 36.35 -51.74
N ALA B 5 -11.80 37.05 -50.91
CA ALA B 5 -11.23 36.44 -49.71
C ALA B 5 -12.16 36.65 -48.51
N PHE B 6 -12.08 35.74 -47.55
CA PHE B 6 -12.85 35.88 -46.32
C PHE B 6 -12.47 37.16 -45.58
N SER B 7 -11.24 37.65 -45.77
CA SER B 7 -10.80 38.89 -45.14
C SER B 7 -11.56 40.12 -45.66
N THR B 8 -12.11 40.05 -46.87
CA THR B 8 -12.83 41.18 -47.46
C THR B 8 -14.26 41.30 -46.93
N LEU B 9 -14.50 40.91 -45.67
CA LEU B 9 -15.81 41.03 -45.07
C LEU B 9 -15.83 41.91 -43.82
N ASN B 10 -14.67 42.19 -43.22
CA ASN B 10 -14.57 43.14 -42.11
C ASN B 10 -15.33 42.69 -40.88
N VAL B 11 -15.43 41.38 -40.65
CA VAL B 11 -16.21 40.88 -39.53
C VAL B 11 -15.52 39.72 -38.82
N LEU B 12 -14.89 38.83 -39.58
CA LEU B 12 -14.29 37.66 -38.97
C LEU B 12 -13.03 38.04 -38.19
N PRO B 13 -12.81 37.45 -37.02
CA PRO B 13 -11.60 37.74 -36.24
C PRO B 13 -10.37 37.19 -36.93
N PRO B 14 -9.17 37.61 -36.52
CA PRO B 14 -7.96 37.06 -37.15
C PRO B 14 -7.79 35.57 -36.91
N ALA B 15 -8.22 35.08 -35.74
CA ALA B 15 -8.13 33.65 -35.47
C ALA B 15 -8.98 32.85 -36.45
N GLN B 16 -10.17 33.37 -36.78
CA GLN B 16 -11.04 32.66 -37.72
C GLN B 16 -10.47 32.69 -39.13
N LEU B 17 -9.86 33.81 -39.53
CA LEU B 17 -9.23 33.88 -40.84
C LEU B 17 -8.07 32.88 -40.94
N THR B 18 -7.24 32.81 -39.90
CA THR B 18 -6.15 31.83 -39.90
C THR B 18 -6.68 30.41 -39.90
N ASN B 19 -7.78 30.16 -39.19
CA ASN B 19 -8.37 28.83 -39.19
C ASN B 19 -8.90 28.45 -40.57
N LEU B 20 -9.61 29.38 -41.23
CA LEU B 20 -10.13 29.12 -42.56
C LEU B 20 -9.00 28.84 -43.55
N ASN B 21 -7.92 29.63 -43.48
CA ASN B 21 -6.79 29.36 -44.36
C ASN B 21 -6.12 28.04 -44.01
N GLU B 22 -6.17 27.64 -42.74
CA GLU B 22 -5.54 26.39 -42.31
C GLU B 22 -6.32 25.18 -42.79
N LEU B 23 -7.64 25.26 -42.81
CA LEU B 23 -8.49 24.13 -43.18
C LEU B 23 -8.65 23.97 -44.68
N GLY B 24 -7.97 24.80 -45.48
CA GLY B 24 -8.07 24.74 -46.92
C GLY B 24 -9.12 25.65 -47.53
N TYR B 25 -9.85 26.41 -46.71
CA TYR B 25 -10.84 27.37 -47.21
C TYR B 25 -10.10 28.65 -47.59
N LEU B 26 -9.45 28.62 -48.75
CA LEU B 26 -8.62 29.74 -49.16
C LEU B 26 -9.46 30.89 -49.69
N THR B 27 -10.31 30.64 -50.69
CA THR B 27 -11.13 31.65 -51.32
C THR B 27 -12.60 31.39 -51.03
N MET B 28 -13.40 32.45 -51.14
CA MET B 28 -14.84 32.33 -50.93
C MET B 28 -15.55 31.85 -52.19
N THR B 29 -16.42 30.87 -52.02
CA THR B 29 -17.30 30.45 -53.09
C THR B 29 -18.37 31.52 -53.33
N PRO B 30 -19.03 31.50 -54.49
CA PRO B 30 -20.07 32.51 -54.75
C PRO B 30 -21.13 32.60 -53.67
N VAL B 31 -21.63 31.46 -53.19
CA VAL B 31 -22.69 31.48 -52.19
C VAL B 31 -22.20 32.12 -50.89
N GLN B 32 -20.98 31.78 -50.47
CA GLN B 32 -20.44 32.35 -49.24
C GLN B 32 -20.25 33.86 -49.37
N ALA B 33 -19.53 34.28 -50.42
CA ALA B 33 -19.24 35.70 -50.59
C ALA B 33 -20.50 36.52 -50.78
N ALA B 34 -21.54 35.95 -51.37
CA ALA B 34 -22.76 36.71 -51.63
C ALA B 34 -23.76 36.66 -50.47
N ALA B 35 -23.68 35.66 -49.60
CA ALA B 35 -24.66 35.52 -48.53
C ALA B 35 -24.15 35.98 -47.17
N LEU B 36 -22.89 35.66 -46.83
CA LEU B 36 -22.37 36.00 -45.51
C LEU B 36 -22.55 37.47 -45.12
N PRO B 37 -22.25 38.46 -45.97
CA PRO B 37 -22.44 39.86 -45.53
C PRO B 37 -23.85 40.15 -45.05
N ALA B 38 -24.87 39.64 -45.75
CA ALA B 38 -26.24 39.84 -45.30
C ALA B 38 -26.55 38.99 -44.08
N ILE B 39 -25.91 37.83 -43.94
CA ILE B 39 -26.22 36.92 -42.84
C ILE B 39 -25.69 37.48 -41.52
N LEU B 40 -24.38 37.65 -41.43
CA LEU B 40 -23.79 38.15 -40.19
C LEU B 40 -24.02 39.65 -39.97
N ALA B 41 -24.99 40.22 -40.68
CA ALA B 41 -25.48 41.57 -40.41
C ALA B 41 -26.83 41.55 -39.70
N GLY B 42 -27.41 40.37 -39.49
CA GLY B 42 -28.66 40.23 -38.77
C GLY B 42 -29.87 39.93 -39.63
N LYS B 43 -29.71 39.87 -40.96
CA LYS B 43 -30.85 39.70 -41.85
C LYS B 43 -31.26 38.24 -41.94
N ASP B 44 -32.56 38.00 -42.03
CA ASP B 44 -33.09 36.66 -42.29
C ASP B 44 -32.95 36.37 -43.78
N VAL B 45 -32.41 35.19 -44.12
CA VAL B 45 -32.03 34.94 -45.50
C VAL B 45 -32.59 33.61 -45.99
N ARG B 46 -32.90 33.57 -47.29
CA ARG B 46 -33.29 32.35 -48.00
C ARG B 46 -32.37 32.20 -49.21
N VAL B 47 -31.52 31.17 -49.19
CA VAL B 47 -30.42 31.04 -50.12
C VAL B 47 -30.62 29.82 -51.01
N GLN B 48 -30.38 30.01 -52.31
CA GLN B 48 -30.32 28.94 -53.29
C GLN B 48 -28.96 28.99 -53.98
N ALA B 49 -28.30 27.83 -54.08
CA ALA B 49 -26.99 27.76 -54.70
C ALA B 49 -26.77 26.35 -55.25
N LYS B 50 -25.68 26.19 -55.99
CA LYS B 50 -25.35 24.92 -56.61
C LYS B 50 -25.16 23.83 -55.55
N THR B 51 -25.34 22.59 -55.99
CA THR B 51 -25.05 21.45 -55.13
C THR B 51 -23.53 21.29 -54.98
N GLY B 52 -23.05 21.31 -53.74
CA GLY B 52 -21.63 21.18 -53.48
C GLY B 52 -20.85 22.45 -53.76
N SER B 53 -21.36 23.58 -53.30
CA SER B 53 -20.71 24.88 -53.51
C SER B 53 -20.37 25.58 -52.20
N GLY B 54 -20.59 24.94 -51.06
CA GLY B 54 -20.17 25.49 -49.78
C GLY B 54 -21.25 26.20 -48.99
N LYS B 55 -22.51 25.81 -49.12
CA LYS B 55 -23.57 26.44 -48.33
C LYS B 55 -23.43 26.12 -46.86
N THR B 56 -22.93 24.93 -46.52
CA THR B 56 -22.74 24.55 -45.12
C THR B 56 -21.85 25.56 -44.41
N ALA B 57 -20.63 25.76 -44.94
CA ALA B 57 -19.74 26.77 -44.38
C ALA B 57 -20.36 28.16 -44.48
N ALA B 58 -21.15 28.42 -45.52
CA ALA B 58 -21.78 29.72 -45.68
C ALA B 58 -22.65 30.08 -44.49
N PHE B 59 -23.52 29.16 -44.05
CA PHE B 59 -24.33 29.51 -42.89
C PHE B 59 -23.58 29.28 -41.58
N GLY B 60 -22.60 28.36 -41.57
CA GLY B 60 -21.89 28.07 -40.34
C GLY B 60 -20.97 29.20 -39.90
N LEU B 61 -20.41 29.94 -40.86
CA LEU B 61 -19.52 31.03 -40.49
C LEU B 61 -20.26 32.14 -39.76
N GLY B 62 -21.41 32.54 -40.27
CA GLY B 62 -22.24 33.51 -39.53
C GLY B 62 -22.76 32.93 -38.23
N LEU B 63 -23.16 31.65 -38.25
CA LEU B 63 -23.57 30.95 -37.04
C LEU B 63 -22.54 31.11 -35.93
N LEU B 64 -21.28 30.78 -36.23
CA LEU B 64 -20.22 30.89 -35.24
C LEU B 64 -19.89 32.35 -34.93
N GLN B 65 -20.07 33.25 -35.90
CA GLN B 65 -19.80 34.66 -35.67
C GLN B 65 -20.70 35.22 -34.56
N GLN B 66 -21.99 34.90 -34.61
CA GLN B 66 -22.91 35.40 -33.59
C GLN B 66 -23.09 34.34 -32.49
N ILE B 67 -22.02 34.12 -31.74
CA ILE B 67 -22.01 33.14 -30.65
C ILE B 67 -21.05 33.60 -29.56
N ASP B 68 -21.53 33.59 -28.32
CA ASP B 68 -20.71 33.91 -27.15
C ASP B 68 -20.35 32.61 -26.44
N ALA B 69 -19.05 32.30 -26.39
CA ALA B 69 -18.61 31.01 -25.85
C ALA B 69 -18.72 30.93 -24.34
N SER B 70 -18.80 32.07 -23.63
CA SER B 70 -18.88 32.02 -22.19
C SER B 70 -20.25 31.57 -21.71
N LEU B 71 -21.31 31.91 -22.46
CA LEU B 71 -22.66 31.50 -22.10
C LEU B 71 -22.86 30.02 -22.42
N PHE B 72 -23.08 29.22 -21.38
CA PHE B 72 -23.31 27.79 -21.55
C PHE B 72 -24.80 27.51 -21.73
N GLN B 73 -25.36 28.12 -22.78
CA GLN B 73 -26.73 27.89 -23.21
C GLN B 73 -26.74 27.82 -24.72
N THR B 74 -27.69 27.05 -25.26
CA THR B 74 -27.74 26.84 -26.71
C THR B 74 -28.12 28.14 -27.40
N GLN B 75 -27.28 28.57 -28.34
CA GLN B 75 -27.50 29.82 -29.06
C GLN B 75 -27.74 29.62 -30.55
N ALA B 76 -27.55 28.42 -31.08
CA ALA B 76 -27.68 28.17 -32.51
C ALA B 76 -28.28 26.80 -32.74
N LEU B 77 -29.24 26.73 -33.66
CA LEU B 77 -29.92 25.48 -33.98
C LEU B 77 -29.92 25.27 -35.48
N VAL B 78 -29.42 24.12 -35.92
CA VAL B 78 -29.41 23.74 -37.33
C VAL B 78 -30.26 22.48 -37.49
N LEU B 79 -31.13 22.47 -38.51
CA LEU B 79 -32.06 21.37 -38.75
C LEU B 79 -31.75 20.70 -40.08
N CYS B 80 -31.63 19.38 -40.06
CA CYS B 80 -31.31 18.56 -41.22
C CYS B 80 -32.39 17.51 -41.48
N PRO B 81 -32.54 17.05 -42.73
CA PRO B 81 -33.57 16.05 -43.05
C PRO B 81 -33.19 14.62 -42.68
N THR B 82 -31.90 14.30 -42.70
CA THR B 82 -31.43 12.96 -42.39
C THR B 82 -30.40 13.02 -41.27
N ARG B 83 -30.12 11.85 -40.69
CA ARG B 83 -29.20 11.77 -39.57
C ARG B 83 -27.75 11.85 -40.03
N GLU B 84 -27.43 11.21 -41.15
CA GLU B 84 -26.06 11.25 -41.67
C GLU B 84 -25.69 12.67 -42.08
N LEU B 85 -26.62 13.40 -42.69
CA LEU B 85 -26.35 14.79 -43.03
C LEU B 85 -26.20 15.64 -41.77
N ALA B 86 -26.95 15.31 -40.71
CA ALA B 86 -26.79 16.01 -39.45
C ALA B 86 -25.39 15.80 -38.87
N ASP B 87 -24.91 14.55 -38.88
CA ASP B 87 -23.56 14.27 -38.43
C ASP B 87 -22.53 15.03 -39.27
N GLN B 88 -22.71 15.03 -40.59
CA GLN B 88 -21.75 15.69 -41.46
C GLN B 88 -21.72 17.20 -41.21
N VAL B 89 -22.89 17.83 -41.08
CA VAL B 89 -22.94 19.26 -40.82
C VAL B 89 -22.35 19.58 -39.45
N ALA B 90 -22.62 18.72 -38.46
CA ALA B 90 -22.05 18.94 -37.13
C ALA B 90 -20.52 18.88 -37.18
N GLY B 91 -19.97 17.91 -37.90
CA GLY B 91 -18.52 17.83 -38.03
C GLY B 91 -17.95 19.03 -38.77
N GLU B 92 -18.60 19.44 -39.86
CA GLU B 92 -18.17 20.63 -40.59
C GLU B 92 -18.15 21.86 -39.68
N LEU B 93 -19.19 22.02 -38.86
CA LEU B 93 -19.24 23.15 -37.94
C LEU B 93 -18.13 23.07 -36.89
N ARG B 94 -17.91 21.87 -36.34
CA ARG B 94 -16.85 21.70 -35.35
C ARG B 94 -15.48 22.04 -35.94
N ARG B 95 -15.27 21.75 -37.22
CA ARG B 95 -14.02 22.13 -37.85
C ARG B 95 -13.92 23.64 -37.99
N LEU B 96 -15.00 24.31 -38.41
CA LEU B 96 -14.99 25.76 -38.53
C LEU B 96 -14.91 26.44 -37.16
N ALA B 97 -15.40 25.79 -36.12
CA ALA B 97 -15.42 26.35 -34.78
C ALA B 97 -14.10 26.18 -34.03
N ARG B 98 -13.01 25.92 -34.76
CA ARG B 98 -11.72 25.72 -34.12
C ARG B 98 -11.09 27.01 -33.59
N PHE B 99 -11.64 28.18 -33.95
CA PHE B 99 -11.11 29.44 -33.47
C PHE B 99 -11.74 29.91 -32.16
N LEU B 100 -12.89 29.33 -31.80
CA LEU B 100 -13.47 29.55 -30.48
C LEU B 100 -13.13 28.35 -29.60
N PRO B 101 -12.15 28.46 -28.70
CA PRO B 101 -11.80 27.29 -27.88
C PRO B 101 -12.94 26.91 -26.95
N ASN B 102 -13.10 25.61 -26.75
CA ASN B 102 -14.17 25.04 -25.92
C ASN B 102 -15.54 25.47 -26.44
N THR B 103 -15.84 25.02 -27.66
CA THR B 103 -17.14 25.25 -28.29
C THR B 103 -17.82 23.90 -28.44
N LYS B 104 -18.91 23.70 -27.71
CA LYS B 104 -19.62 22.44 -27.70
C LYS B 104 -20.71 22.45 -28.76
N ILE B 105 -20.66 21.51 -29.70
CA ILE B 105 -21.65 21.35 -30.75
C ILE B 105 -22.22 19.95 -30.63
N LEU B 106 -23.50 19.84 -30.31
CA LEU B 106 -24.15 18.56 -30.07
C LEU B 106 -24.95 18.12 -31.29
N THR B 107 -25.18 16.81 -31.36
CA THR B 107 -25.92 16.18 -32.45
C THR B 107 -27.12 15.46 -31.86
N LEU B 108 -28.31 15.87 -32.25
CA LEU B 108 -29.55 15.29 -31.74
C LEU B 108 -30.31 14.66 -32.91
N CYS B 109 -30.21 13.34 -33.03
CA CYS B 109 -30.90 12.62 -34.10
C CYS B 109 -31.21 11.20 -33.61
N GLY B 110 -32.19 10.59 -34.26
CA GLY B 110 -32.64 9.27 -33.87
C GLY B 110 -31.60 8.19 -34.09
N GLY B 111 -31.93 7.00 -33.59
CA GLY B 111 -31.01 5.89 -33.64
C GLY B 111 -30.03 5.88 -32.48
N GLN B 112 -29.62 7.07 -32.04
CA GLN B 112 -28.72 7.20 -30.93
C GLN B 112 -29.44 6.99 -29.60
N PRO B 113 -28.71 6.62 -28.55
CA PRO B 113 -29.35 6.45 -27.24
C PRO B 113 -29.83 7.79 -26.68
N PHE B 114 -31.02 7.75 -26.08
CA PHE B 114 -31.61 8.97 -25.52
C PHE B 114 -30.95 9.33 -24.20
N GLY B 115 -30.55 8.33 -23.41
CA GLY B 115 -30.01 8.61 -22.09
C GLY B 115 -28.65 9.27 -22.14
N MET B 116 -27.75 8.80 -22.99
CA MET B 116 -26.46 9.45 -23.15
C MET B 116 -26.63 10.85 -23.73
N GLN B 117 -27.64 11.06 -24.57
CA GLN B 117 -27.91 12.39 -25.08
C GLN B 117 -28.37 13.33 -23.97
N ARG B 118 -29.23 12.85 -23.07
CA ARG B 118 -29.65 13.69 -21.95
C ARG B 118 -28.50 13.93 -20.99
N ASP B 119 -27.56 12.99 -20.88
CA ASP B 119 -26.40 13.21 -20.03
C ASP B 119 -25.48 14.28 -20.61
N SER B 120 -25.14 14.15 -21.90
CA SER B 120 -24.36 15.18 -22.58
C SER B 120 -25.10 16.51 -22.68
N LEU B 121 -26.42 16.50 -22.52
CA LEU B 121 -27.24 17.68 -22.65
C LEU B 121 -27.34 18.47 -21.35
N GLN B 122 -26.93 17.89 -20.22
CA GLN B 122 -26.93 18.62 -18.95
C GLN B 122 -25.95 19.79 -19.00
N HIS B 123 -24.81 19.58 -19.64
CA HIS B 123 -23.88 20.68 -19.97
C HIS B 123 -24.34 21.23 -21.31
N ALA B 124 -25.10 22.32 -21.27
CA ALA B 124 -25.79 22.80 -22.46
C ALA B 124 -24.80 23.10 -23.58
N PRO B 125 -25.06 22.64 -24.80
CA PRO B 125 -24.15 22.90 -25.91
C PRO B 125 -24.40 24.26 -26.54
N HIS B 126 -23.36 24.80 -27.18
CA HIS B 126 -23.48 26.09 -27.83
C HIS B 126 -24.29 26.00 -29.11
N ILE B 127 -24.13 24.91 -29.86
CA ILE B 127 -24.83 24.68 -31.12
C ILE B 127 -25.47 23.31 -31.07
N ILE B 128 -26.66 23.18 -31.65
CA ILE B 128 -27.36 21.90 -31.76
C ILE B 128 -27.67 21.65 -33.22
N VAL B 129 -27.03 20.63 -33.80
CA VAL B 129 -27.38 20.14 -35.12
C VAL B 129 -28.29 18.93 -34.91
N ALA B 130 -29.48 18.97 -35.50
CA ALA B 130 -30.48 17.99 -35.12
C ALA B 130 -31.40 17.66 -36.29
N THR B 131 -32.04 16.52 -36.17
CA THR B 131 -33.20 16.10 -36.93
C THR B 131 -34.47 16.37 -36.12
N PRO B 132 -35.58 16.72 -36.78
CA PRO B 132 -36.74 17.21 -36.03
C PRO B 132 -37.32 16.21 -35.04
N GLY B 133 -37.19 14.92 -35.31
CA GLY B 133 -37.77 13.92 -34.42
C GLY B 133 -37.20 13.90 -33.02
N ARG B 134 -35.88 13.76 -32.90
CA ARG B 134 -35.26 13.70 -31.59
C ARG B 134 -35.23 15.07 -30.92
N LEU B 135 -35.06 16.13 -31.70
CA LEU B 135 -35.07 17.47 -31.11
C LEU B 135 -36.42 17.77 -30.49
N LEU B 136 -37.51 17.42 -31.17
CA LEU B 136 -38.84 17.63 -30.62
C LEU B 136 -39.05 16.76 -29.38
N ASP B 137 -38.49 15.55 -29.38
CA ASP B 137 -38.60 14.69 -28.21
C ASP B 137 -37.89 15.30 -27.00
N HIS B 138 -36.71 15.89 -27.22
CA HIS B 138 -36.01 16.53 -26.12
C HIS B 138 -36.71 17.81 -25.67
N LEU B 139 -37.28 18.56 -26.61
CA LEU B 139 -37.98 19.79 -26.26
C LEU B 139 -39.22 19.50 -25.43
N GLN B 140 -39.95 18.43 -25.78
CA GLN B 140 -41.12 18.06 -24.99
C GLN B 140 -40.72 17.63 -23.59
N LYS B 141 -39.72 16.74 -23.49
CA LYS B 141 -39.25 16.30 -22.18
C LYS B 141 -38.44 17.36 -21.45
N GLY B 142 -38.14 18.48 -22.09
CA GLY B 142 -37.53 19.61 -21.42
C GLY B 142 -36.04 19.46 -21.15
N THR B 143 -35.27 19.07 -22.17
CA THR B 143 -33.83 18.94 -22.04
C THR B 143 -33.06 19.96 -22.87
N VAL B 144 -33.70 20.55 -23.88
CA VAL B 144 -33.12 21.61 -24.69
C VAL B 144 -33.88 22.90 -24.40
N SER B 145 -33.13 23.98 -24.15
CA SER B 145 -33.72 25.27 -23.83
C SER B 145 -33.32 26.26 -24.93
N LEU B 146 -34.24 26.50 -25.86
CA LEU B 146 -34.02 27.41 -26.97
C LEU B 146 -34.30 28.87 -26.62
N ASP B 147 -34.37 29.21 -25.33
CA ASP B 147 -34.71 30.58 -24.95
C ASP B 147 -33.62 31.56 -25.38
N ALA B 148 -32.36 31.14 -25.33
CA ALA B 148 -31.24 31.99 -25.73
C ALA B 148 -30.81 31.75 -27.17
N LEU B 149 -31.74 31.34 -28.03
CA LEU B 149 -31.42 31.03 -29.42
C LEU B 149 -31.23 32.31 -30.23
N ASN B 150 -30.10 32.39 -30.93
CA ASN B 150 -29.81 33.51 -31.82
C ASN B 150 -30.14 33.22 -33.28
N THR B 151 -29.79 32.03 -33.77
CA THR B 151 -29.94 31.70 -35.17
C THR B 151 -30.55 30.32 -35.34
N LEU B 152 -31.52 30.23 -36.26
CA LEU B 152 -32.16 28.98 -36.65
C LEU B 152 -31.90 28.77 -38.13
N VAL B 153 -31.17 27.71 -38.46
CA VAL B 153 -30.82 27.38 -39.83
C VAL B 153 -31.53 26.10 -40.22
N MET B 154 -32.04 26.05 -41.44
CA MET B 154 -32.65 24.86 -42.01
C MET B 154 -31.88 24.51 -43.27
N ASP B 155 -31.09 23.43 -43.20
CA ASP B 155 -30.37 22.96 -44.37
C ASP B 155 -31.28 22.09 -45.21
N GLU B 156 -31.14 22.20 -46.52
CA GLU B 156 -32.05 21.56 -47.47
C GLU B 156 -33.50 21.92 -47.12
N ALA B 157 -33.77 23.22 -47.13
CA ALA B 157 -35.07 23.74 -46.70
C ALA B 157 -36.20 23.39 -47.65
N ASP B 158 -35.93 22.65 -48.72
CA ASP B 158 -37.00 22.09 -49.54
C ASP B 158 -37.80 21.07 -48.75
N ARG B 159 -37.12 19.99 -48.34
CA ARG B 159 -37.81 18.90 -47.65
C ARG B 159 -38.24 19.32 -46.25
N MET B 160 -37.53 20.26 -45.63
CA MET B 160 -37.89 20.69 -44.29
C MET B 160 -39.16 21.51 -44.26
N LEU B 161 -39.61 22.04 -45.40
CA LEU B 161 -40.87 22.76 -45.48
C LEU B 161 -41.94 22.02 -46.26
N ASP B 162 -41.60 20.92 -46.94
CA ASP B 162 -42.58 20.11 -47.62
C ASP B 162 -43.59 19.53 -46.63
N MET B 163 -44.72 19.04 -47.17
CA MET B 163 -45.78 18.52 -46.33
C MET B 163 -45.34 17.35 -45.45
N GLY B 164 -44.18 16.76 -45.73
CA GLY B 164 -43.67 15.71 -44.85
C GLY B 164 -43.13 16.25 -43.54
N PHE B 165 -42.24 17.24 -43.62
CA PHE B 165 -41.58 17.80 -42.45
C PHE B 165 -42.21 19.08 -41.93
N SER B 166 -43.10 19.73 -42.70
CA SER B 166 -43.58 21.05 -42.33
C SER B 166 -44.23 21.05 -40.95
N ASP B 167 -45.00 20.01 -40.63
CA ASP B 167 -45.70 19.98 -39.37
C ASP B 167 -44.74 19.81 -38.19
N ALA B 168 -43.77 18.90 -38.32
CA ALA B 168 -42.76 18.75 -37.28
C ALA B 168 -41.94 20.02 -37.12
N ILE B 169 -41.68 20.73 -38.22
CA ILE B 169 -40.93 21.97 -38.14
C ILE B 169 -41.73 23.04 -37.41
N ASP B 170 -43.03 23.14 -37.69
CA ASP B 170 -43.87 24.08 -36.97
C ASP B 170 -43.98 23.71 -35.49
N ASP B 171 -43.95 22.41 -35.17
CA ASP B 171 -43.91 22.00 -33.77
C ASP B 171 -42.59 22.40 -33.12
N VAL B 172 -41.50 22.37 -33.88
CA VAL B 172 -40.19 22.73 -33.32
C VAL B 172 -40.11 24.24 -33.08
N ILE B 173 -40.52 25.05 -34.05
CA ILE B 173 -40.47 26.50 -33.89
C ILE B 173 -41.41 27.00 -32.81
N ARG B 174 -42.33 26.16 -32.35
CA ARG B 174 -43.18 26.53 -31.22
C ARG B 174 -42.37 26.73 -29.95
N PHE B 175 -41.19 26.09 -29.87
CA PHE B 175 -40.29 26.23 -28.74
C PHE B 175 -39.25 27.33 -28.95
N ALA B 176 -39.18 27.92 -30.15
CA ALA B 176 -38.18 28.92 -30.47
C ALA B 176 -38.75 30.33 -30.32
N PRO B 177 -37.91 31.29 -29.95
CA PRO B 177 -38.40 32.68 -29.86
C PRO B 177 -38.56 33.29 -31.24
N ALA B 178 -39.62 34.08 -31.40
CA ALA B 178 -39.86 34.74 -32.67
C ALA B 178 -38.74 35.73 -32.99
N SER B 179 -38.22 36.40 -31.96
CA SER B 179 -37.12 37.35 -32.11
C SER B 179 -35.84 36.55 -32.33
N ARG B 180 -35.62 36.16 -33.58
CA ARG B 180 -34.49 35.33 -33.94
C ARG B 180 -34.12 35.58 -35.39
N GLN B 181 -32.89 35.21 -35.74
CA GLN B 181 -32.46 35.20 -37.13
C GLN B 181 -32.76 33.83 -37.71
N THR B 182 -33.17 33.80 -38.97
CA THR B 182 -33.55 32.56 -39.63
C THR B 182 -32.89 32.48 -41.00
N LEU B 183 -32.21 31.36 -41.25
CA LEU B 183 -31.55 31.08 -42.51
C LEU B 183 -32.14 29.80 -43.09
N LEU B 184 -32.53 29.86 -44.36
CA LEU B 184 -33.13 28.73 -45.06
C LEU B 184 -32.27 28.45 -46.29
N PHE B 185 -31.43 27.42 -46.24
CA PHE B 185 -30.52 27.11 -47.33
C PHE B 185 -31.02 25.90 -48.10
N SER B 186 -30.94 25.97 -49.42
CA SER B 186 -31.21 24.77 -50.21
C SER B 186 -30.62 24.93 -51.59
N ALA B 187 -30.36 23.78 -52.23
CA ALA B 187 -29.88 23.78 -53.61
C ALA B 187 -31.01 24.04 -54.60
N THR B 188 -32.23 23.63 -54.27
CA THR B 188 -33.40 23.84 -55.10
C THR B 188 -34.41 24.67 -54.32
N TRP B 189 -35.37 25.23 -55.06
CA TRP B 189 -36.43 26.03 -54.45
C TRP B 189 -37.62 26.15 -55.41
N PRO B 190 -38.52 25.16 -55.42
CA PRO B 190 -39.75 25.32 -56.20
C PRO B 190 -40.55 26.50 -55.69
N GLU B 191 -41.05 27.31 -56.62
CA GLU B 191 -41.72 28.55 -56.24
C GLU B 191 -42.95 28.30 -55.38
N ALA B 192 -43.59 27.13 -55.54
CA ALA B 192 -44.69 26.77 -54.65
C ALA B 192 -44.20 26.65 -53.21
N ILE B 193 -43.00 26.10 -53.02
CA ILE B 193 -42.42 26.02 -51.69
C ILE B 193 -41.88 27.38 -51.25
N ALA B 194 -41.33 28.16 -52.19
CA ALA B 194 -40.79 29.46 -51.84
C ALA B 194 -41.86 30.43 -51.37
N ALA B 195 -43.09 30.30 -51.88
CA ALA B 195 -44.17 31.15 -51.42
C ALA B 195 -44.47 30.89 -49.94
N ILE B 196 -44.56 29.63 -49.54
CA ILE B 196 -44.84 29.28 -48.16
C ILE B 196 -43.63 29.52 -47.26
N SER B 197 -42.42 29.54 -47.85
CA SER B 197 -41.19 29.67 -47.07
C SER B 197 -41.19 30.87 -46.13
N GLY B 198 -41.89 31.95 -46.50
CA GLY B 198 -41.84 33.18 -45.73
C GLY B 198 -42.52 33.14 -44.37
N ARG B 199 -43.06 32.00 -43.96
CA ARG B 199 -43.78 31.89 -42.70
C ARG B 199 -42.87 31.81 -41.48
N VAL B 200 -41.57 31.56 -41.67
CA VAL B 200 -40.65 31.42 -40.54
C VAL B 200 -39.54 32.44 -40.63
N GLN B 201 -39.81 33.57 -41.30
CA GLN B 201 -38.79 34.59 -41.49
C GLN B 201 -39.41 35.98 -41.35
N ARG B 202 -38.56 36.95 -41.01
CA ARG B 202 -38.93 38.36 -40.88
C ARG B 202 -38.27 39.13 -42.01
N ASP B 203 -39.08 39.63 -42.94
CA ASP B 203 -38.59 40.39 -44.09
C ASP B 203 -37.41 39.67 -44.74
N PRO B 204 -37.61 38.46 -45.24
CA PRO B 204 -36.47 37.65 -45.69
C PRO B 204 -35.85 38.19 -46.97
N LEU B 205 -34.53 38.09 -47.05
CA LEU B 205 -33.78 38.41 -48.25
C LEU B 205 -33.63 37.14 -49.07
N ALA B 206 -34.14 37.16 -50.30
CA ALA B 206 -34.03 36.02 -51.21
C ALA B 206 -32.76 36.16 -52.03
N ILE B 207 -31.88 35.17 -51.95
CA ILE B 207 -30.62 35.17 -52.69
C ILE B 207 -30.62 33.93 -53.58
N GLU B 208 -30.91 34.13 -54.87
CA GLU B 208 -30.90 33.06 -55.87
C GLU B 208 -29.64 33.26 -56.70
N ILE B 209 -28.59 32.48 -56.38
CA ILE B 209 -27.29 32.71 -56.97
C ILE B 209 -27.17 32.03 -58.33
N ASP B 210 -27.38 30.73 -58.36
CA ASP B 210 -27.33 29.97 -59.60
C ASP B 210 -28.74 29.76 -60.13
N SER B 211 -28.91 29.93 -61.44
CA SER B 211 -30.23 29.76 -62.04
C SER B 211 -30.68 28.31 -61.90
N THR B 212 -31.92 28.06 -62.31
CA THR B 212 -32.50 26.72 -62.17
C THR B 212 -31.67 25.68 -62.90
N ASP B 213 -31.19 26.00 -64.10
CA ASP B 213 -30.46 25.05 -64.94
C ASP B 213 -28.96 25.15 -64.80
N ALA B 214 -28.45 25.98 -63.89
CA ALA B 214 -27.01 26.13 -63.69
C ALA B 214 -26.53 25.04 -62.74
N LEU B 215 -26.04 23.95 -63.31
CA LEU B 215 -25.57 22.79 -62.56
C LEU B 215 -24.06 22.69 -62.59
N PRO B 216 -23.45 22.01 -61.62
CA PRO B 216 -22.01 21.76 -61.66
C PRO B 216 -21.64 20.89 -62.86
N PRO B 217 -20.33 20.81 -63.19
CA PRO B 217 -19.91 20.03 -64.37
C PRO B 217 -20.23 18.55 -64.28
N ILE B 218 -21.50 18.22 -64.45
CA ILE B 218 -21.98 16.84 -64.37
C ILE B 218 -22.35 16.38 -65.77
N GLU B 219 -21.80 15.24 -66.18
CA GLU B 219 -22.13 14.60 -67.44
C GLU B 219 -23.21 13.56 -67.23
N GLN B 220 -24.27 13.64 -68.03
CA GLN B 220 -25.44 12.79 -67.88
C GLN B 220 -25.60 11.93 -69.13
N GLN B 221 -25.73 10.63 -68.92
CA GLN B 221 -26.07 9.67 -69.96
C GLN B 221 -27.37 8.98 -69.55
N PHE B 222 -28.22 8.70 -70.53
CA PHE B 222 -29.50 8.05 -70.28
C PHE B 222 -29.57 6.75 -71.07
N TYR B 223 -29.89 5.67 -70.40
CA TYR B 223 -29.99 4.36 -71.02
C TYR B 223 -31.44 3.91 -70.99
N GLU B 224 -31.93 3.44 -72.13
CA GLU B 224 -33.30 2.95 -72.24
C GLU B 224 -33.30 1.44 -72.00
N THR B 225 -34.03 1.00 -70.97
CA THR B 225 -34.07 -0.40 -70.62
C THR B 225 -35.39 -0.72 -69.95
N SER B 226 -35.73 -2.00 -69.92
CA SER B 226 -36.93 -2.47 -69.25
C SER B 226 -36.65 -2.61 -67.76
N SER B 227 -37.67 -3.05 -67.01
CA SER B 227 -37.50 -3.21 -65.57
C SER B 227 -36.62 -4.40 -65.25
N LYS B 228 -36.79 -5.51 -65.99
CA LYS B 228 -35.98 -6.70 -65.73
C LYS B 228 -34.52 -6.46 -66.05
N GLY B 229 -34.21 -5.81 -67.17
CA GLY B 229 -32.84 -5.61 -67.56
C GLY B 229 -32.09 -4.51 -66.85
N LYS B 230 -32.68 -3.93 -65.80
CA LYS B 230 -32.01 -2.83 -65.11
C LYS B 230 -30.79 -3.32 -64.33
N ILE B 231 -30.96 -4.39 -63.56
CA ILE B 231 -29.88 -4.92 -62.74
C ILE B 231 -28.76 -5.48 -63.62
N PRO B 232 -29.05 -6.25 -64.68
CA PRO B 232 -27.97 -6.66 -65.58
C PRO B 232 -27.26 -5.48 -66.24
N LEU B 233 -28.00 -4.43 -66.61
CA LEU B 233 -27.37 -3.28 -67.22
C LEU B 233 -26.44 -2.57 -66.24
N LEU B 234 -26.83 -2.51 -64.97
CA LEU B 234 -25.99 -1.89 -63.94
C LEU B 234 -24.69 -2.65 -63.75
N GLN B 235 -24.76 -3.98 -63.66
CA GLN B 235 -23.56 -4.79 -63.52
C GLN B 235 -22.62 -4.61 -64.69
N ARG B 236 -23.15 -4.41 -65.90
CA ARG B 236 -22.31 -4.26 -67.08
C ARG B 236 -21.65 -2.89 -67.13
N LEU B 237 -22.40 -1.83 -66.79
CA LEU B 237 -21.82 -0.50 -66.79
C LEU B 237 -20.73 -0.39 -65.75
N LEU B 238 -20.91 -1.05 -64.60
CA LEU B 238 -19.87 -1.09 -63.58
C LEU B 238 -18.61 -1.77 -64.11
N SER B 239 -18.78 -2.85 -64.88
CA SER B 239 -17.61 -3.49 -65.51
C SER B 239 -16.97 -2.59 -66.56
N LEU B 240 -17.78 -1.82 -67.30
CA LEU B 240 -17.25 -1.03 -68.39
C LEU B 240 -16.50 0.21 -67.89
N HIS B 241 -17.14 0.99 -67.02
CA HIS B 241 -16.50 2.21 -66.53
C HIS B 241 -15.46 1.93 -65.46
N GLN B 242 -15.63 0.85 -64.70
CA GLN B 242 -14.70 0.49 -63.63
C GLN B 242 -14.41 1.66 -62.69
N PRO B 243 -15.42 2.22 -62.04
CA PRO B 243 -15.20 3.40 -61.21
C PRO B 243 -14.69 3.03 -59.83
N SER B 244 -14.08 4.01 -59.17
CA SER B 244 -13.59 3.85 -57.81
C SER B 244 -14.66 4.16 -56.77
N SER B 245 -15.49 5.17 -57.03
CA SER B 245 -16.57 5.56 -56.15
C SER B 245 -17.85 5.66 -56.97
N CYS B 246 -18.90 4.96 -56.55
CA CYS B 246 -20.16 4.98 -57.28
C CYS B 246 -21.32 4.87 -56.31
N VAL B 247 -22.33 5.70 -56.51
CA VAL B 247 -23.55 5.68 -55.71
C VAL B 247 -24.74 5.38 -56.62
N VAL B 248 -25.53 4.38 -56.24
CA VAL B 248 -26.68 3.93 -57.02
C VAL B 248 -27.94 4.24 -56.22
N PHE B 249 -28.81 5.07 -56.79
CA PHE B 249 -30.03 5.52 -56.12
C PHE B 249 -31.23 4.70 -56.59
N CYS B 250 -32.04 4.25 -55.64
CA CYS B 250 -33.27 3.52 -55.92
C CYS B 250 -34.44 4.23 -55.28
N ASN B 251 -35.65 3.86 -55.72
CA ASN B 251 -36.86 4.53 -55.26
C ASN B 251 -37.50 3.85 -54.04
N THR B 252 -37.16 2.59 -53.77
CA THR B 252 -37.68 1.88 -52.61
C THR B 252 -36.53 1.21 -51.86
N LYS B 253 -36.80 0.81 -50.62
CA LYS B 253 -35.78 0.18 -49.80
C LYS B 253 -35.48 -1.23 -50.30
N LYS B 254 -36.51 -1.96 -50.73
CA LYS B 254 -36.30 -3.32 -51.22
C LYS B 254 -35.55 -3.32 -52.55
N ASP B 255 -35.85 -2.36 -53.43
CA ASP B 255 -35.03 -2.22 -54.64
C ASP B 255 -33.58 -1.98 -54.28
N CYS B 256 -33.34 -1.12 -53.29
CA CYS B 256 -31.98 -0.84 -52.84
C CYS B 256 -31.27 -2.10 -52.37
N GLN B 257 -31.90 -2.83 -51.44
CA GLN B 257 -31.27 -4.03 -50.90
C GLN B 257 -31.10 -5.11 -51.95
N ALA B 258 -32.05 -5.23 -52.88
CA ALA B 258 -31.94 -6.24 -53.94
C ALA B 258 -30.81 -5.91 -54.89
N VAL B 259 -30.68 -4.63 -55.28
CA VAL B 259 -29.58 -4.23 -56.15
C VAL B 259 -28.25 -4.48 -55.46
N CYS B 260 -28.15 -4.14 -54.17
CA CYS B 260 -26.92 -4.39 -53.44
C CYS B 260 -26.60 -5.89 -53.38
N ASP B 261 -27.61 -6.71 -53.12
CA ASP B 261 -27.41 -8.16 -53.05
C ASP B 261 -26.93 -8.70 -54.39
N ALA B 262 -27.54 -8.25 -55.49
CA ALA B 262 -27.13 -8.72 -56.81
C ALA B 262 -25.70 -8.28 -57.13
N LEU B 263 -25.39 -7.01 -56.87
CA LEU B 263 -24.04 -6.53 -57.13
C LEU B 263 -23.01 -7.29 -56.32
N ASN B 264 -23.37 -7.69 -55.09
CA ASN B 264 -22.43 -8.45 -54.27
C ASN B 264 -22.28 -9.88 -54.79
N GLU B 265 -23.37 -10.51 -55.19
CA GLU B 265 -23.28 -11.90 -55.66
C GLU B 265 -22.61 -12.00 -57.02
N VAL B 266 -22.60 -10.93 -57.81
CA VAL B 266 -21.82 -10.91 -59.04
C VAL B 266 -20.44 -10.36 -58.71
N GLY B 267 -20.15 -10.24 -57.41
CA GLY B 267 -18.81 -9.90 -56.96
C GLY B 267 -18.36 -8.49 -57.33
N GLN B 268 -19.24 -7.50 -57.18
CA GLN B 268 -18.91 -6.13 -57.51
C GLN B 268 -18.83 -5.23 -56.28
N SER B 269 -18.77 -5.81 -55.08
CA SER B 269 -18.51 -5.09 -53.84
C SER B 269 -19.43 -3.89 -53.63
N ALA B 270 -20.62 -4.13 -53.08
CA ALA B 270 -21.58 -3.06 -52.85
C ALA B 270 -22.06 -3.11 -51.41
N LEU B 271 -22.27 -1.92 -50.84
CA LEU B 271 -22.89 -1.77 -49.53
C LEU B 271 -24.25 -1.11 -49.67
N SER B 272 -25.04 -1.18 -48.60
CA SER B 272 -26.43 -0.74 -48.62
C SER B 272 -26.68 0.32 -47.56
N LEU B 273 -27.46 1.34 -47.93
CA LEU B 273 -27.82 2.43 -47.02
C LEU B 273 -29.29 2.75 -47.24
N HIS B 274 -30.15 2.32 -46.30
CA HIS B 274 -31.57 2.63 -46.39
C HIS B 274 -32.15 2.68 -44.99
N GLY B 275 -33.42 3.08 -44.91
CA GLY B 275 -34.08 3.37 -43.65
C GLY B 275 -34.49 2.18 -42.81
N ASP B 276 -34.29 0.96 -43.29
CA ASP B 276 -34.64 -0.24 -42.53
C ASP B 276 -33.44 -0.87 -41.85
N LEU B 277 -32.25 -0.31 -42.02
CA LEU B 277 -31.06 -0.81 -41.34
C LEU B 277 -30.92 -0.19 -39.96
N GLU B 278 -30.18 -0.87 -39.10
CA GLU B 278 -29.84 -0.32 -37.79
C GLU B 278 -28.97 0.92 -37.97
N GLN B 279 -29.09 1.86 -37.03
CA GLN B 279 -28.35 3.11 -37.14
C GLN B 279 -26.84 2.87 -37.10
N ARG B 280 -26.40 1.92 -36.27
CA ARG B 280 -25.00 1.53 -36.26
C ARG B 280 -24.55 1.07 -37.64
N ASP B 281 -25.37 0.24 -38.30
CA ASP B 281 -25.02 -0.24 -39.63
C ASP B 281 -25.04 0.89 -40.65
N ARG B 282 -25.99 1.81 -40.54
CA ARG B 282 -26.02 2.95 -41.45
C ARG B 282 -24.74 3.77 -41.33
N ASP B 283 -24.37 4.13 -40.10
CA ASP B 283 -23.17 4.94 -39.89
C ASP B 283 -21.93 4.21 -40.39
N GLN B 284 -21.79 2.93 -40.04
CA GLN B 284 -20.60 2.20 -40.45
C GLN B 284 -20.56 2.00 -41.96
N THR B 285 -21.71 1.81 -42.61
CA THR B 285 -21.72 1.68 -44.06
C THR B 285 -21.31 2.98 -44.74
N LEU B 286 -21.82 4.11 -44.27
CA LEU B 286 -21.39 5.39 -44.82
C LEU B 286 -19.90 5.59 -44.63
N VAL B 287 -19.38 5.24 -43.45
CA VAL B 287 -17.95 5.35 -43.19
C VAL B 287 -17.16 4.49 -44.17
N ARG B 288 -17.55 3.21 -44.30
CA ARG B 288 -16.83 2.28 -45.16
C ARG B 288 -16.81 2.75 -46.60
N PHE B 289 -17.96 3.22 -47.11
CA PHE B 289 -17.98 3.71 -48.48
C PHE B 289 -17.16 4.98 -48.64
N ALA B 290 -17.14 5.83 -47.62
CA ALA B 290 -16.37 7.07 -47.73
C ALA B 290 -14.87 6.80 -47.75
N ASN B 291 -14.39 5.92 -46.87
CA ASN B 291 -12.94 5.69 -46.79
C ASN B 291 -12.42 4.73 -47.85
N GLY B 292 -13.29 4.20 -48.70
CA GLY B 292 -12.87 3.31 -49.75
C GLY B 292 -12.96 1.83 -49.43
N SER B 293 -13.75 1.44 -48.44
CA SER B 293 -13.94 0.03 -48.11
C SER B 293 -15.00 -0.64 -48.96
N ALA B 294 -15.56 0.08 -49.94
CA ALA B 294 -16.56 -0.47 -50.84
C ALA B 294 -16.58 0.38 -52.10
N ARG B 295 -16.76 -0.28 -53.25
CA ARG B 295 -16.75 0.44 -54.52
C ARG B 295 -18.11 1.07 -54.81
N VAL B 296 -19.19 0.39 -54.46
CA VAL B 296 -20.53 0.82 -54.80
C VAL B 296 -21.35 0.99 -53.52
N LEU B 297 -22.14 2.05 -53.47
CA LEU B 297 -23.07 2.32 -52.37
C LEU B 297 -24.46 2.43 -52.96
N VAL B 298 -25.30 1.43 -52.69
CA VAL B 298 -26.70 1.47 -53.11
C VAL B 298 -27.50 2.09 -51.97
N ALA B 299 -28.19 3.19 -52.27
CA ALA B 299 -28.92 3.92 -51.25
C ALA B 299 -30.23 4.43 -51.83
N THR B 300 -31.19 4.66 -50.93
CA THR B 300 -32.44 5.31 -51.29
C THR B 300 -32.25 6.82 -51.32
N ASP B 301 -33.35 7.57 -51.26
CA ASP B 301 -33.24 9.02 -51.23
C ASP B 301 -32.71 9.56 -49.91
N VAL B 302 -32.40 8.70 -48.94
CA VAL B 302 -31.80 9.17 -47.70
C VAL B 302 -30.44 9.80 -47.98
N ALA B 303 -29.72 9.28 -48.96
CA ALA B 303 -28.40 9.79 -49.34
C ALA B 303 -28.46 10.73 -50.54
N ALA B 304 -29.63 11.27 -50.86
CA ALA B 304 -29.77 12.10 -52.06
C ALA B 304 -29.43 13.56 -51.81
N ARG B 305 -29.54 14.03 -50.57
CA ARG B 305 -29.35 15.44 -50.25
C ARG B 305 -28.19 15.60 -49.28
N GLY B 306 -27.34 16.59 -49.54
CA GLY B 306 -26.39 17.07 -48.56
C GLY B 306 -25.10 16.28 -48.38
N LEU B 307 -25.15 14.96 -48.58
CA LEU B 307 -23.99 14.12 -48.27
C LEU B 307 -22.80 14.50 -49.14
N ASP B 308 -21.66 14.73 -48.50
CA ASP B 308 -20.44 15.19 -49.16
C ASP B 308 -19.42 14.06 -49.14
N ILE B 309 -19.37 13.31 -50.22
CA ILE B 309 -18.41 12.22 -50.37
C ILE B 309 -17.29 12.71 -51.28
N LYS B 310 -16.06 12.64 -50.80
CA LYS B 310 -14.94 13.26 -51.50
C LYS B 310 -14.65 12.52 -52.80
N SER B 311 -14.68 13.25 -53.91
CA SER B 311 -14.29 12.75 -55.22
C SER B 311 -15.13 11.52 -55.62
N LEU B 312 -16.45 11.68 -55.53
CA LEU B 312 -17.33 10.64 -56.03
C LEU B 312 -17.29 10.61 -57.55
N GLU B 313 -17.05 9.43 -58.12
CA GLU B 313 -16.82 9.33 -59.56
C GLU B 313 -18.11 9.17 -60.35
N LEU B 314 -19.08 8.44 -59.83
CA LEU B 314 -20.25 8.05 -60.63
C LEU B 314 -21.51 8.01 -59.78
N VAL B 315 -22.59 8.52 -60.36
CA VAL B 315 -23.94 8.37 -59.81
C VAL B 315 -24.78 7.61 -60.82
N VAL B 316 -25.63 6.72 -60.34
CA VAL B 316 -26.46 5.87 -61.19
C VAL B 316 -27.88 5.91 -60.66
N ASN B 317 -28.77 6.57 -61.41
CA ASN B 317 -30.20 6.55 -61.13
C ASN B 317 -30.75 5.21 -61.62
N PHE B 318 -30.75 4.22 -60.72
CA PHE B 318 -31.36 2.93 -61.04
C PHE B 318 -32.82 3.12 -61.42
N GLU B 319 -33.56 3.86 -60.59
CA GLU B 319 -34.87 4.39 -60.93
C GLU B 319 -34.77 5.91 -60.90
N LEU B 320 -35.47 6.56 -61.83
CA LEU B 320 -35.53 8.02 -61.80
C LEU B 320 -36.35 8.49 -60.61
N ALA B 321 -35.88 9.54 -59.95
CA ALA B 321 -36.55 10.06 -58.78
C ALA B 321 -37.95 10.55 -59.14
N TRP B 322 -38.84 10.56 -58.14
CA TRP B 322 -40.21 10.99 -58.37
C TRP B 322 -40.27 12.46 -58.76
N ASP B 323 -39.49 13.30 -58.09
CA ASP B 323 -39.46 14.71 -58.37
C ASP B 323 -38.15 15.10 -59.07
N PRO B 324 -38.18 16.09 -59.96
CA PRO B 324 -36.93 16.50 -60.62
C PRO B 324 -35.93 17.14 -59.68
N GLU B 325 -36.42 17.81 -58.63
CA GLU B 325 -35.52 18.38 -57.64
C GLU B 325 -34.70 17.29 -56.97
N VAL B 326 -35.33 16.16 -56.67
CA VAL B 326 -34.62 15.03 -56.08
C VAL B 326 -33.58 14.50 -57.06
N HIS B 327 -33.89 14.53 -58.36
CA HIS B 327 -32.91 14.11 -59.37
C HIS B 327 -31.69 15.03 -59.34
N VAL B 328 -31.92 16.34 -59.30
CA VAL B 328 -30.81 17.29 -59.23
C VAL B 328 -29.98 17.03 -57.98
N HIS B 329 -30.65 16.84 -56.84
CA HIS B 329 -29.93 16.64 -55.59
C HIS B 329 -29.09 15.36 -55.62
N ARG B 330 -29.66 14.26 -56.12
CA ARG B 330 -28.94 13.00 -56.07
C ARG B 330 -27.84 12.92 -57.14
N ILE B 331 -27.97 13.63 -58.27
CA ILE B 331 -26.86 13.67 -59.20
C ILE B 331 -25.80 14.66 -58.76
N GLY B 332 -26.15 15.64 -57.92
CA GLY B 332 -25.16 16.56 -57.40
C GLY B 332 -24.20 15.97 -56.39
N ARG B 333 -24.35 14.68 -56.07
CA ARG B 333 -23.43 14.03 -55.14
C ARG B 333 -22.04 13.88 -55.74
N THR B 334 -21.93 13.90 -57.07
CA THR B 334 -20.65 13.98 -57.75
C THR B 334 -20.42 15.42 -58.20
N ALA B 335 -19.19 15.68 -58.67
CA ALA B 335 -18.80 17.00 -59.14
C ALA B 335 -19.01 18.06 -58.05
N ARG B 336 -18.52 17.76 -56.85
CA ARG B 336 -18.61 18.68 -55.74
C ARG B 336 -17.28 19.42 -55.58
N ALA B 337 -17.36 20.63 -55.04
CA ALA B 337 -16.17 21.42 -54.70
C ALA B 337 -15.26 21.64 -55.91
N GLY B 338 -15.88 21.85 -57.08
CA GLY B 338 -15.14 22.17 -58.28
C GLY B 338 -14.70 20.98 -59.10
N ASN B 339 -15.04 19.76 -58.70
CA ASN B 339 -14.69 18.59 -59.50
C ASN B 339 -15.77 18.37 -60.57
N SER B 340 -15.50 17.38 -61.43
CA SER B 340 -16.44 16.94 -62.44
C SER B 340 -17.04 15.60 -62.02
N GLY B 341 -18.06 15.17 -62.77
CA GLY B 341 -18.70 13.92 -62.41
C GLY B 341 -19.55 13.38 -63.54
N LEU B 342 -19.97 12.12 -63.37
CA LEU B 342 -20.78 11.42 -64.34
C LEU B 342 -22.03 10.88 -63.65
N ALA B 343 -23.18 11.06 -64.28
CA ALA B 343 -24.47 10.64 -63.74
C ALA B 343 -25.24 9.90 -64.83
N ILE B 344 -25.21 8.57 -64.77
CA ILE B 344 -25.98 7.73 -65.69
C ILE B 344 -27.34 7.47 -65.06
N SER B 345 -28.40 7.49 -65.87
CA SER B 345 -29.76 7.33 -65.39
C SER B 345 -30.50 6.35 -66.28
N PHE B 346 -31.05 5.30 -65.67
CA PHE B 346 -31.87 4.34 -66.41
C PHE B 346 -33.30 4.84 -66.51
N CYS B 347 -33.97 4.47 -67.60
CA CYS B 347 -35.32 4.96 -67.87
C CYS B 347 -36.13 3.83 -68.53
N ALA B 348 -37.06 3.26 -67.77
CA ALA B 348 -38.01 2.32 -68.32
C ALA B 348 -39.07 3.06 -69.12
N PRO B 349 -39.78 2.38 -70.03
CA PRO B 349 -40.87 3.04 -70.76
C PRO B 349 -41.91 3.67 -69.87
N GLU B 350 -42.16 3.08 -68.69
CA GLU B 350 -43.10 3.67 -67.75
C GLU B 350 -42.59 4.96 -67.12
N GLU B 351 -41.27 5.15 -67.08
CA GLU B 351 -40.66 6.31 -66.44
C GLU B 351 -40.27 7.40 -67.43
N ALA B 352 -40.76 7.33 -68.67
CA ALA B 352 -40.34 8.29 -69.68
C ALA B 352 -40.83 9.71 -69.36
N GLN B 353 -41.99 9.84 -68.72
CA GLN B 353 -42.51 11.16 -68.43
C GLN B 353 -41.66 11.90 -67.42
N ARG B 354 -41.08 11.18 -66.45
CA ARG B 354 -40.21 11.83 -65.47
C ARG B 354 -38.92 12.32 -66.11
N ALA B 355 -38.38 11.55 -67.07
CA ALA B 355 -37.18 11.99 -67.78
C ALA B 355 -37.44 13.22 -68.63
N ASN B 356 -38.63 13.34 -69.21
CA ASN B 356 -38.96 14.53 -69.99
C ASN B 356 -39.13 15.75 -69.10
N ILE B 357 -39.61 15.57 -67.87
CA ILE B 357 -39.69 16.69 -66.94
C ILE B 357 -38.30 17.18 -66.56
N ILE B 358 -37.33 16.28 -66.49
CA ILE B 358 -35.94 16.68 -66.23
C ILE B 358 -35.39 17.49 -67.40
N SER B 359 -35.76 17.11 -68.63
CA SER B 359 -35.32 17.87 -69.79
C SER B 359 -35.93 19.27 -69.81
N ASP B 360 -37.16 19.42 -69.34
CA ASP B 360 -37.77 20.74 -69.26
C ASP B 360 -37.07 21.61 -68.22
N MET B 361 -36.80 21.05 -67.05
CA MET B 361 -36.23 21.85 -65.96
C MET B 361 -34.80 22.28 -66.28
N LEU B 362 -33.94 21.34 -66.66
CA LEU B 362 -32.54 21.65 -66.93
C LEU B 362 -32.31 22.16 -68.35
N GLN B 363 -33.28 22.00 -69.25
CA GLN B 363 -33.16 22.46 -70.64
C GLN B 363 -31.92 21.89 -71.31
N ILE B 364 -31.77 20.57 -71.20
CA ILE B 364 -30.67 19.86 -71.84
C ILE B 364 -31.25 18.72 -72.68
N LYS B 365 -30.43 18.24 -73.60
CA LYS B 365 -30.80 17.07 -74.40
C LYS B 365 -30.37 15.81 -73.68
N LEU B 366 -31.32 14.88 -73.51
CA LEU B 366 -31.01 13.61 -72.88
C LEU B 366 -30.04 12.83 -73.76
N ASN B 367 -28.79 12.73 -73.32
CA ASN B 367 -27.75 12.05 -74.09
C ASN B 367 -27.99 10.55 -74.02
N TRP B 368 -28.93 10.08 -74.85
CA TRP B 368 -29.26 8.67 -74.88
C TRP B 368 -28.10 7.87 -75.45
N GLN B 369 -27.55 6.97 -74.65
CA GLN B 369 -26.46 6.11 -75.05
C GLN B 369 -26.98 4.71 -75.36
N THR B 370 -26.42 4.09 -76.39
CA THR B 370 -26.75 2.72 -76.71
C THR B 370 -26.21 1.78 -75.63
N PRO B 371 -26.99 0.81 -75.20
CA PRO B 371 -26.52 -0.15 -74.20
C PRO B 371 -25.35 -0.95 -74.74
N PRO B 372 -24.61 -1.63 -73.86
CA PRO B 372 -23.57 -2.56 -74.32
C PRO B 372 -24.11 -3.99 -74.37
N ALA B 373 -23.47 -4.79 -75.21
CA ALA B 373 -23.76 -6.22 -75.30
C ALA B 373 -22.95 -6.97 -74.25
N ASN B 374 -23.45 -8.13 -73.85
CA ASN B 374 -22.79 -8.86 -72.77
C ASN B 374 -21.42 -9.35 -73.21
N SER B 375 -20.42 -9.09 -72.36
CA SER B 375 -19.03 -9.45 -72.56
C SER B 375 -18.42 -9.95 -71.25
N SER B 376 -19.27 -10.45 -70.34
CA SER B 376 -18.91 -11.02 -69.04
C SER B 376 -18.59 -9.93 -68.03
N ILE B 377 -19.03 -10.14 -66.78
CA ILE B 377 -19.02 -9.08 -65.78
C ILE B 377 -17.67 -9.05 -65.08
N ALA B 378 -17.08 -7.87 -64.97
CA ALA B 378 -15.83 -7.70 -64.26
C ALA B 378 -16.09 -7.36 -62.80
N THR B 379 -15.23 -7.86 -61.92
CA THR B 379 -15.38 -7.66 -60.49
C THR B 379 -14.71 -6.36 -60.06
N LEU B 380 -15.33 -5.67 -59.11
CA LEU B 380 -14.82 -4.40 -58.59
C LEU B 380 -14.35 -4.64 -57.16
N GLU B 381 -13.14 -5.18 -57.03
CA GLU B 381 -12.58 -5.45 -55.72
C GLU B 381 -12.30 -4.14 -54.97
N ALA B 382 -12.68 -4.11 -53.70
CA ALA B 382 -12.47 -2.93 -52.88
C ALA B 382 -10.98 -2.71 -52.63
N GLU B 383 -10.55 -1.44 -52.71
CA GLU B 383 -9.13 -1.15 -52.60
C GLU B 383 -8.59 -1.41 -51.20
N MET B 384 -9.44 -1.31 -50.18
CA MET B 384 -8.98 -1.45 -48.81
C MET B 384 -10.16 -1.78 -47.90
N ALA B 385 -9.83 -2.18 -46.67
CA ALA B 385 -10.80 -2.53 -45.65
C ALA B 385 -10.75 -1.50 -44.53
N THR B 386 -11.59 -1.72 -43.51
CA THR B 386 -11.74 -0.76 -42.43
C THR B 386 -11.71 -1.46 -41.07
N LEU B 387 -11.02 -0.84 -40.12
CA LEU B 387 -10.95 -1.30 -38.74
C LEU B 387 -11.72 -0.34 -37.84
N CYS B 388 -12.46 -0.90 -36.90
CA CYS B 388 -13.21 -0.15 -35.90
C CYS B 388 -12.55 -0.39 -34.55
N ILE B 389 -12.05 0.69 -33.95
CA ILE B 389 -11.35 0.63 -32.66
C ILE B 389 -12.26 1.24 -31.61
N ASP B 390 -12.53 0.48 -30.55
CA ASP B 390 -13.37 0.96 -29.46
C ASP B 390 -12.63 2.07 -28.71
N GLY B 391 -13.16 3.29 -28.79
CA GLY B 391 -12.54 4.43 -28.14
C GLY B 391 -13.16 5.73 -28.60
N GLY B 392 -12.57 6.36 -29.62
CA GLY B 392 -13.17 7.55 -30.19
C GLY B 392 -13.10 8.74 -29.24
N LYS B 393 -14.21 9.49 -29.18
CA LYS B 393 -14.26 10.67 -28.33
C LYS B 393 -14.65 10.36 -26.89
N LYS B 394 -15.18 9.17 -26.62
CA LYS B 394 -15.36 8.74 -25.23
C LYS B 394 -14.01 8.69 -24.52
N ALA B 395 -13.03 8.06 -25.17
CA ALA B 395 -11.63 8.22 -24.77
C ALA B 395 -11.08 9.50 -25.40
N LYS B 396 -9.81 9.78 -25.12
CA LYS B 396 -9.18 10.97 -25.69
C LYS B 396 -8.41 10.65 -26.96
N MET B 397 -9.03 9.87 -27.85
CA MET B 397 -8.36 9.41 -29.06
C MET B 397 -8.35 10.49 -30.13
N ARG B 398 -7.22 10.61 -30.81
CA ARG B 398 -7.01 11.57 -31.88
C ARG B 398 -6.51 10.83 -33.12
N PRO B 399 -6.67 11.41 -34.31
CA PRO B 399 -6.14 10.75 -35.51
C PRO B 399 -4.64 10.50 -35.44
N GLY B 400 -3.89 11.44 -34.86
CA GLY B 400 -2.46 11.25 -34.74
C GLY B 400 -2.10 10.07 -33.88
N ASP B 401 -2.88 9.80 -32.84
CA ASP B 401 -2.63 8.64 -31.99
C ASP B 401 -2.81 7.35 -32.78
N VAL B 402 -3.87 7.28 -33.59
CA VAL B 402 -4.11 6.08 -34.39
C VAL B 402 -3.00 5.90 -35.42
N LEU B 403 -2.57 6.99 -36.05
CA LEU B 403 -1.52 6.86 -37.07
C LEU B 403 -0.19 6.45 -36.45
N GLY B 404 0.25 7.16 -35.42
CA GLY B 404 1.50 6.82 -34.76
C GLY B 404 1.48 5.45 -34.11
N ALA B 405 0.31 5.02 -33.65
CA ALA B 405 0.18 3.66 -33.13
C ALA B 405 0.46 2.64 -34.22
N LEU B 406 -0.23 2.76 -35.36
CA LEU B 406 -0.08 1.80 -36.44
C LEU B 406 1.33 1.82 -37.01
N THR B 407 1.95 2.99 -37.12
CA THR B 407 3.30 3.12 -37.64
C THR B 407 4.26 3.23 -36.45
N GLY B 408 4.72 2.08 -35.98
CA GLY B 408 5.63 2.04 -34.86
C GLY B 408 5.86 0.65 -34.30
N ASP B 409 5.27 0.38 -33.13
CA ASP B 409 5.45 -0.93 -32.50
C ASP B 409 4.84 -2.04 -33.33
N ILE B 410 3.58 -1.88 -33.74
CA ILE B 410 2.96 -2.85 -34.65
C ILE B 410 3.64 -2.79 -36.02
N GLY B 411 4.19 -1.64 -36.38
CA GLY B 411 5.05 -1.53 -37.54
C GLY B 411 4.36 -1.63 -38.88
N LEU B 412 3.41 -0.72 -39.14
CA LEU B 412 2.76 -0.64 -40.43
C LEU B 412 3.43 0.45 -41.27
N ASP B 413 2.92 0.64 -42.48
CA ASP B 413 3.43 1.66 -43.40
C ASP B 413 2.40 2.77 -43.54
N GLY B 414 2.85 4.01 -43.40
CA GLY B 414 1.95 5.15 -43.50
C GLY B 414 1.25 5.29 -44.83
N ALA B 415 1.82 4.72 -45.89
CA ALA B 415 1.20 4.77 -47.21
C ALA B 415 0.10 3.74 -47.39
N ASP B 416 -0.10 2.84 -46.42
CA ASP B 416 -1.15 1.85 -46.48
C ASP B 416 -2.33 2.18 -45.58
N ILE B 417 -2.29 3.30 -44.87
CA ILE B 417 -3.34 3.70 -43.95
C ILE B 417 -4.18 4.79 -44.60
N GLY B 418 -5.49 4.60 -44.62
CA GLY B 418 -6.39 5.53 -45.28
C GLY B 418 -6.94 6.63 -44.40
N LYS B 419 -8.24 6.90 -44.55
CA LYS B 419 -8.89 7.99 -43.82
C LYS B 419 -9.25 7.54 -42.42
N ILE B 420 -8.91 8.37 -41.43
CA ILE B 420 -9.21 8.12 -40.02
C ILE B 420 -10.35 9.03 -39.60
N ALA B 421 -11.43 8.43 -39.09
CA ALA B 421 -12.61 9.15 -38.65
C ALA B 421 -12.83 8.86 -37.17
N VAL B 422 -12.85 9.92 -36.36
CA VAL B 422 -13.06 9.80 -34.92
C VAL B 422 -14.53 10.04 -34.62
N HIS B 423 -15.20 9.02 -34.11
CA HIS B 423 -16.60 9.04 -33.73
C HIS B 423 -16.74 9.00 -32.22
N PRO B 424 -17.96 9.24 -31.68
CA PRO B 424 -18.13 9.27 -30.22
C PRO B 424 -17.62 8.02 -29.51
N ALA B 425 -18.13 6.84 -29.87
CA ALA B 425 -17.80 5.61 -29.17
C ALA B 425 -16.74 4.77 -29.87
N HIS B 426 -16.40 5.09 -31.11
CA HIS B 426 -15.44 4.30 -31.87
C HIS B 426 -14.61 5.23 -32.75
N VAL B 427 -13.58 4.65 -33.38
CA VAL B 427 -12.79 5.35 -34.38
C VAL B 427 -12.50 4.37 -35.52
N TYR B 428 -12.74 4.82 -36.75
CA TYR B 428 -12.62 3.97 -37.92
C TYR B 428 -11.41 4.37 -38.74
N VAL B 429 -10.66 3.38 -39.22
CA VAL B 429 -9.43 3.61 -39.96
C VAL B 429 -9.40 2.70 -41.18
N ALA B 430 -9.10 3.28 -42.34
CA ALA B 430 -8.99 2.53 -43.58
C ALA B 430 -7.57 2.03 -43.76
N VAL B 431 -7.43 0.77 -44.14
CA VAL B 431 -6.12 0.13 -44.33
C VAL B 431 -6.17 -0.73 -45.59
N ARG B 432 -5.13 -0.63 -46.41
CA ARG B 432 -5.01 -1.42 -47.64
C ARG B 432 -5.38 -2.87 -47.40
N GLN B 433 -6.24 -3.40 -48.28
CA GLN B 433 -6.84 -4.71 -48.06
C GLN B 433 -5.79 -5.80 -47.95
N ALA B 434 -4.62 -5.60 -48.56
CA ALA B 434 -3.55 -6.58 -48.44
C ALA B 434 -3.05 -6.70 -47.00
N VAL B 435 -3.12 -5.63 -46.22
CA VAL B 435 -2.65 -5.63 -44.85
C VAL B 435 -3.81 -5.33 -43.92
N ALA B 436 -5.00 -5.83 -44.24
CA ALA B 436 -6.17 -5.62 -43.40
C ALA B 436 -6.14 -6.53 -42.18
N HIS B 437 -6.15 -7.84 -42.40
CA HIS B 437 -6.14 -8.78 -41.29
C HIS B 437 -4.83 -8.74 -40.51
N LYS B 438 -3.71 -8.47 -41.18
CA LYS B 438 -2.44 -8.34 -40.48
C LYS B 438 -2.49 -7.22 -39.46
N ALA B 439 -2.86 -6.01 -39.90
CA ALA B 439 -2.95 -4.88 -38.98
C ALA B 439 -4.03 -5.11 -37.92
N TRP B 440 -5.12 -5.79 -38.28
CA TRP B 440 -6.16 -6.08 -37.30
C TRP B 440 -5.63 -6.96 -36.19
N LYS B 441 -5.10 -8.14 -36.54
CA LYS B 441 -4.65 -9.09 -35.53
C LYS B 441 -3.40 -8.61 -34.80
N GLN B 442 -2.65 -7.66 -35.36
CA GLN B 442 -1.48 -7.16 -34.65
C GLN B 442 -1.84 -5.98 -33.73
N LEU B 443 -2.79 -5.15 -34.13
CA LEU B 443 -3.26 -4.09 -33.25
C LEU B 443 -4.17 -4.62 -32.15
N GLN B 444 -4.79 -5.79 -32.36
CA GLN B 444 -5.63 -6.39 -31.34
C GLN B 444 -4.81 -6.78 -30.11
N GLY B 445 -3.55 -7.12 -30.30
CA GLY B 445 -2.67 -7.42 -29.19
C GLY B 445 -1.78 -6.25 -28.82
N GLY B 446 -1.84 -5.19 -29.65
CA GLY B 446 -1.07 -3.99 -29.40
C GLY B 446 -1.78 -3.03 -28.48
N LYS B 447 -1.23 -1.82 -28.39
CA LYS B 447 -1.79 -0.78 -27.53
C LYS B 447 -1.70 0.57 -28.23
N ILE B 448 -2.79 1.32 -28.18
CA ILE B 448 -2.85 2.68 -28.71
C ILE B 448 -2.82 3.64 -27.53
N LYS B 449 -1.79 4.48 -27.47
CA LYS B 449 -1.63 5.47 -26.40
C LYS B 449 -1.53 4.78 -25.04
N GLY B 450 -0.66 3.77 -24.96
CA GLY B 450 -0.41 3.06 -23.72
C GLY B 450 -1.53 2.14 -23.29
N LYS B 451 -2.75 2.39 -23.75
CA LYS B 451 -3.93 1.61 -23.36
C LYS B 451 -4.25 0.60 -24.46
N THR B 452 -4.44 -0.65 -24.06
CA THR B 452 -4.89 -1.67 -25.01
C THR B 452 -6.36 -1.43 -25.36
N CYS B 453 -6.71 -1.72 -26.61
CA CYS B 453 -8.04 -1.40 -27.11
C CYS B 453 -8.58 -2.54 -27.95
N ARG B 454 -9.90 -2.57 -28.06
CA ARG B 454 -10.60 -3.57 -28.87
C ARG B 454 -10.69 -3.10 -30.32
N VAL B 455 -10.07 -3.84 -31.23
CA VAL B 455 -10.17 -3.54 -32.64
C VAL B 455 -10.93 -4.67 -33.33
N ARG B 456 -11.69 -4.32 -34.36
CA ARG B 456 -12.48 -5.30 -35.10
C ARG B 456 -12.45 -4.93 -36.58
N LEU B 457 -12.30 -5.94 -37.43
CA LEU B 457 -12.29 -5.72 -38.87
C LEU B 457 -13.72 -5.72 -39.39
N LEU B 458 -14.16 -4.58 -39.92
CA LEU B 458 -15.55 -4.42 -40.36
C LEU B 458 -15.76 -5.19 -41.66
N LYS B 459 -16.45 -6.33 -41.57
CA LYS B 459 -16.77 -7.10 -42.77
C LYS B 459 -18.25 -6.96 -43.11
N MET C 3 -52.58 -5.59 27.54
CA MET C 3 -53.17 -4.30 27.22
C MET C 3 -52.14 -3.36 26.61
N THR C 4 -50.89 -3.46 27.08
CA THR C 4 -49.81 -2.59 26.63
C THR C 4 -48.83 -3.28 25.70
N ALA C 5 -49.10 -4.53 25.31
CA ALA C 5 -48.25 -5.18 24.32
C ALA C 5 -48.44 -4.52 22.96
N PHE C 6 -47.55 -4.85 22.03
CA PHE C 6 -47.55 -4.18 20.74
C PHE C 6 -48.61 -4.71 19.79
N SER C 7 -49.06 -5.95 19.97
CA SER C 7 -50.08 -6.54 19.11
C SER C 7 -51.48 -6.07 19.44
N THR C 8 -51.63 -5.02 20.26
CA THR C 8 -52.96 -4.52 20.60
C THR C 8 -53.65 -3.95 19.37
N LEU C 9 -53.01 -3.01 18.67
CA LEU C 9 -53.55 -2.54 17.40
C LEU C 9 -53.36 -3.63 16.34
N ASN C 10 -54.40 -3.82 15.53
CA ASN C 10 -54.41 -4.85 14.50
C ASN C 10 -53.82 -4.38 13.18
N VAL C 11 -53.26 -3.17 13.15
CA VAL C 11 -52.82 -2.59 11.88
C VAL C 11 -51.44 -3.07 11.45
N LEU C 12 -50.59 -3.50 12.39
CA LEU C 12 -49.24 -3.88 11.99
C LEU C 12 -49.23 -5.31 11.45
N PRO C 13 -48.49 -5.55 10.37
CA PRO C 13 -48.38 -6.91 9.82
C PRO C 13 -47.57 -7.79 10.76
N PRO C 14 -47.60 -9.12 10.57
CA PRO C 14 -46.78 -10.00 11.41
C PRO C 14 -45.28 -9.77 11.23
N ALA C 15 -44.86 -9.38 10.02
CA ALA C 15 -43.44 -9.09 9.81
C ALA C 15 -42.98 -7.92 10.67
N GLN C 16 -43.84 -6.89 10.80
CA GLN C 16 -43.47 -5.74 11.62
C GLN C 16 -43.44 -6.10 13.10
N LEU C 17 -44.37 -6.95 13.54
CA LEU C 17 -44.35 -7.40 14.93
C LEU C 17 -43.08 -8.19 15.23
N THR C 18 -42.69 -9.08 14.32
CA THR C 18 -41.44 -9.83 14.51
C THR C 18 -40.24 -8.90 14.48
N ASN C 19 -40.27 -7.87 13.62
CA ASN C 19 -39.16 -6.91 13.59
C ASN C 19 -39.05 -6.15 14.89
N LEU C 20 -40.19 -5.68 15.43
CA LEU C 20 -40.17 -4.98 16.70
C LEU C 20 -39.67 -5.88 17.82
N ASN C 21 -40.08 -7.15 17.83
CA ASN C 21 -39.57 -8.07 18.83
C ASN C 21 -38.07 -8.32 18.66
N GLU C 22 -37.59 -8.27 17.43
CA GLU C 22 -36.16 -8.48 17.18
C GLU C 22 -35.33 -7.28 17.63
N LEU C 23 -35.86 -6.07 17.45
CA LEU C 23 -35.12 -4.85 17.75
C LEU C 23 -35.19 -4.46 19.23
N GLY C 24 -35.88 -5.23 20.06
CA GLY C 24 -36.01 -4.90 21.46
C GLY C 24 -37.20 -4.05 21.82
N TYR C 25 -38.04 -3.70 20.84
CA TYR C 25 -39.25 -2.91 21.11
C TYR C 25 -40.31 -3.88 21.63
N LEU C 26 -40.16 -4.26 22.90
CA LEU C 26 -41.03 -5.26 23.50
C LEU C 26 -42.39 -4.67 23.85
N THR C 27 -42.40 -3.61 24.65
CA THR C 27 -43.62 -2.99 25.12
C THR C 27 -43.78 -1.61 24.49
N MET C 28 -45.02 -1.13 24.45
CA MET C 28 -45.31 0.20 23.96
C MET C 28 -45.11 1.22 25.06
N THR C 29 -44.38 2.30 24.74
CA THR C 29 -44.28 3.42 25.65
C THR C 29 -45.61 4.19 25.65
N PRO C 30 -45.87 5.01 26.68
CA PRO C 30 -47.13 5.75 26.70
C PRO C 30 -47.39 6.58 25.45
N VAL C 31 -46.38 7.28 24.94
CA VAL C 31 -46.58 8.12 23.76
C VAL C 31 -46.96 7.26 22.56
N GLN C 32 -46.30 6.10 22.40
CA GLN C 32 -46.61 5.23 21.28
C GLN C 32 -48.03 4.71 21.37
N ALA C 33 -48.39 4.12 22.51
CA ALA C 33 -49.72 3.54 22.67
C ALA C 33 -50.82 4.59 22.54
N ALA C 34 -50.54 5.84 22.92
CA ALA C 34 -51.54 6.89 22.86
C ALA C 34 -51.60 7.60 21.52
N ALA C 35 -50.54 7.55 20.72
CA ALA C 35 -50.50 8.27 19.46
C ALA C 35 -50.71 7.40 18.23
N LEU C 36 -50.13 6.19 18.21
CA LEU C 36 -50.22 5.32 17.05
C LEU C 36 -51.63 5.08 16.54
N PRO C 37 -52.63 4.76 17.39
CA PRO C 37 -53.99 4.55 16.83
C PRO C 37 -54.51 5.75 16.06
N ALA C 38 -54.28 6.96 16.56
CA ALA C 38 -54.68 8.14 15.81
C ALA C 38 -53.80 8.37 14.59
N ILE C 39 -52.53 7.97 14.65
CA ILE C 39 -51.61 8.22 13.56
C ILE C 39 -51.94 7.34 12.36
N LEU C 40 -51.87 6.02 12.54
CA LEU C 40 -52.15 5.10 11.43
C LEU C 40 -53.64 4.99 11.10
N ALA C 41 -54.46 5.94 11.56
CA ALA C 41 -55.84 6.05 11.13
C ALA C 41 -56.04 7.21 10.16
N GLY C 42 -55.01 8.02 9.91
CA GLY C 42 -55.07 9.10 8.96
C GLY C 42 -55.20 10.49 9.55
N LYS C 43 -55.29 10.62 10.87
CA LYS C 43 -55.51 11.92 11.48
C LYS C 43 -54.19 12.68 11.63
N ASP C 44 -54.27 14.00 11.45
CA ASP C 44 -53.12 14.87 11.74
C ASP C 44 -53.02 15.07 13.24
N VAL C 45 -51.81 14.91 13.78
CA VAL C 45 -51.64 14.85 15.23
C VAL C 45 -50.55 15.82 15.67
N ARG C 46 -50.70 16.36 16.87
CA ARG C 46 -49.69 17.16 17.54
C ARG C 46 -49.45 16.55 18.92
N VAL C 47 -48.25 16.01 19.13
CA VAL C 47 -47.95 15.15 20.27
C VAL C 47 -46.92 15.83 21.16
N GLN C 48 -47.16 15.80 22.47
CA GLN C 48 -46.21 16.24 23.48
C GLN C 48 -45.96 15.06 24.43
N ALA C 49 -44.69 14.75 24.67
CA ALA C 49 -44.32 13.62 25.51
C ALA C 49 -42.95 13.86 26.11
N LYS C 50 -42.57 12.96 27.03
CA LYS C 50 -41.29 13.05 27.72
C LYS C 50 -40.14 13.01 26.72
N THR C 51 -39.00 13.59 27.13
CA THR C 51 -37.78 13.49 26.35
C THR C 51 -37.21 12.08 26.46
N GLY C 52 -37.01 11.42 25.32
CA GLY C 52 -36.48 10.08 25.32
C GLY C 52 -37.50 9.03 25.70
N SER C 53 -38.69 9.11 25.11
CA SER C 53 -39.76 8.17 25.38
C SER C 53 -40.24 7.43 24.13
N GLY C 54 -39.58 7.63 22.99
CA GLY C 54 -39.90 6.88 21.80
C GLY C 54 -40.79 7.56 20.78
N LYS C 55 -40.75 8.89 20.69
CA LYS C 55 -41.56 9.58 19.69
C LYS C 55 -41.11 9.25 18.27
N THR C 56 -39.82 9.01 18.09
CA THR C 56 -39.29 8.71 16.75
C THR C 56 -39.97 7.48 16.17
N ALA C 57 -39.90 6.36 16.88
CA ALA C 57 -40.60 5.16 16.44
C ALA C 57 -42.11 5.39 16.39
N ALA C 58 -42.63 6.26 17.26
CA ALA C 58 -44.06 6.54 17.28
C ALA C 58 -44.53 7.08 15.95
N PHE C 59 -43.83 8.07 15.39
CA PHE C 59 -44.27 8.56 14.08
C PHE C 59 -43.76 7.70 12.94
N GLY C 60 -42.63 7.00 13.13
CA GLY C 60 -42.09 6.19 12.05
C GLY C 60 -42.92 4.96 11.75
N LEU C 61 -43.57 4.39 12.77
CA LEU C 61 -44.40 3.22 12.53
C LEU C 61 -45.61 3.56 11.68
N GLY C 62 -46.29 4.68 11.98
CA GLY C 62 -47.37 5.12 11.11
C GLY C 62 -46.87 5.52 9.74
N LEU C 63 -45.67 6.14 9.69
CA LEU C 63 -45.03 6.44 8.41
C LEU C 63 -44.93 5.20 7.53
N LEU C 64 -44.38 4.11 8.10
CA LEU C 64 -44.19 2.89 7.33
C LEU C 64 -45.50 2.15 7.10
N GLN C 65 -46.48 2.32 7.99
CA GLN C 65 -47.77 1.68 7.79
C GLN C 65 -48.52 2.34 6.63
N GLN C 66 -48.28 3.62 6.38
CA GLN C 66 -48.92 4.29 5.25
C GLN C 66 -47.91 4.51 4.12
N ILE C 67 -47.14 3.47 3.77
CA ILE C 67 -46.12 3.57 2.74
C ILE C 67 -46.25 2.40 1.79
N ASP C 68 -45.73 2.57 0.58
CA ASP C 68 -45.77 1.56 -0.47
C ASP C 68 -44.40 1.46 -1.11
N ALA C 69 -43.79 0.27 -1.03
CA ALA C 69 -42.42 0.09 -1.50
C ALA C 69 -42.33 -0.15 -3.00
N SER C 70 -43.40 -0.62 -3.64
CA SER C 70 -43.36 -0.85 -5.08
C SER C 70 -43.36 0.46 -5.86
N LEU C 71 -44.06 1.48 -5.36
CA LEU C 71 -44.06 2.80 -5.97
C LEU C 71 -42.74 3.48 -5.63
N PHE C 72 -41.90 3.69 -6.64
CA PHE C 72 -40.59 4.31 -6.46
C PHE C 72 -40.70 5.84 -6.52
N GLN C 73 -41.42 6.40 -5.56
CA GLN C 73 -41.59 7.84 -5.45
C GLN C 73 -41.72 8.21 -3.99
N THR C 74 -41.24 9.42 -3.66
CA THR C 74 -41.21 9.85 -2.27
C THR C 74 -42.62 10.00 -1.71
N GLN C 75 -42.87 9.35 -0.57
CA GLN C 75 -44.17 9.37 0.08
C GLN C 75 -44.14 9.93 1.49
N ALA C 76 -42.96 10.12 2.08
CA ALA C 76 -42.84 10.54 3.46
C ALA C 76 -41.72 11.57 3.59
N LEU C 77 -42.01 12.69 4.25
CA LEU C 77 -41.02 13.74 4.48
C LEU C 77 -40.95 14.04 5.96
N VAL C 78 -39.75 13.94 6.54
CA VAL C 78 -39.50 14.25 7.94
C VAL C 78 -38.53 15.42 8.00
N LEU C 79 -38.84 16.39 8.86
CA LEU C 79 -38.05 17.60 8.97
C LEU C 79 -37.39 17.68 10.35
N CYS C 80 -36.09 17.92 10.38
CA CYS C 80 -35.32 17.98 11.61
C CYS C 80 -34.62 19.33 11.76
N PRO C 81 -34.32 19.75 13.00
CA PRO C 81 -33.66 21.04 13.20
C PRO C 81 -32.15 20.99 12.99
N THR C 82 -31.53 19.84 13.23
CA THR C 82 -30.08 19.69 13.08
C THR C 82 -29.78 18.53 12.15
N ARG C 83 -28.53 18.49 11.68
CA ARG C 83 -28.12 17.45 10.73
C ARG C 83 -27.87 16.12 11.42
N GLU C 84 -27.27 16.13 12.61
CA GLU C 84 -27.04 14.89 13.34
C GLU C 84 -28.35 14.23 13.75
N LEU C 85 -29.33 15.04 14.17
CA LEU C 85 -30.63 14.47 14.49
C LEU C 85 -31.31 13.90 13.25
N ALA C 86 -31.12 14.55 12.10
CA ALA C 86 -31.64 13.99 10.85
C ALA C 86 -31.02 12.64 10.54
N ASP C 87 -29.70 12.53 10.70
CA ASP C 87 -29.03 11.26 10.48
C ASP C 87 -29.55 10.19 11.44
N GLN C 88 -29.72 10.57 12.72
CA GLN C 88 -30.19 9.61 13.72
C GLN C 88 -31.60 9.12 13.40
N VAL C 89 -32.50 10.05 13.04
CA VAL C 89 -33.87 9.66 12.71
C VAL C 89 -33.89 8.80 11.45
N ALA C 90 -33.04 9.13 10.47
CA ALA C 90 -32.98 8.33 9.26
C ALA C 90 -32.53 6.91 9.57
N GLY C 91 -31.52 6.76 10.42
CA GLY C 91 -31.08 5.43 10.82
C GLY C 91 -32.15 4.65 11.56
N GLU C 92 -32.83 5.31 12.50
CA GLU C 92 -33.87 4.60 13.26
C GLU C 92 -35.04 4.21 12.37
N LEU C 93 -35.37 5.04 11.38
CA LEU C 93 -36.41 4.66 10.43
C LEU C 93 -35.96 3.52 9.55
N ARG C 94 -34.67 3.49 9.18
CA ARG C 94 -34.15 2.39 8.37
C ARG C 94 -34.22 1.07 9.14
N ARG C 95 -33.95 1.11 10.45
CA ARG C 95 -34.09 -0.11 11.24
C ARG C 95 -35.54 -0.58 11.29
N LEU C 96 -36.48 0.35 11.45
CA LEU C 96 -37.89 -0.02 11.47
C LEU C 96 -38.41 -0.41 10.09
N ALA C 97 -37.76 0.06 9.03
CA ALA C 97 -38.12 -0.30 7.65
C ALA C 97 -37.45 -1.59 7.21
N ARG C 98 -37.30 -2.54 8.12
CA ARG C 98 -36.68 -3.83 7.81
C ARG C 98 -37.70 -4.91 7.44
N PHE C 99 -38.96 -4.76 7.88
CA PHE C 99 -39.99 -5.70 7.47
C PHE C 99 -40.44 -5.49 6.03
N LEU C 100 -40.22 -4.30 5.48
CA LEU C 100 -40.50 -4.01 4.08
C LEU C 100 -39.20 -4.07 3.30
N PRO C 101 -38.93 -5.15 2.56
CA PRO C 101 -37.67 -5.24 1.82
C PRO C 101 -37.57 -4.17 0.74
N ASN C 102 -36.35 -3.68 0.54
CA ASN C 102 -36.06 -2.61 -0.43
C ASN C 102 -36.85 -1.35 -0.10
N THR C 103 -36.56 -0.77 1.05
CA THR C 103 -37.13 0.50 1.49
C THR C 103 -36.00 1.52 1.55
N LYS C 104 -36.02 2.48 0.64
CA LYS C 104 -34.95 3.47 0.53
C LYS C 104 -35.32 4.70 1.35
N ILE C 105 -34.47 5.04 2.31
CA ILE C 105 -34.66 6.21 3.17
C ILE C 105 -33.43 7.10 3.00
N LEU C 106 -33.62 8.28 2.43
CA LEU C 106 -32.52 9.20 2.16
C LEU C 106 -32.46 10.31 3.21
N THR C 107 -31.27 10.88 3.33
CA THR C 107 -30.98 11.96 4.27
C THR C 107 -30.50 13.17 3.49
N LEU C 108 -31.23 14.28 3.61
CA LEU C 108 -30.93 15.51 2.88
C LEU C 108 -30.61 16.61 3.90
N CYS C 109 -29.33 16.87 4.11
CA CYS C 109 -28.90 17.88 5.06
C CYS C 109 -27.57 18.47 4.61
N GLY C 110 -27.27 19.66 5.12
CA GLY C 110 -26.06 20.36 4.75
C GLY C 110 -24.80 19.66 5.24
N GLY C 111 -23.67 20.15 4.76
CA GLY C 111 -22.39 19.54 5.06
C GLY C 111 -22.09 18.40 4.11
N GLN C 112 -23.12 17.64 3.76
CA GLN C 112 -22.97 16.57 2.79
C GLN C 112 -22.96 17.15 1.38
N PRO C 113 -22.11 16.66 0.50
CA PRO C 113 -22.02 17.23 -0.86
C PRO C 113 -23.32 17.08 -1.63
N PHE C 114 -23.49 17.94 -2.63
CA PHE C 114 -24.77 18.07 -3.33
C PHE C 114 -24.95 16.99 -4.39
N GLY C 115 -24.08 16.98 -5.40
CA GLY C 115 -24.25 16.04 -6.51
C GLY C 115 -24.28 14.59 -6.05
N MET C 116 -23.58 14.27 -4.97
CA MET C 116 -23.66 12.92 -4.41
C MET C 116 -25.07 12.60 -3.94
N GLN C 117 -25.76 13.59 -3.33
CA GLN C 117 -27.16 13.41 -3.01
C GLN C 117 -27.99 13.27 -4.29
N ARG C 118 -27.67 14.06 -5.31
CA ARG C 118 -28.45 14.06 -6.54
C ARG C 118 -28.45 12.70 -7.22
N ASP C 119 -27.27 12.08 -7.33
CA ASP C 119 -27.18 10.78 -7.99
C ASP C 119 -28.01 9.73 -7.25
N SER C 120 -27.97 9.74 -5.92
CA SER C 120 -28.80 8.83 -5.15
C SER C 120 -30.27 9.24 -5.19
N LEU C 121 -30.56 10.49 -5.53
CA LEU C 121 -31.92 11.00 -5.56
C LEU C 121 -32.62 10.74 -6.89
N GLN C 122 -31.88 10.37 -7.94
CA GLN C 122 -32.51 10.03 -9.21
C GLN C 122 -33.43 8.83 -9.05
N HIS C 123 -33.03 7.85 -8.25
CA HIS C 123 -33.92 6.78 -7.82
C HIS C 123 -34.64 7.28 -6.58
N ALA C 124 -35.86 7.78 -6.76
CA ALA C 124 -36.55 8.51 -5.71
C ALA C 124 -36.68 7.65 -4.46
N PRO C 125 -36.33 8.16 -3.29
CA PRO C 125 -36.44 7.36 -2.07
C PRO C 125 -37.84 7.40 -1.50
N HIS C 126 -38.16 6.35 -0.74
CA HIS C 126 -39.50 6.25 -0.16
C HIS C 126 -39.70 7.26 0.95
N ILE C 127 -38.66 7.52 1.75
CA ILE C 127 -38.72 8.48 2.84
C ILE C 127 -37.54 9.42 2.71
N ILE C 128 -37.76 10.69 3.04
CA ILE C 128 -36.70 11.70 3.03
C ILE C 128 -36.68 12.35 4.40
N VAL C 129 -35.61 12.14 5.15
CA VAL C 129 -35.36 12.85 6.39
C VAL C 129 -34.39 13.98 6.09
N ALA C 130 -34.78 15.21 6.39
CA ALA C 130 -34.04 16.35 5.85
C ALA C 130 -34.09 17.53 6.81
N THR C 131 -33.12 18.43 6.62
CA THR C 131 -33.10 19.78 7.16
C THR C 131 -33.58 20.77 6.10
N PRO C 132 -34.29 21.83 6.51
CA PRO C 132 -34.94 22.70 5.50
C PRO C 132 -33.98 23.37 4.54
N GLY C 133 -32.73 23.63 4.95
CA GLY C 133 -31.80 24.33 4.09
C GLY C 133 -31.48 23.58 2.82
N ARG C 134 -31.03 22.33 2.94
CA ARG C 134 -30.69 21.54 1.76
C ARG C 134 -31.93 21.05 1.03
N LEU C 135 -33.00 20.73 1.77
CA LEU C 135 -34.23 20.28 1.13
C LEU C 135 -34.81 21.36 0.24
N LEU C 136 -34.82 22.61 0.73
CA LEU C 136 -35.31 23.72 -0.07
C LEU C 136 -34.41 23.93 -1.29
N ASP C 137 -33.11 23.70 -1.12
CA ASP C 137 -32.16 23.82 -2.27
C ASP C 137 -32.54 22.78 -3.32
N HIS C 138 -32.83 21.54 -2.90
CA HIS C 138 -33.20 20.50 -3.85
C HIS C 138 -34.54 20.80 -4.52
N LEU C 139 -35.49 21.37 -3.77
CA LEU C 139 -36.78 21.69 -4.34
C LEU C 139 -36.67 22.81 -5.38
N GLN C 140 -35.81 23.79 -5.12
CA GLN C 140 -35.59 24.86 -6.09
C GLN C 140 -34.94 24.32 -7.35
N LYS C 141 -33.88 23.53 -7.19
CA LYS C 141 -33.21 22.93 -8.35
C LYS C 141 -34.01 21.78 -8.95
N GLY C 142 -35.10 21.37 -8.32
CA GLY C 142 -36.02 20.42 -8.92
C GLY C 142 -35.57 18.98 -8.87
N THR C 143 -35.13 18.50 -7.71
CA THR C 143 -34.71 17.11 -7.57
C THR C 143 -35.61 16.29 -6.66
N VAL C 144 -36.42 16.93 -5.81
CA VAL C 144 -37.39 16.24 -4.96
C VAL C 144 -38.78 16.62 -5.43
N SER C 145 -39.63 15.61 -5.62
CA SER C 145 -41.01 15.81 -6.07
C SER C 145 -41.94 15.31 -4.97
N LEU C 146 -42.47 16.22 -4.18
CA LEU C 146 -43.37 15.89 -3.08
C LEU C 146 -44.82 15.74 -3.54
N ASP C 147 -45.07 15.57 -4.83
CA ASP C 147 -46.44 15.48 -5.32
C ASP C 147 -47.15 14.26 -4.77
N ALA C 148 -46.44 13.15 -4.61
CA ALA C 148 -46.99 11.92 -4.06
C ALA C 148 -46.74 11.78 -2.57
N LEU C 149 -46.66 12.89 -1.84
CA LEU C 149 -46.36 12.84 -0.42
C LEU C 149 -47.59 12.40 0.36
N ASN C 150 -47.41 11.39 1.21
CA ASN C 150 -48.47 10.89 2.08
C ASN C 150 -48.43 11.51 3.47
N THR C 151 -47.24 11.59 4.07
CA THR C 151 -47.10 12.03 5.45
C THR C 151 -45.95 13.01 5.57
N LEU C 152 -46.19 14.08 6.33
CA LEU C 152 -45.18 15.07 6.66
C LEU C 152 -45.05 15.12 8.17
N VAL C 153 -43.87 14.76 8.68
CA VAL C 153 -43.59 14.71 10.11
C VAL C 153 -42.57 15.79 10.44
N MET C 154 -42.80 16.48 11.56
CA MET C 154 -41.85 17.46 12.07
C MET C 154 -41.49 17.05 13.50
N ASP C 155 -40.27 16.54 13.66
CA ASP C 155 -39.74 16.20 14.97
C ASP C 155 -39.14 17.45 15.61
N GLU C 156 -39.31 17.57 16.92
CA GLU C 156 -39.00 18.82 17.63
C GLU C 156 -39.69 19.99 16.94
N ALA C 157 -41.01 19.89 16.83
CA ALA C 157 -41.78 20.79 15.99
C ALA C 157 -41.81 22.21 16.54
N ASP C 158 -41.77 22.38 17.87
CA ASP C 158 -41.82 23.72 18.43
C ASP C 158 -40.60 24.54 18.03
N ARG C 159 -39.46 23.89 17.78
CA ARG C 159 -38.31 24.60 17.26
C ARG C 159 -38.42 24.78 15.74
N MET C 160 -39.09 23.85 15.06
CA MET C 160 -39.29 23.99 13.62
C MET C 160 -40.36 25.01 13.26
N LEU C 161 -41.09 25.54 14.25
CA LEU C 161 -42.17 26.48 14.00
C LEU C 161 -41.95 27.82 14.71
N ASP C 162 -40.70 28.16 15.05
CA ASP C 162 -40.39 29.47 15.57
C ASP C 162 -39.86 30.36 14.46
N MET C 163 -39.35 31.53 14.82
CA MET C 163 -39.00 32.53 13.82
C MET C 163 -37.76 32.16 13.03
N GLY C 164 -36.85 31.38 13.63
CA GLY C 164 -35.62 31.03 12.92
C GLY C 164 -35.87 30.17 11.69
N PHE C 165 -36.79 29.23 11.79
CA PHE C 165 -37.12 28.33 10.69
C PHE C 165 -38.45 28.66 10.03
N SER C 166 -39.13 29.73 10.46
CA SER C 166 -40.46 30.04 9.92
C SER C 166 -40.41 30.27 8.42
N ASP C 167 -39.56 31.19 7.98
CA ASP C 167 -39.52 31.53 6.55
C ASP C 167 -39.01 30.38 5.70
N ALA C 168 -38.19 29.49 6.28
CA ALA C 168 -37.70 28.34 5.53
C ALA C 168 -38.70 27.21 5.48
N ILE C 169 -39.55 27.08 6.51
CA ILE C 169 -40.55 26.02 6.52
C ILE C 169 -41.71 26.36 5.59
N ASP C 170 -42.15 27.62 5.59
CA ASP C 170 -43.21 28.04 4.69
C ASP C 170 -42.78 27.94 3.23
N ASP C 171 -41.48 28.05 2.96
CA ASP C 171 -40.98 27.84 1.61
C ASP C 171 -40.97 26.37 1.23
N VAL C 172 -41.05 25.47 2.21
CA VAL C 172 -41.11 24.04 1.93
C VAL C 172 -42.54 23.55 1.81
N ILE C 173 -43.45 24.10 2.62
CA ILE C 173 -44.85 23.68 2.53
C ILE C 173 -45.49 24.10 1.23
N ARG C 174 -44.88 25.05 0.51
CA ARG C 174 -45.41 25.45 -0.79
C ARG C 174 -45.22 24.35 -1.84
N PHE C 175 -44.20 23.51 -1.67
CA PHE C 175 -43.95 22.40 -2.57
C PHE C 175 -44.73 21.14 -2.22
N ALA C 176 -45.42 21.13 -1.07
CA ALA C 176 -46.17 19.98 -0.60
C ALA C 176 -47.64 20.13 -0.93
N PRO C 177 -48.34 19.02 -1.17
CA PRO C 177 -49.79 19.09 -1.40
C PRO C 177 -50.52 19.33 -0.09
N ALA C 178 -51.56 20.16 -0.14
CA ALA C 178 -52.34 20.43 1.05
C ALA C 178 -53.03 19.17 1.55
N SER C 179 -53.49 18.32 0.63
CA SER C 179 -54.15 17.06 0.98
C SER C 179 -53.06 16.07 1.43
N ARG C 180 -52.71 16.16 2.71
CA ARG C 180 -51.63 15.35 3.26
C ARG C 180 -51.89 15.13 4.75
N GLN C 181 -51.26 14.09 5.29
CA GLN C 181 -51.28 13.87 6.74
C GLN C 181 -50.09 14.59 7.36
N THR C 182 -50.30 15.17 8.54
CA THR C 182 -49.29 15.97 9.20
C THR C 182 -49.15 15.57 10.66
N LEU C 183 -47.92 15.29 11.08
CA LEU C 183 -47.59 14.92 12.45
C LEU C 183 -46.58 15.93 12.99
N LEU C 184 -46.85 16.46 14.18
CA LEU C 184 -46.00 17.45 14.83
C LEU C 184 -45.63 16.91 16.21
N PHE C 185 -44.41 16.38 16.35
CA PHE C 185 -43.97 15.80 17.61
C PHE C 185 -43.00 16.73 18.32
N SER C 186 -43.15 16.84 19.65
CA SER C 186 -42.18 17.59 20.44
C SER C 186 -42.33 17.20 21.90
N ALA C 187 -41.36 17.63 22.70
CA ALA C 187 -41.42 17.47 24.15
C ALA C 187 -41.86 18.74 24.86
N THR C 188 -41.60 19.90 24.26
CA THR C 188 -42.01 21.20 24.81
C THR C 188 -42.88 21.92 23.81
N TRP C 189 -43.95 22.55 24.29
CA TRP C 189 -44.88 23.29 23.44
C TRP C 189 -45.27 24.60 24.12
N PRO C 190 -44.56 25.68 23.84
CA PRO C 190 -45.02 26.99 24.29
C PRO C 190 -46.36 27.33 23.65
N GLU C 191 -47.26 27.90 24.46
CA GLU C 191 -48.62 28.18 23.98
C GLU C 191 -48.62 29.08 22.75
N ALA C 192 -47.68 30.03 22.69
CA ALA C 192 -47.58 30.91 21.52
C ALA C 192 -47.25 30.11 20.27
N ILE C 193 -46.41 29.09 20.39
CA ILE C 193 -46.09 28.25 19.23
C ILE C 193 -47.24 27.32 18.91
N ALA C 194 -47.93 26.81 19.94
CA ALA C 194 -49.06 25.91 19.71
C ALA C 194 -50.21 26.62 19.02
N ALA C 195 -50.37 27.92 19.24
CA ALA C 195 -51.42 28.67 18.55
C ALA C 195 -51.16 28.69 17.04
N ILE C 196 -49.92 28.98 16.64
CA ILE C 196 -49.59 29.04 15.22
C ILE C 196 -49.49 27.64 14.62
N SER C 197 -49.29 26.61 15.44
CA SER C 197 -49.10 25.25 14.94
C SER C 197 -50.19 24.81 13.97
N GLY C 198 -51.42 25.31 14.15
CA GLY C 198 -52.54 24.87 13.34
C GLY C 198 -52.52 25.32 11.89
N ARG C 199 -51.50 26.04 11.44
CA ARG C 199 -51.48 26.54 10.07
C ARG C 199 -51.04 25.49 9.06
N VAL C 200 -50.45 24.38 9.51
CA VAL C 200 -49.99 23.33 8.61
C VAL C 200 -50.69 22.01 8.90
N GLN C 201 -51.87 22.06 9.51
CA GLN C 201 -52.63 20.87 9.85
C GLN C 201 -54.11 21.16 9.64
N ARG C 202 -54.87 20.11 9.37
CA ARG C 202 -56.32 20.19 9.22
C ARG C 202 -56.95 19.42 10.39
N ASP C 203 -57.61 20.16 11.28
CA ASP C 203 -58.24 19.59 12.47
C ASP C 203 -57.29 18.69 13.25
N PRO C 204 -56.18 19.22 13.76
CA PRO C 204 -55.19 18.37 14.40
C PRO C 204 -55.69 17.87 15.75
N LEU C 205 -55.33 16.63 16.08
CA LEU C 205 -55.63 16.05 17.38
C LEU C 205 -54.45 16.30 18.31
N ALA C 206 -54.72 16.96 19.43
CA ALA C 206 -53.68 17.26 20.42
C ALA C 206 -53.59 16.10 21.41
N ILE C 207 -52.42 15.50 21.52
CA ILE C 207 -52.17 14.39 22.44
C ILE C 207 -51.07 14.84 23.39
N GLU C 208 -51.46 15.21 24.62
CA GLU C 208 -50.54 15.63 25.66
C GLU C 208 -50.44 14.49 26.68
N ILE C 209 -49.52 13.55 26.40
CA ILE C 209 -49.27 12.47 27.35
C ILE C 209 -48.59 13.02 28.60
N ASP C 210 -47.71 14.00 28.42
CA ASP C 210 -46.95 14.60 29.52
C ASP C 210 -47.03 16.11 29.40
N SER C 211 -47.45 16.77 30.47
CA SER C 211 -47.35 18.21 30.53
C SER C 211 -45.89 18.63 30.59
N THR C 212 -45.64 19.91 30.30
CA THR C 212 -44.25 20.36 30.24
C THR C 212 -43.54 20.38 31.62
N ASP C 213 -44.15 19.81 32.67
CA ASP C 213 -43.50 19.67 33.96
C ASP C 213 -43.29 18.21 34.35
N ALA C 214 -43.72 17.26 33.53
CA ALA C 214 -43.52 15.83 33.78
C ALA C 214 -42.20 15.41 33.16
N LEU C 215 -41.17 15.28 33.98
CA LEU C 215 -39.83 15.02 33.48
C LEU C 215 -39.47 13.54 33.63
N PRO C 216 -38.55 13.05 32.82
CA PRO C 216 -38.01 11.70 33.04
C PRO C 216 -37.25 11.65 34.36
N PRO C 217 -36.89 10.47 34.85
CA PRO C 217 -36.19 10.41 36.14
C PRO C 217 -34.83 11.11 36.12
N ILE C 218 -34.81 12.43 36.01
CA ILE C 218 -33.58 13.22 35.99
C ILE C 218 -33.51 14.04 37.26
N GLU C 219 -32.42 13.89 38.00
CA GLU C 219 -32.18 14.67 39.20
C GLU C 219 -31.28 15.85 38.80
N GLN C 220 -31.68 17.07 39.17
CA GLN C 220 -30.94 18.26 38.77
C GLN C 220 -30.42 18.99 40.00
N GLN C 221 -29.14 19.37 39.96
CA GLN C 221 -28.51 20.18 41.00
C GLN C 221 -28.02 21.48 40.39
N PHE C 222 -28.06 22.55 41.19
CA PHE C 222 -27.64 23.87 40.75
C PHE C 222 -26.47 24.33 41.62
N TYR C 223 -25.41 24.80 40.96
CA TYR C 223 -24.21 25.26 41.65
C TYR C 223 -24.09 26.77 41.50
N GLU C 224 -23.83 27.43 42.61
CA GLU C 224 -23.71 28.88 42.66
C GLU C 224 -22.24 29.25 42.51
N THR C 225 -21.91 29.97 41.43
CA THR C 225 -20.51 30.30 41.15
C THR C 225 -20.42 31.57 40.33
N SER C 226 -19.24 32.17 40.33
CA SER C 226 -18.95 33.33 39.49
C SER C 226 -18.60 32.89 38.08
N SER C 227 -18.36 33.86 37.20
CA SER C 227 -18.01 33.57 35.82
C SER C 227 -16.57 33.08 35.69
N LYS C 228 -15.65 33.69 36.44
CA LYS C 228 -14.25 33.30 36.34
C LYS C 228 -14.03 31.88 36.84
N GLY C 229 -14.67 31.52 37.97
CA GLY C 229 -14.51 30.22 38.58
C GLY C 229 -15.30 29.10 37.94
N LYS C 230 -15.89 29.32 36.77
CA LYS C 230 -16.71 28.27 36.14
C LYS C 230 -15.85 27.12 35.62
N ILE C 231 -14.78 27.43 34.90
CA ILE C 231 -13.92 26.40 34.31
C ILE C 231 -13.21 25.58 35.38
N PRO C 232 -12.61 26.19 36.41
CA PRO C 232 -12.04 25.37 37.49
C PRO C 232 -13.09 24.53 38.20
N LEU C 233 -14.29 25.08 38.42
CA LEU C 233 -15.34 24.31 39.07
C LEU C 233 -15.76 23.13 38.22
N LEU C 234 -15.81 23.30 36.90
CA LEU C 234 -16.14 22.20 36.02
C LEU C 234 -15.07 21.12 36.06
N GLN C 235 -13.79 21.53 36.01
CA GLN C 235 -12.71 20.56 36.11
C GLN C 235 -12.77 19.81 37.43
N ARG C 236 -13.19 20.48 38.50
CA ARG C 236 -13.25 19.84 39.81
C ARG C 236 -14.43 18.88 39.89
N LEU C 237 -15.59 19.27 39.38
CA LEU C 237 -16.77 18.41 39.42
C LEU C 237 -16.60 17.17 38.53
N LEU C 238 -15.98 17.34 37.37
CA LEU C 238 -15.72 16.19 36.50
C LEU C 238 -14.80 15.19 37.18
N SER C 239 -13.77 15.69 37.87
CA SER C 239 -12.91 14.80 38.65
C SER C 239 -13.67 14.20 39.82
N LEU C 240 -14.59 14.97 40.41
CA LEU C 240 -15.28 14.51 41.60
C LEU C 240 -16.31 13.44 41.26
N HIS C 241 -17.13 13.69 40.23
CA HIS C 241 -18.14 12.70 39.83
C HIS C 241 -17.53 11.52 39.08
N GLN C 242 -16.40 11.74 38.40
CA GLN C 242 -15.73 10.70 37.63
C GLN C 242 -16.70 10.00 36.67
N PRO C 243 -17.35 10.75 35.78
CA PRO C 243 -18.39 10.14 34.94
C PRO C 243 -17.81 9.44 33.73
N SER C 244 -18.60 8.52 33.19
CA SER C 244 -18.22 7.82 31.96
C SER C 244 -18.67 8.57 30.72
N SER C 245 -19.86 9.15 30.75
CA SER C 245 -20.40 9.95 29.67
C SER C 245 -20.91 11.25 30.24
N CYS C 246 -20.45 12.37 29.69
CA CYS C 246 -20.89 13.68 30.18
C CYS C 246 -20.96 14.66 29.02
N VAL C 247 -22.05 15.42 28.97
CA VAL C 247 -22.25 16.44 27.96
C VAL C 247 -22.34 17.80 28.64
N VAL C 248 -21.52 18.74 28.18
CA VAL C 248 -21.44 20.08 28.76
C VAL C 248 -21.95 21.07 27.72
N PHE C 249 -23.02 21.78 28.06
CA PHE C 249 -23.68 22.71 27.15
C PHE C 249 -23.23 24.14 27.44
N CYS C 250 -22.91 24.88 26.38
CA CYS C 250 -22.56 26.29 26.46
C CYS C 250 -23.49 27.09 25.57
N ASN C 251 -23.52 28.41 25.80
CA ASN C 251 -24.44 29.27 25.08
C ASN C 251 -23.88 29.84 23.78
N THR C 252 -22.56 29.86 23.62
CA THR C 252 -21.94 30.34 22.39
C THR C 252 -20.91 29.32 21.92
N LYS C 253 -20.53 29.44 20.65
CA LYS C 253 -19.53 28.54 20.08
C LYS C 253 -18.15 28.81 20.67
N LYS C 254 -17.84 30.09 20.93
CA LYS C 254 -16.54 30.41 21.51
C LYS C 254 -16.42 29.86 22.92
N ASP C 255 -17.50 29.96 23.71
CA ASP C 255 -17.53 29.33 25.03
C ASP C 255 -17.35 27.82 24.94
N CYS C 256 -18.02 27.19 23.96
CA CYS C 256 -17.90 25.75 23.77
C CYS C 256 -16.45 25.35 23.49
N GLN C 257 -15.82 26.01 22.51
CA GLN C 257 -14.45 25.67 22.15
C GLN C 257 -13.49 25.95 23.30
N ALA C 258 -13.74 27.02 24.06
CA ALA C 258 -12.87 27.34 25.18
C ALA C 258 -12.97 26.29 26.28
N VAL C 259 -14.19 25.84 26.60
CA VAL C 259 -14.36 24.79 27.59
C VAL C 259 -13.67 23.51 27.14
N CYS C 260 -13.83 23.15 25.87
CA CYS C 260 -13.17 21.94 25.36
C CYS C 260 -11.65 22.06 25.45
N ASP C 261 -11.10 23.22 25.06
CA ASP C 261 -9.66 23.43 25.14
C ASP C 261 -9.16 23.34 26.58
N ALA C 262 -9.90 23.93 27.52
CA ALA C 262 -9.50 23.87 28.92
C ALA C 262 -9.50 22.44 29.43
N LEU C 263 -10.55 21.68 29.10
CA LEU C 263 -10.60 20.28 29.52
C LEU C 263 -9.44 19.49 28.95
N ASN C 264 -9.09 19.73 27.68
CA ASN C 264 -7.96 19.01 27.09
C ASN C 264 -6.65 19.42 27.75
N GLU C 265 -6.49 20.71 28.08
CA GLU C 265 -5.28 21.16 28.75
C GLU C 265 -5.14 20.55 30.13
N VAL C 266 -6.26 20.33 30.83
CA VAL C 266 -6.20 19.64 32.12
C VAL C 266 -6.04 18.12 31.94
N GLY C 267 -6.42 17.59 30.78
CA GLY C 267 -6.25 16.19 30.51
C GLY C 267 -7.47 15.37 30.92
N GLN C 268 -8.66 15.89 30.61
CA GLN C 268 -9.91 15.24 30.97
C GLN C 268 -10.65 14.72 29.74
N SER C 269 -9.97 14.61 28.60
CA SER C 269 -10.50 13.95 27.41
C SER C 269 -11.86 14.50 26.99
N ALA C 270 -11.87 15.61 26.25
CA ALA C 270 -13.11 16.22 25.81
C ALA C 270 -13.06 16.49 24.32
N LEU C 271 -14.19 16.30 23.67
CA LEU C 271 -14.39 16.64 22.27
C LEU C 271 -15.39 17.80 22.17
N SER C 272 -15.41 18.43 21.00
CA SER C 272 -16.19 19.64 20.79
C SER C 272 -17.17 19.45 19.64
N LEU C 273 -18.39 19.96 19.81
CA LEU C 273 -19.43 19.85 18.79
C LEU C 273 -20.15 21.19 18.71
N HIS C 274 -19.86 21.96 17.66
CA HIS C 274 -20.54 23.23 17.44
C HIS C 274 -20.58 23.52 15.95
N GLY C 275 -21.29 24.59 15.60
CA GLY C 275 -21.59 24.91 14.21
C GLY C 275 -20.45 25.47 13.40
N ASP C 276 -19.28 25.71 14.00
CA ASP C 276 -18.14 26.25 13.29
C ASP C 276 -17.13 25.18 12.88
N LEU C 277 -17.39 23.92 13.23
CA LEU C 277 -16.53 22.83 12.79
C LEU C 277 -16.98 22.30 11.43
N GLU C 278 -16.06 21.68 10.73
CA GLU C 278 -16.40 21.00 9.49
C GLU C 278 -17.34 19.84 9.78
N GLN C 279 -18.22 19.53 8.82
CA GLN C 279 -19.23 18.50 9.04
C GLN C 279 -18.59 17.14 9.26
N ARG C 280 -17.46 16.86 8.59
CA ARG C 280 -16.65 15.70 8.93
C ARG C 280 -16.39 15.66 10.42
N ASP C 281 -15.90 16.77 10.98
CA ASP C 281 -15.55 16.83 12.39
C ASP C 281 -16.78 16.63 13.26
N ARG C 282 -17.90 17.24 12.90
CA ARG C 282 -19.11 17.11 13.71
C ARG C 282 -19.58 15.67 13.77
N ASP C 283 -19.72 15.03 12.60
CA ASP C 283 -20.18 13.64 12.56
C ASP C 283 -19.21 12.73 13.29
N GLN C 284 -17.92 12.86 13.02
CA GLN C 284 -16.95 11.97 13.65
C GLN C 284 -16.86 12.20 15.15
N THR C 285 -17.00 13.45 15.59
CA THR C 285 -16.98 13.73 17.02
C THR C 285 -18.19 13.13 17.73
N LEU C 286 -19.38 13.28 17.13
CA LEU C 286 -20.56 12.65 17.72
C LEU C 286 -20.39 11.13 17.77
N VAL C 287 -19.85 10.53 16.71
CA VAL C 287 -19.61 9.09 16.71
C VAL C 287 -18.65 8.71 17.84
N ARG C 288 -17.52 9.41 17.94
CA ARG C 288 -16.51 9.10 18.94
C ARG C 288 -17.06 9.22 20.35
N PHE C 289 -17.81 10.28 20.64
CA PHE C 289 -18.40 10.41 21.96
C PHE C 289 -19.45 9.34 22.22
N ALA C 290 -20.20 8.94 21.19
CA ALA C 290 -21.24 7.93 21.39
C ALA C 290 -20.64 6.56 21.67
N ASN C 291 -19.61 6.15 20.93
CA ASN C 291 -19.05 4.82 21.12
C ASN C 291 -18.06 4.74 22.28
N GLY C 292 -17.80 5.84 22.97
CA GLY C 292 -16.91 5.83 24.11
C GLY C 292 -15.48 6.23 23.85
N SER C 293 -15.19 6.92 22.76
CA SER C 293 -13.84 7.40 22.48
C SER C 293 -13.53 8.74 23.14
N ALA C 294 -14.44 9.25 23.96
CA ALA C 294 -14.23 10.50 24.67
C ALA C 294 -15.15 10.53 25.89
N ARG C 295 -14.64 11.08 26.99
CA ARG C 295 -15.42 11.11 28.22
C ARG C 295 -16.38 12.30 28.25
N VAL C 296 -15.96 13.44 27.74
CA VAL C 296 -16.73 14.67 27.81
C VAL C 296 -16.98 15.19 26.40
N LEU C 297 -18.20 15.66 26.16
CA LEU C 297 -18.58 16.29 24.89
C LEU C 297 -19.10 17.69 25.22
N VAL C 298 -18.33 18.71 24.86
CA VAL C 298 -18.77 20.09 25.02
C VAL C 298 -19.46 20.52 23.73
N ALA C 299 -20.70 20.95 23.84
CA ALA C 299 -21.52 21.29 22.68
C ALA C 299 -22.37 22.51 22.96
N THR C 300 -22.74 23.19 21.87
CA THR C 300 -23.71 24.28 21.95
C THR C 300 -25.12 23.69 21.92
N ASP C 301 -26.12 24.51 21.60
CA ASP C 301 -27.48 24.01 21.54
C ASP C 301 -27.73 23.13 20.32
N VAL C 302 -26.72 22.91 19.46
CA VAL C 302 -26.88 22.00 18.34
C VAL C 302 -27.16 20.59 18.84
N ALA C 303 -26.60 20.23 20.00
CA ALA C 303 -26.80 18.92 20.59
C ALA C 303 -27.86 18.93 21.69
N ALA C 304 -28.71 19.97 21.71
CA ALA C 304 -29.70 20.10 22.77
C ALA C 304 -30.98 19.35 22.49
N ARG C 305 -31.32 19.11 21.22
CA ARG C 305 -32.58 18.48 20.87
C ARG C 305 -32.35 17.18 20.12
N GLY C 306 -33.12 16.16 20.50
CA GLY C 306 -33.24 14.94 19.71
C GLY C 306 -32.14 13.91 19.85
N LEU C 307 -30.91 14.33 20.11
CA LEU C 307 -29.79 13.39 20.12
C LEU C 307 -29.98 12.33 21.19
N ASP C 308 -29.84 11.07 20.79
CA ASP C 308 -30.08 9.91 21.65
C ASP C 308 -28.74 9.23 21.91
N ILE C 309 -28.11 9.57 23.03
CA ILE C 309 -26.84 8.97 23.43
C ILE C 309 -27.11 7.94 24.51
N LYS C 310 -26.68 6.71 24.27
CA LYS C 310 -27.03 5.58 25.13
C LYS C 310 -26.37 5.74 26.51
N SER C 311 -27.20 5.75 27.55
CA SER C 311 -26.74 5.73 28.94
C SER C 311 -25.81 6.90 29.25
N LEU C 312 -26.25 8.11 28.90
CA LEU C 312 -25.50 9.30 29.26
C LEU C 312 -25.60 9.51 30.76
N GLU C 313 -24.45 9.68 31.41
CA GLU C 313 -24.41 9.74 32.87
C GLU C 313 -24.65 11.14 33.42
N LEU C 314 -24.16 12.18 32.75
CA LEU C 314 -24.17 13.51 33.33
C LEU C 314 -24.36 14.57 32.26
N VAL C 315 -25.17 15.58 32.58
CA VAL C 315 -25.32 16.78 31.79
C VAL C 315 -24.89 17.96 32.66
N VAL C 316 -24.18 18.91 32.06
CA VAL C 316 -23.66 20.07 32.78
C VAL C 316 -24.00 21.31 31.97
N ASN C 317 -24.93 22.12 32.49
CA ASN C 317 -25.26 23.43 31.95
C ASN C 317 -24.18 24.41 32.40
N PHE C 318 -23.16 24.58 31.57
CA PHE C 318 -22.13 25.57 31.86
C PHE C 318 -22.76 26.95 32.01
N GLU C 319 -23.59 27.34 31.04
CA GLU C 319 -24.50 28.46 31.16
C GLU C 319 -25.92 27.96 31.01
N LEU C 320 -26.85 28.56 31.76
CA LEU C 320 -28.25 28.23 31.58
C LEU C 320 -28.74 28.76 30.23
N ALA C 321 -29.54 27.96 29.53
CA ALA C 321 -30.03 28.33 28.22
C ALA C 321 -30.92 29.58 28.30
N TRP C 322 -31.01 30.28 27.18
CA TRP C 322 -31.82 31.50 27.14
C TRP C 322 -33.30 31.18 27.37
N ASP C 323 -33.79 30.09 26.78
CA ASP C 323 -35.17 29.68 26.94
C ASP C 323 -35.26 28.46 27.84
N PRO C 324 -36.34 28.32 28.61
CA PRO C 324 -36.47 27.13 29.48
C PRO C 324 -36.73 25.85 28.70
N GLU C 325 -37.39 25.94 27.53
CA GLU C 325 -37.60 24.75 26.72
C GLU C 325 -36.27 24.16 26.26
N VAL C 326 -35.31 25.01 25.90
CA VAL C 326 -33.99 24.52 25.51
C VAL C 326 -33.32 23.84 26.68
N HIS C 327 -33.52 24.36 27.89
CA HIS C 327 -32.98 23.71 29.08
C HIS C 327 -33.59 22.33 29.28
N VAL C 328 -34.91 22.22 29.13
CA VAL C 328 -35.57 20.92 29.27
C VAL C 328 -35.01 19.94 28.25
N HIS C 329 -34.88 20.38 27.00
CA HIS C 329 -34.37 19.49 25.96
C HIS C 329 -32.93 19.06 26.22
N ARG C 330 -32.07 19.99 26.61
CA ARG C 330 -30.66 19.65 26.78
C ARG C 330 -30.41 18.83 28.03
N ILE C 331 -31.23 18.98 29.07
CA ILE C 331 -31.09 18.08 30.21
C ILE C 331 -31.75 16.74 29.94
N GLY C 332 -32.69 16.68 28.98
CA GLY C 332 -33.27 15.41 28.62
C GLY C 332 -32.35 14.48 27.84
N ARG C 333 -31.11 14.90 27.57
CA ARG C 333 -30.17 14.02 26.87
C ARG C 333 -29.75 12.85 27.75
N THR C 334 -29.85 12.99 29.06
CA THR C 334 -29.70 11.88 29.99
C THR C 334 -31.07 11.40 30.43
N ALA C 335 -31.09 10.27 31.15
CA ALA C 335 -32.31 9.66 31.64
C ALA C 335 -33.29 9.37 30.51
N ARG C 336 -32.77 8.72 29.46
CA ARG C 336 -33.57 8.28 28.33
C ARG C 336 -33.95 6.82 28.46
N ALA C 337 -35.10 6.47 27.88
CA ALA C 337 -35.57 5.09 27.78
C ALA C 337 -35.70 4.44 29.16
N GLY C 338 -36.12 5.22 30.16
CA GLY C 338 -36.36 4.69 31.48
C GLY C 338 -35.18 4.70 32.41
N ASN C 339 -34.02 5.19 31.98
CA ASN C 339 -32.87 5.29 32.85
C ASN C 339 -32.94 6.58 33.67
N SER C 340 -31.99 6.73 34.59
CA SER C 340 -31.88 7.93 35.39
C SER C 340 -30.70 8.77 34.90
N GLY C 341 -30.61 9.99 35.44
CA GLY C 341 -29.53 10.89 35.04
C GLY C 341 -29.40 12.03 36.01
N LEU C 342 -28.28 12.75 35.87
CA LEU C 342 -27.96 13.90 36.70
C LEU C 342 -27.66 15.09 35.80
N ALA C 343 -28.19 16.25 36.18
CA ALA C 343 -28.02 17.49 35.40
C ALA C 343 -27.58 18.60 36.34
N ILE C 344 -26.29 18.86 36.37
CA ILE C 344 -25.69 19.93 37.16
C ILE C 344 -25.71 21.20 36.32
N SER C 345 -26.03 22.33 36.93
CA SER C 345 -26.11 23.59 36.20
C SER C 345 -25.42 24.69 36.98
N PHE C 346 -24.45 25.34 36.33
CA PHE C 346 -23.79 26.52 36.88
C PHE C 346 -24.60 27.75 36.49
N CYS C 347 -24.47 28.80 37.30
CA CYS C 347 -25.05 30.10 36.94
C CYS C 347 -24.45 31.19 37.79
N ALA C 348 -23.93 32.22 37.13
CA ALA C 348 -23.45 33.43 37.79
C ALA C 348 -24.63 34.27 38.24
N PRO C 349 -24.39 35.26 39.12
CA PRO C 349 -25.50 36.13 39.54
C PRO C 349 -26.22 36.83 38.40
N GLU C 350 -25.49 37.39 37.44
CA GLU C 350 -26.11 38.13 36.34
C GLU C 350 -26.96 37.26 35.43
N GLU C 351 -26.95 35.94 35.63
CA GLU C 351 -27.69 35.01 34.80
C GLU C 351 -28.56 34.03 35.58
N ALA C 352 -28.60 34.16 36.92
CA ALA C 352 -29.26 33.16 37.74
C ALA C 352 -30.78 33.26 37.70
N GLN C 353 -31.33 34.45 37.45
CA GLN C 353 -32.79 34.59 37.44
C GLN C 353 -33.45 33.82 36.30
N ARG C 354 -32.68 33.34 35.32
CA ARG C 354 -33.24 32.49 34.29
C ARG C 354 -33.61 31.11 34.81
N ALA C 355 -33.20 30.76 36.03
CA ALA C 355 -33.65 29.54 36.68
C ALA C 355 -35.02 29.69 37.32
N ASN C 356 -35.52 30.93 37.45
CA ASN C 356 -36.86 31.13 38.00
C ASN C 356 -37.93 30.62 37.04
N ILE C 357 -37.80 30.93 35.75
CA ILE C 357 -38.75 30.40 34.78
C ILE C 357 -38.62 28.89 34.69
N ILE C 358 -37.42 28.36 34.89
CA ILE C 358 -37.26 26.90 35.01
C ILE C 358 -37.99 26.40 36.24
N SER C 359 -37.88 27.12 37.36
CA SER C 359 -38.58 26.73 38.58
C SER C 359 -40.09 26.79 38.38
N ASP C 360 -40.58 27.82 37.69
CA ASP C 360 -42.00 27.97 37.47
C ASP C 360 -42.53 27.02 36.40
N MET C 361 -41.70 26.66 35.42
CA MET C 361 -42.15 25.78 34.36
C MET C 361 -42.24 24.34 34.84
N LEU C 362 -41.15 23.82 35.42
CA LEU C 362 -41.12 22.44 35.90
C LEU C 362 -41.78 22.26 37.26
N GLN C 363 -42.14 23.35 37.93
CA GLN C 363 -42.80 23.31 39.24
C GLN C 363 -42.00 22.45 40.22
N ILE C 364 -40.76 22.86 40.46
CA ILE C 364 -39.84 22.13 41.32
C ILE C 364 -39.14 23.09 42.25
N LYS C 365 -38.76 22.59 43.42
CA LYS C 365 -37.96 23.35 44.37
C LYS C 365 -36.49 23.20 44.00
N LEU C 366 -35.85 24.30 43.62
CA LEU C 366 -34.50 24.25 43.09
C LEU C 366 -33.51 23.80 44.16
N ASN C 367 -32.75 22.75 43.84
CA ASN C 367 -31.76 22.20 44.77
C ASN C 367 -30.40 22.81 44.46
N TRP C 368 -29.97 23.74 45.31
CA TRP C 368 -28.69 24.42 45.16
C TRP C 368 -27.64 23.72 46.01
N GLN C 369 -26.55 23.31 45.38
CA GLN C 369 -25.48 22.58 46.03
C GLN C 369 -24.27 23.50 46.23
N THR C 370 -23.43 23.15 47.20
CA THR C 370 -22.20 23.86 47.48
C THR C 370 -21.02 22.90 47.35
N PRO C 371 -19.95 23.29 46.66
CA PRO C 371 -18.84 22.36 46.41
C PRO C 371 -18.02 22.16 47.68
N PRO C 372 -17.16 21.13 47.70
CA PRO C 372 -16.22 21.00 48.82
C PRO C 372 -15.23 22.15 48.83
N ALA C 373 -14.61 22.36 50.00
CA ALA C 373 -13.69 23.47 50.18
C ALA C 373 -12.53 23.40 49.19
N ASN C 374 -11.94 22.22 49.05
CA ASN C 374 -10.83 22.02 48.12
C ASN C 374 -10.80 20.56 47.69
N SER C 375 -10.57 20.34 46.40
CA SER C 375 -10.44 18.98 45.90
C SER C 375 -9.53 18.99 44.68
N SER C 376 -8.70 17.95 44.58
CA SER C 376 -7.75 17.86 43.48
C SER C 376 -8.47 17.64 42.16
N ILE C 377 -7.75 17.89 41.07
CA ILE C 377 -8.26 17.65 39.72
C ILE C 377 -7.61 16.39 39.19
N ALA C 378 -8.42 15.48 38.67
CA ALA C 378 -7.96 14.20 38.15
C ALA C 378 -8.25 14.11 36.66
N THR C 379 -7.47 13.26 35.99
CA THR C 379 -7.66 13.03 34.57
C THR C 379 -8.78 12.00 34.35
N LEU C 380 -9.44 12.11 33.20
CA LEU C 380 -10.49 11.17 32.81
C LEU C 380 -10.04 10.51 31.50
N GLU C 381 -9.45 9.33 31.59
CA GLU C 381 -8.95 8.65 30.41
C GLU C 381 -10.10 8.05 29.60
N ALA C 382 -9.99 8.13 28.28
CA ALA C 382 -10.97 7.49 27.42
C ALA C 382 -10.79 5.98 27.43
N GLU C 383 -11.91 5.26 27.51
CA GLU C 383 -11.84 3.81 27.66
C GLU C 383 -11.34 3.13 26.39
N MET C 384 -11.58 3.72 25.23
CA MET C 384 -11.21 3.07 23.97
C MET C 384 -11.13 4.12 22.87
N ALA C 385 -10.57 3.70 21.74
CA ALA C 385 -10.40 4.55 20.57
C ALA C 385 -11.30 4.05 19.45
N THR C 386 -11.24 4.74 18.31
CA THR C 386 -12.12 4.45 17.19
C THR C 386 -11.33 4.43 15.89
N LEU C 387 -11.67 3.46 15.04
CA LEU C 387 -11.08 3.32 13.71
C LEU C 387 -12.12 3.66 12.65
N CYS C 388 -11.69 4.37 11.62
CA CYS C 388 -12.50 4.73 10.48
C CYS C 388 -12.00 3.96 9.26
N ILE C 389 -12.85 3.10 8.72
CA ILE C 389 -12.53 2.28 7.56
C ILE C 389 -13.29 2.84 6.37
N ASP C 390 -12.57 3.16 5.30
CA ASP C 390 -13.23 3.69 4.13
C ASP C 390 -14.09 2.62 3.45
N GLY C 391 -15.08 3.09 2.70
CA GLY C 391 -16.04 2.20 2.06
C GLY C 391 -17.46 2.51 2.47
N GLY C 392 -17.80 2.19 3.72
CA GLY C 392 -19.13 2.44 4.23
C GLY C 392 -20.18 1.60 3.50
N LYS C 393 -21.37 2.16 3.36
CA LYS C 393 -22.44 1.50 2.63
C LYS C 393 -22.28 1.64 1.13
N LYS C 394 -21.50 2.62 0.66
CA LYS C 394 -21.21 2.73 -0.77
C LYS C 394 -20.46 1.50 -1.28
N ALA C 395 -19.65 0.88 -0.42
CA ALA C 395 -18.90 -0.32 -0.77
C ALA C 395 -19.58 -1.60 -0.31
N LYS C 396 -20.85 -1.52 0.10
CA LYS C 396 -21.64 -2.68 0.53
C LYS C 396 -20.92 -3.44 1.64
N MET C 397 -20.84 -2.78 2.79
CA MET C 397 -20.14 -3.30 3.96
C MET C 397 -21.05 -3.23 5.16
N ARG C 398 -21.55 -4.38 5.60
CA ARG C 398 -22.42 -4.47 6.77
C ARG C 398 -21.60 -4.76 8.02
N PRO C 399 -22.16 -4.50 9.22
CA PRO C 399 -21.37 -4.68 10.45
C PRO C 399 -20.79 -6.07 10.62
N GLY C 400 -21.47 -7.10 10.16
CA GLY C 400 -20.93 -8.46 10.26
C GLY C 400 -19.61 -8.59 9.52
N ASP C 401 -19.48 -7.91 8.39
CA ASP C 401 -18.22 -7.95 7.64
C ASP C 401 -17.07 -7.39 8.47
N VAL C 402 -17.28 -6.21 9.06
CA VAL C 402 -16.23 -5.59 9.88
C VAL C 402 -15.89 -6.47 11.07
N LEU C 403 -16.92 -7.01 11.74
CA LEU C 403 -16.67 -7.84 12.91
C LEU C 403 -15.88 -9.09 12.55
N GLY C 404 -16.31 -9.80 11.50
CA GLY C 404 -15.61 -11.01 11.10
C GLY C 404 -14.21 -10.74 10.59
N ALA C 405 -13.98 -9.57 10.00
CA ALA C 405 -12.63 -9.23 9.55
C ALA C 405 -11.73 -8.93 10.73
N LEU C 406 -12.25 -8.23 11.75
CA LEU C 406 -11.43 -7.89 12.91
C LEU C 406 -11.15 -9.13 13.77
N THR C 407 -12.12 -10.02 13.88
CA THR C 407 -12.00 -11.14 14.81
C THR C 407 -11.01 -12.19 14.31
N GLY C 408 -11.32 -12.84 13.18
CA GLY C 408 -10.53 -13.95 12.71
C GLY C 408 -9.23 -13.57 12.04
N ASP C 409 -9.31 -12.66 11.06
CA ASP C 409 -8.14 -12.38 10.23
C ASP C 409 -7.08 -11.60 11.00
N ILE C 410 -7.49 -10.54 11.70
CA ILE C 410 -6.54 -9.69 12.42
C ILE C 410 -6.18 -10.26 13.78
N GLY C 411 -6.78 -11.38 14.18
CA GLY C 411 -6.48 -11.98 15.45
C GLY C 411 -6.89 -11.16 16.65
N LEU C 412 -7.86 -10.26 16.48
CA LEU C 412 -8.31 -9.40 17.56
C LEU C 412 -9.45 -10.05 18.33
N ASP C 413 -9.41 -9.89 19.65
CA ASP C 413 -10.43 -10.49 20.50
C ASP C 413 -11.78 -9.82 20.26
N GLY C 414 -12.83 -10.64 20.15
CA GLY C 414 -14.16 -10.11 19.88
C GLY C 414 -14.72 -9.28 21.00
N ALA C 415 -14.33 -9.58 22.25
CA ALA C 415 -14.83 -8.84 23.39
C ALA C 415 -14.25 -7.43 23.48
N ASP C 416 -13.29 -7.08 22.64
CA ASP C 416 -12.67 -5.76 22.64
C ASP C 416 -13.32 -4.80 21.66
N ILE C 417 -14.43 -5.19 21.02
CA ILE C 417 -15.08 -4.40 19.98
C ILE C 417 -16.33 -3.75 20.55
N GLY C 418 -16.44 -2.43 20.37
CA GLY C 418 -17.56 -1.67 20.88
C GLY C 418 -18.67 -1.49 19.86
N LYS C 419 -19.17 -0.26 19.73
CA LYS C 419 -20.25 0.03 18.78
C LYS C 419 -19.68 0.11 17.38
N ILE C 420 -20.32 -0.57 16.44
CA ILE C 420 -19.97 -0.48 15.02
C ILE C 420 -21.06 0.33 14.34
N ALA C 421 -20.66 1.42 13.69
CA ALA C 421 -21.59 2.31 13.01
C ALA C 421 -21.24 2.38 11.54
N VAL C 422 -22.16 1.98 10.68
CA VAL C 422 -21.97 1.98 9.24
C VAL C 422 -22.58 3.25 8.68
N HIS C 423 -21.74 4.09 8.09
CA HIS C 423 -22.11 5.34 7.47
C HIS C 423 -22.00 5.21 5.94
N PRO C 424 -22.50 6.20 5.18
CA PRO C 424 -22.46 6.08 3.71
C PRO C 424 -21.07 5.84 3.15
N ALA C 425 -20.11 6.73 3.43
CA ALA C 425 -18.78 6.64 2.84
C ALA C 425 -17.74 5.98 3.74
N HIS C 426 -18.05 5.77 5.02
CA HIS C 426 -17.09 5.20 5.95
C HIS C 426 -17.83 4.29 6.92
N VAL C 427 -17.05 3.55 7.72
CA VAL C 427 -17.59 2.75 8.81
C VAL C 427 -16.67 2.88 10.02
N TYR C 428 -17.26 3.18 11.17
CA TYR C 428 -16.51 3.45 12.38
C TYR C 428 -16.68 2.31 13.38
N VAL C 429 -15.59 1.92 14.02
CA VAL C 429 -15.61 0.79 14.95
C VAL C 429 -14.81 1.16 16.18
N ALA C 430 -15.40 0.94 17.36
CA ALA C 430 -14.75 1.23 18.62
C ALA C 430 -13.95 0.02 19.07
N VAL C 431 -12.71 0.25 19.49
CA VAL C 431 -11.79 -0.80 19.90
C VAL C 431 -11.06 -0.34 21.15
N ARG C 432 -10.89 -1.25 22.11
CA ARG C 432 -10.18 -0.98 23.35
C ARG C 432 -8.88 -0.21 23.09
N GLN C 433 -8.66 0.85 23.88
CA GLN C 433 -7.49 1.70 23.68
C GLN C 433 -6.19 0.91 23.78
N ALA C 434 -6.18 -0.17 24.56
CA ALA C 434 -4.98 -0.99 24.68
C ALA C 434 -4.62 -1.68 23.38
N VAL C 435 -5.62 -2.09 22.59
CA VAL C 435 -5.39 -2.85 21.38
C VAL C 435 -5.85 -2.09 20.13
N ALA C 436 -6.03 -0.77 20.25
CA ALA C 436 -6.47 0.02 19.11
C ALA C 436 -5.35 0.19 18.09
N HIS C 437 -4.10 0.33 18.56
CA HIS C 437 -2.98 0.53 17.65
C HIS C 437 -2.64 -0.74 16.89
N LYS C 438 -2.54 -1.86 17.62
CA LYS C 438 -2.32 -3.15 16.96
C LYS C 438 -3.42 -3.44 15.95
N ALA C 439 -4.65 -3.05 16.27
CA ALA C 439 -5.75 -3.20 15.31
C ALA C 439 -5.54 -2.29 14.10
N TRP C 440 -5.09 -1.06 14.32
CA TRP C 440 -4.93 -0.12 13.20
C TRP C 440 -3.85 -0.60 12.24
N LYS C 441 -2.66 -0.86 12.75
CA LYS C 441 -1.52 -1.11 11.85
C LYS C 441 -1.66 -2.44 11.12
N GLN C 442 -2.13 -3.48 11.82
CA GLN C 442 -2.30 -4.77 11.15
C GLN C 442 -3.43 -4.74 10.14
N LEU C 443 -4.51 -4.04 10.45
CA LEU C 443 -5.64 -3.92 9.52
C LEU C 443 -5.33 -2.98 8.36
N GLN C 444 -4.31 -2.13 8.49
CA GLN C 444 -4.01 -1.17 7.44
C GLN C 444 -3.55 -1.87 6.16
N GLY C 445 -2.73 -2.91 6.31
CA GLY C 445 -2.31 -3.70 5.17
C GLY C 445 -3.13 -4.95 4.99
N GLY C 446 -4.36 -4.94 5.52
CA GLY C 446 -5.25 -6.07 5.48
C GLY C 446 -6.39 -5.89 4.50
N LYS C 447 -7.20 -6.94 4.40
CA LYS C 447 -8.35 -6.97 3.50
C LYS C 447 -9.64 -6.96 4.28
N ILE C 448 -10.66 -6.33 3.70
CA ILE C 448 -12.00 -6.28 4.26
C ILE C 448 -12.96 -6.66 3.14
N LYS C 449 -13.57 -7.84 3.26
CA LYS C 449 -14.55 -8.32 2.28
C LYS C 449 -13.90 -8.50 0.91
N GLY C 450 -12.66 -8.99 0.90
CA GLY C 450 -11.98 -9.27 -0.35
C GLY C 450 -11.16 -8.09 -0.83
N LYS C 451 -11.67 -6.88 -0.62
CA LYS C 451 -11.03 -5.66 -1.11
C LYS C 451 -10.20 -5.02 -0.01
N THR C 452 -9.07 -4.45 -0.39
CA THR C 452 -8.25 -3.71 0.56
C THR C 452 -8.96 -2.43 0.97
N CYS C 453 -8.79 -2.05 2.23
CA CYS C 453 -9.49 -0.89 2.80
C CYS C 453 -8.50 0.03 3.50
N ARG C 454 -8.58 1.32 3.18
CA ARG C 454 -7.80 2.34 3.87
C ARG C 454 -8.44 2.62 5.22
N VAL C 455 -7.72 2.33 6.30
CA VAL C 455 -8.19 2.55 7.66
C VAL C 455 -7.35 3.64 8.33
N ARG C 456 -7.98 4.38 9.23
CA ARG C 456 -7.31 5.43 9.98
C ARG C 456 -7.78 5.43 11.42
N LEU C 457 -6.85 5.62 12.34
CA LEU C 457 -7.17 5.73 13.76
C LEU C 457 -7.54 7.17 14.09
N LEU C 458 -8.77 7.40 14.55
CA LEU C 458 -9.25 8.76 14.77
C LEU C 458 -8.56 9.37 15.99
N LYS C 459 -7.90 10.50 15.77
CA LYS C 459 -7.20 11.21 16.84
C LYS C 459 -7.62 12.68 16.85
N ALA D 5 15.57 -57.41 0.55
CA ALA D 5 15.48 -56.43 -0.52
C ALA D 5 14.87 -55.12 -0.02
N PHE D 6 15.30 -54.00 -0.61
CA PHE D 6 14.83 -52.69 -0.24
C PHE D 6 13.55 -52.28 -0.98
N SER D 7 13.01 -53.15 -1.83
CA SER D 7 11.79 -52.83 -2.57
C SER D 7 10.55 -52.86 -1.69
N THR D 8 10.67 -53.20 -0.42
CA THR D 8 9.52 -53.43 0.45
C THR D 8 9.13 -52.16 1.20
N LEU D 9 8.00 -52.26 1.92
CA LEU D 9 7.46 -51.21 2.78
C LEU D 9 6.93 -50.00 2.01
N ASN D 10 7.39 -49.81 0.78
CA ASN D 10 6.84 -48.80 -0.15
C ASN D 10 6.78 -47.43 0.51
N VAL D 11 7.83 -47.07 1.25
CA VAL D 11 7.95 -45.76 1.87
C VAL D 11 9.11 -44.96 1.26
N LEU D 12 10.23 -45.62 0.98
CA LEU D 12 11.38 -44.93 0.43
C LEU D 12 11.05 -44.39 -0.96
N PRO D 13 11.51 -43.19 -1.30
CA PRO D 13 11.26 -42.64 -2.63
C PRO D 13 12.02 -43.41 -3.69
N PRO D 14 11.68 -43.24 -4.97
CA PRO D 14 12.42 -43.97 -6.02
C PRO D 14 13.87 -43.55 -6.12
N ALA D 15 14.19 -42.28 -5.83
CA ALA D 15 15.57 -41.83 -5.88
C ALA D 15 16.44 -42.54 -4.85
N GLN D 16 15.91 -42.78 -3.65
CA GLN D 16 16.69 -43.43 -2.61
C GLN D 16 16.94 -44.90 -2.92
N LEU D 17 15.96 -45.59 -3.49
CA LEU D 17 16.18 -47.00 -3.86
C LEU D 17 17.30 -47.11 -4.89
N THR D 18 17.29 -46.24 -5.89
CA THR D 18 18.39 -46.19 -6.84
C THR D 18 19.68 -45.74 -6.17
N ASN D 19 19.57 -44.83 -5.21
CA ASN D 19 20.75 -44.36 -4.47
C ASN D 19 21.39 -45.49 -3.67
N LEU D 20 20.57 -46.31 -3.01
CA LEU D 20 21.10 -47.44 -2.25
C LEU D 20 21.85 -48.41 -3.16
N ASN D 21 21.33 -48.64 -4.37
CA ASN D 21 22.01 -49.50 -5.31
C ASN D 21 23.35 -48.91 -5.74
N GLU D 22 23.47 -47.59 -5.75
CA GLU D 22 24.74 -46.96 -6.12
C GLU D 22 25.77 -47.15 -5.02
N LEU D 23 25.34 -47.10 -3.76
CA LEU D 23 26.24 -47.17 -2.61
C LEU D 23 26.57 -48.60 -2.18
N GLY D 24 26.03 -49.61 -2.86
CA GLY D 24 26.30 -50.99 -2.50
C GLY D 24 25.35 -51.61 -1.52
N TYR D 25 24.32 -50.89 -1.07
CA TYR D 25 23.33 -51.42 -0.14
C TYR D 25 22.31 -52.23 -0.94
N LEU D 26 22.70 -53.46 -1.28
CA LEU D 26 21.86 -54.31 -2.12
C LEU D 26 20.71 -54.92 -1.31
N THR D 27 21.03 -55.62 -0.23
CA THR D 27 20.05 -56.30 0.59
C THR D 27 19.94 -55.65 1.96
N MET D 28 18.81 -55.88 2.62
CA MET D 28 18.58 -55.35 3.96
C MET D 28 19.23 -56.27 4.99
N THR D 29 19.97 -55.67 5.93
CA THR D 29 20.50 -56.42 7.04
C THR D 29 19.37 -56.78 8.01
N PRO D 30 19.58 -57.78 8.88
CA PRO D 30 18.52 -58.16 9.83
C PRO D 30 18.00 -57.00 10.67
N VAL D 31 18.89 -56.16 11.19
CA VAL D 31 18.45 -55.04 12.02
C VAL D 31 17.63 -54.04 11.20
N GLN D 32 18.07 -53.74 9.98
CA GLN D 32 17.36 -52.80 9.14
C GLN D 32 15.98 -53.32 8.76
N ALA D 33 15.92 -54.54 8.22
CA ALA D 33 14.65 -55.10 7.78
C ALA D 33 13.64 -55.23 8.93
N ALA D 34 14.14 -55.46 10.15
CA ALA D 34 13.27 -55.62 11.30
C ALA D 34 12.92 -54.31 11.99
N ALA D 35 13.72 -53.26 11.80
CA ALA D 35 13.52 -52.01 12.51
C ALA D 35 12.88 -50.91 11.67
N LEU D 36 13.27 -50.79 10.40
CA LEU D 36 12.79 -49.70 9.53
C LEU D 36 11.27 -49.56 9.49
N PRO D 37 10.47 -50.61 9.30
CA PRO D 37 9.01 -50.41 9.25
C PRO D 37 8.44 -49.75 10.50
N ALA D 38 8.91 -50.14 11.68
CA ALA D 38 8.45 -49.50 12.90
C ALA D 38 9.02 -48.10 13.05
N ILE D 39 10.22 -47.85 12.51
CA ILE D 39 10.86 -46.55 12.67
C ILE D 39 10.16 -45.50 11.83
N LEU D 40 10.13 -45.69 10.50
CA LEU D 40 9.52 -44.69 9.63
C LEU D 40 8.00 -44.73 9.67
N ALA D 41 7.43 -45.33 10.70
CA ALA D 41 6.00 -45.25 10.97
C ALA D 41 5.67 -44.32 12.13
N GLY D 42 6.69 -43.78 12.81
CA GLY D 42 6.47 -42.85 13.91
C GLY D 42 6.69 -43.42 15.29
N LYS D 43 7.00 -44.70 15.41
CA LYS D 43 7.12 -45.34 16.71
C LYS D 43 8.49 -45.08 17.32
N ASP D 44 8.52 -44.92 18.64
CA ASP D 44 9.78 -44.85 19.37
C ASP D 44 10.33 -46.25 19.55
N VAL D 45 11.61 -46.45 19.24
CA VAL D 45 12.18 -47.79 19.16
C VAL D 45 13.45 -47.85 20.00
N ARG D 46 13.70 -49.02 20.58
CA ARG D 46 14.96 -49.33 21.27
C ARG D 46 15.50 -50.62 20.68
N VAL D 47 16.62 -50.53 19.98
CA VAL D 47 17.12 -51.61 19.12
C VAL D 47 18.44 -52.14 19.65
N GLN D 48 18.55 -53.47 19.67
CA GLN D 48 19.81 -54.17 19.95
C GLN D 48 20.16 -55.04 18.75
N ALA D 49 21.40 -54.96 18.30
CA ALA D 49 21.83 -55.72 17.13
C ALA D 49 23.33 -55.97 17.21
N LYS D 50 23.82 -56.79 16.28
CA LYS D 50 25.25 -57.12 16.23
C LYS D 50 26.10 -55.87 16.03
N THR D 51 27.35 -55.95 16.48
CA THR D 51 28.32 -54.91 16.19
C THR D 51 28.72 -55.01 14.72
N GLY D 52 28.52 -53.94 13.98
CA GLY D 52 28.86 -53.94 12.56
C GLY D 52 27.85 -54.69 11.72
N SER D 53 26.57 -54.45 11.97
CA SER D 53 25.49 -55.08 11.22
C SER D 53 24.60 -54.07 10.53
N GLY D 54 24.94 -52.79 10.57
CA GLY D 54 24.23 -51.77 9.85
C GLY D 54 23.21 -50.96 10.63
N LYS D 55 23.42 -50.77 11.94
CA LYS D 55 22.49 -49.96 12.71
C LYS D 55 22.53 -48.49 12.27
N THR D 56 23.69 -48.00 11.84
CA THR D 56 23.81 -46.61 11.42
C THR D 56 22.83 -46.30 10.29
N ALA D 57 22.92 -47.06 9.19
CA ALA D 57 21.96 -46.90 8.10
C ALA D 57 20.55 -47.22 8.56
N ALA D 58 20.40 -48.14 9.51
CA ALA D 58 19.07 -48.52 9.99
C ALA D 58 18.33 -47.31 10.56
N PHE D 59 18.99 -46.55 11.44
CA PHE D 59 18.30 -45.36 11.96
C PHE D 59 18.39 -44.17 11.01
N GLY D 60 19.40 -44.12 10.14
CA GLY D 60 19.51 -43.00 9.23
C GLY D 60 18.48 -42.98 8.12
N LEU D 61 18.04 -44.16 7.67
CA LEU D 61 17.05 -44.20 6.59
C LEU D 61 15.71 -43.64 7.04
N GLY D 62 15.25 -44.04 8.23
CA GLY D 62 14.07 -43.42 8.80
C GLY D 62 14.26 -41.96 9.14
N LEU D 63 15.51 -41.57 9.45
CA LEU D 63 15.86 -40.21 9.80
C LEU D 63 15.98 -39.30 8.58
N LEU D 64 15.65 -39.79 7.38
CA LEU D 64 15.65 -38.97 6.19
C LEU D 64 14.33 -38.97 5.43
N GLN D 65 13.45 -39.92 5.69
CA GLN D 65 12.12 -39.90 5.08
C GLN D 65 11.28 -38.75 5.64
N GLN D 66 11.45 -38.44 6.92
CA GLN D 66 10.65 -37.41 7.59
C GLN D 66 11.43 -36.10 7.73
N ILE D 67 12.14 -35.69 6.68
CA ILE D 67 12.87 -34.43 6.66
C ILE D 67 12.33 -33.59 5.52
N ASP D 68 12.10 -32.30 5.78
CA ASP D 68 11.61 -31.35 4.78
C ASP D 68 12.80 -30.61 4.20
N ALA D 69 13.12 -30.91 2.93
CA ALA D 69 14.22 -30.24 2.25
C ALA D 69 13.93 -28.77 1.98
N SER D 70 12.70 -28.31 2.20
CA SER D 70 12.34 -26.92 1.99
C SER D 70 12.51 -26.10 3.27
N LEU D 71 12.04 -26.62 4.40
CA LEU D 71 12.21 -25.93 5.67
C LEU D 71 13.67 -25.99 6.10
N PHE D 72 14.31 -24.83 6.17
CA PHE D 72 15.71 -24.74 6.59
C PHE D 72 15.83 -24.52 8.10
N GLN D 73 15.13 -25.36 8.87
CA GLN D 73 15.25 -25.43 10.31
C GLN D 73 15.60 -26.85 10.71
N THR D 74 16.13 -27.01 11.92
CA THR D 74 16.60 -28.31 12.36
C THR D 74 15.44 -29.28 12.51
N GLN D 75 15.71 -30.56 12.27
CA GLN D 75 14.64 -31.53 12.13
C GLN D 75 15.04 -32.91 12.62
N ALA D 76 16.32 -33.09 12.95
CA ALA D 76 16.80 -34.35 13.49
C ALA D 76 17.99 -34.08 14.40
N LEU D 77 18.32 -35.09 15.21
CA LEU D 77 19.43 -34.95 16.16
C LEU D 77 19.92 -36.35 16.52
N VAL D 78 21.21 -36.58 16.34
CA VAL D 78 21.86 -37.83 16.70
C VAL D 78 22.92 -37.53 17.75
N LEU D 79 22.96 -38.33 18.81
CA LEU D 79 23.90 -38.14 19.91
C LEU D 79 24.83 -39.33 19.97
N CYS D 80 26.13 -39.05 20.02
CA CYS D 80 27.19 -40.04 20.05
C CYS D 80 28.07 -39.82 21.26
N PRO D 81 28.76 -40.87 21.74
CA PRO D 81 29.62 -40.70 22.92
C PRO D 81 30.97 -40.06 22.61
N THR D 82 31.47 -40.25 21.39
CA THR D 82 32.76 -39.71 21.00
C THR D 82 32.63 -38.83 19.77
N ARG D 83 33.67 -38.03 19.51
CA ARG D 83 33.66 -37.08 18.41
C ARG D 83 33.91 -37.76 17.06
N GLU D 84 34.84 -38.72 17.03
CA GLU D 84 35.12 -39.42 15.79
C GLU D 84 33.90 -40.21 15.33
N LEU D 85 33.17 -40.82 16.27
CA LEU D 85 31.94 -41.52 15.92
C LEU D 85 30.88 -40.54 15.40
N ALA D 86 30.85 -39.33 15.95
CA ALA D 86 29.94 -38.31 15.43
C ALA D 86 30.29 -37.97 13.99
N ASP D 87 31.58 -37.79 13.68
CA ASP D 87 31.99 -37.55 12.31
C ASP D 87 31.60 -38.71 11.39
N GLN D 88 31.81 -39.94 11.86
CA GLN D 88 31.49 -41.11 11.05
C GLN D 88 29.99 -41.17 10.73
N VAL D 89 29.15 -40.95 11.74
CA VAL D 89 27.71 -41.00 11.54
C VAL D 89 27.26 -39.86 10.63
N ALA D 90 27.85 -38.68 10.78
CA ALA D 90 27.50 -37.56 9.92
C ALA D 90 27.86 -37.86 8.46
N GLY D 91 29.05 -38.43 8.23
CA GLY D 91 29.42 -38.80 6.87
C GLY D 91 28.50 -39.88 6.31
N GLU D 92 28.12 -40.84 7.13
CA GLU D 92 27.19 -41.89 6.69
C GLU D 92 25.85 -41.27 6.27
N LEU D 93 25.33 -40.35 7.09
CA LEU D 93 24.03 -39.75 6.78
C LEU D 93 24.10 -38.88 5.53
N ARG D 94 25.19 -38.11 5.37
CA ARG D 94 25.36 -37.32 4.16
C ARG D 94 25.42 -38.22 2.93
N ARG D 95 26.13 -39.35 3.04
CA ARG D 95 26.23 -40.27 1.91
C ARG D 95 24.88 -40.87 1.56
N LEU D 96 23.99 -41.02 2.55
CA LEU D 96 22.64 -41.51 2.28
C LEU D 96 21.77 -40.43 1.66
N ALA D 97 21.86 -39.20 2.17
CA ALA D 97 21.00 -38.09 1.73
C ALA D 97 21.43 -37.49 0.40
N ARG D 98 21.94 -38.31 -0.53
CA ARG D 98 22.27 -37.82 -1.86
C ARG D 98 21.04 -37.67 -2.75
N PHE D 99 19.91 -38.29 -2.38
CA PHE D 99 18.70 -38.18 -3.17
C PHE D 99 17.92 -36.91 -2.88
N LEU D 100 18.11 -36.30 -1.72
CA LEU D 100 17.51 -35.02 -1.39
C LEU D 100 18.52 -33.92 -1.67
N PRO D 101 18.42 -33.20 -2.78
CA PRO D 101 19.43 -32.18 -3.09
C PRO D 101 19.40 -31.04 -2.08
N ASN D 102 20.60 -30.54 -1.76
CA ASN D 102 20.78 -29.46 -0.79
C ASN D 102 20.23 -29.86 0.59
N THR D 103 20.86 -30.89 1.17
CA THR D 103 20.53 -31.36 2.50
C THR D 103 21.73 -31.10 3.41
N LYS D 104 21.57 -30.17 4.35
CA LYS D 104 22.68 -29.75 5.22
C LYS D 104 22.66 -30.58 6.51
N ILE D 105 23.77 -31.27 6.78
CA ILE D 105 23.94 -32.05 7.99
C ILE D 105 25.18 -31.54 8.70
N LEU D 106 24.99 -30.99 9.89
CA LEU D 106 26.07 -30.38 10.65
C LEU D 106 26.61 -31.31 11.72
N THR D 107 27.85 -31.06 12.13
CA THR D 107 28.54 -31.83 13.16
C THR D 107 28.93 -30.88 14.29
N LEU D 108 28.39 -31.13 15.48
CA LEU D 108 28.65 -30.30 16.65
C LEU D 108 29.33 -31.15 17.72
N CYS D 109 30.65 -31.02 17.82
CA CYS D 109 31.42 -31.79 18.78
C CYS D 109 32.65 -30.99 19.19
N GLY D 110 33.22 -31.36 20.33
CA GLY D 110 34.38 -30.67 20.86
C GLY D 110 35.60 -30.84 19.98
N GLY D 111 36.64 -30.07 20.32
CA GLY D 111 37.85 -30.05 19.53
C GLY D 111 37.78 -29.09 18.36
N GLN D 112 36.60 -28.98 17.77
CA GLN D 112 36.39 -28.04 16.68
C GLN D 112 36.21 -26.62 17.24
N PRO D 113 36.69 -25.62 16.52
CA PRO D 113 36.49 -24.24 16.96
C PRO D 113 35.01 -23.89 17.00
N PHE D 114 34.66 -23.00 17.93
CA PHE D 114 33.27 -22.56 18.02
C PHE D 114 32.88 -21.63 16.88
N GLY D 115 33.85 -21.05 16.18
CA GLY D 115 33.53 -20.03 15.19
C GLY D 115 32.93 -20.60 13.92
N MET D 116 33.54 -21.66 13.40
CA MET D 116 32.99 -22.31 12.23
C MET D 116 31.57 -22.81 12.51
N GLN D 117 31.36 -23.37 13.71
CA GLN D 117 30.03 -23.83 14.09
C GLN D 117 29.05 -22.67 14.19
N ARG D 118 29.48 -21.56 14.79
CA ARG D 118 28.59 -20.41 14.95
C ARG D 118 28.23 -19.80 13.60
N ASP D 119 29.19 -19.72 12.68
CA ASP D 119 28.94 -19.12 11.37
C ASP D 119 28.06 -20.02 10.51
N SER D 120 28.40 -21.31 10.44
CA SER D 120 27.61 -22.24 9.64
C SER D 120 26.28 -22.58 10.27
N LEU D 121 26.07 -22.26 11.55
CA LEU D 121 24.84 -22.58 12.25
C LEU D 121 23.76 -21.54 12.07
N GLN D 122 24.10 -20.35 11.57
CA GLN D 122 23.07 -19.36 11.25
C GLN D 122 22.15 -19.86 10.16
N HIS D 123 22.69 -20.58 9.18
CA HIS D 123 21.89 -21.32 8.21
C HIS D 123 21.59 -22.67 8.83
N ALA D 124 20.41 -22.79 9.43
CA ALA D 124 20.10 -23.95 10.25
C ALA D 124 20.19 -25.24 9.44
N PRO D 125 20.87 -26.26 9.94
CA PRO D 125 20.98 -27.52 9.20
C PRO D 125 19.76 -28.42 9.41
N HIS D 126 19.54 -29.32 8.46
CA HIS D 126 18.41 -30.23 8.56
C HIS D 126 18.63 -31.29 9.63
N ILE D 127 19.86 -31.79 9.74
CA ILE D 127 20.22 -32.79 10.73
C ILE D 127 21.46 -32.32 11.48
N ILE D 128 21.52 -32.61 12.77
CA ILE D 128 22.65 -32.26 13.62
C ILE D 128 23.14 -33.54 14.28
N VAL D 129 24.35 -33.96 13.93
CA VAL D 129 25.04 -35.04 14.63
C VAL D 129 26.00 -34.38 15.62
N ALA D 130 25.87 -34.71 16.90
CA ALA D 130 26.55 -33.93 17.92
C ALA D 130 26.93 -34.81 19.09
N THR D 131 27.87 -34.33 19.86
CA THR D 131 28.21 -34.79 21.19
C THR D 131 27.54 -33.89 22.23
N PRO D 132 27.13 -34.44 23.38
CA PRO D 132 26.31 -33.64 24.30
C PRO D 132 26.99 -32.40 24.82
N GLY D 133 28.32 -32.40 24.91
CA GLY D 133 29.03 -31.25 25.43
C GLY D 133 28.90 -29.98 24.62
N ARG D 134 29.22 -30.05 23.32
CA ARG D 134 29.14 -28.87 22.47
C ARG D 134 27.68 -28.54 22.14
N LEU D 135 26.83 -29.56 21.99
CA LEU D 135 25.42 -29.30 21.70
C LEU D 135 24.77 -28.54 22.84
N LEU D 136 25.07 -28.92 24.09
CA LEU D 136 24.51 -28.20 25.23
C LEU D 136 25.03 -26.76 25.28
N ASP D 137 26.30 -26.56 24.91
CA ASP D 137 26.86 -25.21 24.86
C ASP D 137 26.14 -24.35 23.82
N HIS D 138 25.83 -24.94 22.67
CA HIS D 138 25.12 -24.20 21.64
C HIS D 138 23.67 -23.94 22.05
N LEU D 139 23.05 -24.88 22.75
CA LEU D 139 21.68 -24.71 23.21
C LEU D 139 21.58 -23.61 24.26
N GLN D 140 22.56 -23.54 25.16
CA GLN D 140 22.56 -22.48 26.17
C GLN D 140 22.78 -21.11 25.54
N LYS D 141 23.77 -20.99 24.67
CA LYS D 141 24.03 -19.72 24.01
C LYS D 141 22.98 -19.37 22.96
N GLY D 142 22.06 -20.29 22.66
CA GLY D 142 20.93 -19.97 21.80
C GLY D 142 21.26 -19.92 20.32
N THR D 143 21.97 -20.95 19.83
CA THR D 143 22.28 -21.04 18.41
C THR D 143 21.59 -22.22 17.73
N VAL D 144 21.15 -23.22 18.48
CA VAL D 144 20.37 -24.34 17.97
C VAL D 144 18.98 -24.25 18.57
N SER D 145 17.95 -24.34 17.73
CA SER D 145 16.56 -24.28 18.17
C SER D 145 15.90 -25.61 17.81
N LEU D 146 15.77 -26.49 18.81
CA LEU D 146 15.20 -27.82 18.61
C LEU D 146 13.68 -27.84 18.63
N ASP D 147 13.02 -26.69 18.46
CA ASP D 147 11.57 -26.65 18.51
C ASP D 147 10.94 -27.46 17.38
N ALA D 148 11.57 -27.47 16.20
CA ALA D 148 11.05 -28.19 15.05
C ALA D 148 11.63 -29.59 14.92
N LEU D 149 12.00 -30.21 16.03
CA LEU D 149 12.61 -31.54 16.01
C LEU D 149 11.54 -32.60 15.78
N ASN D 150 11.78 -33.47 14.78
CA ASN D 150 10.89 -34.59 14.52
C ASN D 150 11.37 -35.89 15.15
N THR D 151 12.66 -36.21 15.01
CA THR D 151 13.19 -37.48 15.48
C THR D 151 14.53 -37.23 16.19
N LEU D 152 14.70 -37.89 17.33
CA LEU D 152 15.93 -37.84 18.11
C LEU D 152 16.51 -39.25 18.21
N VAL D 153 17.73 -39.43 17.71
CA VAL D 153 18.39 -40.73 17.70
C VAL D 153 19.56 -40.68 18.66
N MET D 154 19.74 -41.75 19.44
CA MET D 154 20.86 -41.94 20.34
C MET D 154 21.56 -43.24 19.94
N ASP D 155 22.73 -43.11 19.30
CA ASP D 155 23.53 -44.27 18.98
C ASP D 155 24.39 -44.64 20.19
N GLU D 156 24.53 -45.95 20.43
CA GLU D 156 25.15 -46.46 21.64
C GLU D 156 24.52 -45.82 22.87
N ALA D 157 23.23 -46.12 23.06
CA ALA D 157 22.45 -45.43 24.07
C ALA D 157 22.84 -45.84 25.49
N ASP D 158 23.33 -47.08 25.67
CA ASP D 158 23.71 -47.52 27.01
C ASP D 158 24.86 -46.69 27.56
N ARG D 159 25.76 -46.21 26.70
CA ARG D 159 26.79 -45.29 27.15
C ARG D 159 26.25 -43.88 27.31
N MET D 160 25.28 -43.48 26.50
CA MET D 160 24.70 -42.15 26.63
C MET D 160 23.78 -42.04 27.84
N LEU D 161 23.28 -43.15 28.37
CA LEU D 161 22.32 -43.14 29.46
C LEU D 161 22.90 -43.59 30.79
N ASP D 162 24.21 -43.85 30.86
CA ASP D 162 24.83 -44.28 32.11
C ASP D 162 24.99 -43.10 33.05
N MET D 163 25.69 -43.30 34.16
CA MET D 163 25.87 -42.22 35.13
C MET D 163 26.81 -41.14 34.63
N GLY D 164 27.65 -41.44 33.63
CA GLY D 164 28.57 -40.43 33.14
C GLY D 164 27.90 -39.37 32.29
N PHE D 165 26.93 -39.78 31.46
CA PHE D 165 26.20 -38.87 30.59
C PHE D 165 24.77 -38.60 31.06
N SER D 166 24.45 -38.95 32.31
CA SER D 166 23.08 -38.83 32.77
C SER D 166 22.63 -37.37 32.85
N ASP D 167 23.41 -36.53 33.54
CA ASP D 167 23.03 -35.13 33.69
C ASP D 167 23.06 -34.40 32.36
N ALA D 168 24.07 -34.68 31.53
CA ALA D 168 24.19 -34.02 30.24
C ALA D 168 23.01 -34.37 29.33
N ILE D 169 22.64 -35.65 29.28
CA ILE D 169 21.53 -36.06 28.43
C ILE D 169 20.22 -35.45 28.92
N ASP D 170 20.03 -35.39 30.24
CA ASP D 170 18.82 -34.77 30.79
C ASP D 170 18.76 -33.28 30.45
N ASP D 171 19.89 -32.58 30.57
CA ASP D 171 19.91 -31.16 30.24
C ASP D 171 19.71 -30.93 28.75
N VAL D 172 20.13 -31.87 27.91
CA VAL D 172 19.90 -31.73 26.48
C VAL D 172 18.44 -32.00 26.14
N ILE D 173 17.84 -33.02 26.77
CA ILE D 173 16.42 -33.29 26.58
C ILE D 173 15.58 -32.10 27.05
N ARG D 174 16.07 -31.38 28.07
CA ARG D 174 15.35 -30.21 28.56
C ARG D 174 15.06 -29.19 27.46
N PHE D 175 15.97 -29.05 26.49
CA PHE D 175 15.76 -28.15 25.36
C PHE D 175 14.93 -28.78 24.25
N ALA D 176 14.60 -30.07 24.34
CA ALA D 176 13.87 -30.72 23.26
C ALA D 176 12.38 -30.80 23.57
N PRO D 177 11.53 -30.72 22.55
CA PRO D 177 10.09 -30.86 22.77
C PRO D 177 9.72 -32.31 23.05
N ALA D 178 8.77 -32.49 23.97
CA ALA D 178 8.32 -33.83 24.33
C ALA D 178 7.65 -34.54 23.16
N SER D 179 6.90 -33.81 22.34
CA SER D 179 6.21 -34.40 21.19
C SER D 179 7.24 -34.67 20.10
N ARG D 180 7.89 -35.84 20.22
CA ARG D 180 8.94 -36.21 19.29
C ARG D 180 9.04 -37.73 19.20
N GLN D 181 9.64 -38.19 18.10
CA GLN D 181 9.99 -39.59 17.95
C GLN D 181 11.37 -39.83 18.51
N THR D 182 11.57 -40.99 19.13
CA THR D 182 12.83 -41.30 19.79
C THR D 182 13.32 -42.69 19.39
N LEU D 183 14.57 -42.75 18.94
CA LEU D 183 15.22 -43.99 18.57
C LEU D 183 16.47 -44.16 19.42
N LEU D 184 16.61 -45.31 20.05
CA LEU D 184 17.74 -45.63 20.93
C LEU D 184 18.39 -46.92 20.44
N PHE D 185 19.53 -46.80 19.76
CA PHE D 185 20.22 -47.96 19.21
C PHE D 185 21.43 -48.31 20.06
N SER D 186 21.72 -49.61 20.16
CA SER D 186 22.93 -50.04 20.84
C SER D 186 23.24 -51.47 20.44
N ALA D 187 24.49 -51.87 20.72
CA ALA D 187 24.90 -53.26 20.54
C ALA D 187 24.73 -54.08 21.81
N THR D 188 25.13 -53.53 22.96
CA THR D 188 24.97 -54.17 24.25
C THR D 188 23.97 -53.38 25.08
N TRP D 189 23.13 -54.10 25.83
CA TRP D 189 22.12 -53.48 26.68
C TRP D 189 22.16 -54.09 28.07
N PRO D 190 22.81 -53.44 29.02
CA PRO D 190 22.67 -53.86 30.43
C PRO D 190 21.25 -53.68 30.89
N GLU D 191 20.72 -54.70 31.59
CA GLU D 191 19.32 -54.68 31.99
C GLU D 191 19.00 -53.51 32.90
N ALA D 192 19.96 -53.11 33.74
CA ALA D 192 19.76 -51.96 34.62
C ALA D 192 19.56 -50.68 33.81
N ILE D 193 20.29 -50.54 32.71
CA ILE D 193 20.11 -49.36 31.86
C ILE D 193 18.83 -49.48 31.04
N ALA D 194 18.48 -50.70 30.63
CA ALA D 194 17.26 -50.90 29.85
C ALA D 194 16.02 -50.58 30.68
N ALA D 195 16.08 -50.80 32.00
CA ALA D 195 14.95 -50.44 32.85
C ALA D 195 14.73 -48.93 32.85
N ILE D 196 15.82 -48.15 32.99
CA ILE D 196 15.73 -46.70 33.02
C ILE D 196 15.47 -46.11 31.64
N SER D 197 15.74 -46.88 30.57
CA SER D 197 15.62 -46.37 29.20
C SER D 197 14.28 -45.69 28.91
N GLY D 198 13.21 -46.10 29.57
CA GLY D 198 11.90 -45.56 29.26
C GLY D 198 11.66 -44.11 29.63
N ARG D 199 12.64 -43.41 30.19
CA ARG D 199 12.43 -42.03 30.62
C ARG D 199 12.49 -41.03 29.48
N VAL D 200 13.00 -41.40 28.32
CA VAL D 200 13.08 -40.49 27.17
C VAL D 200 12.31 -41.02 25.98
N GLN D 201 11.30 -41.87 26.22
CA GLN D 201 10.53 -42.49 25.15
C GLN D 201 9.07 -42.58 25.55
N ARG D 202 8.22 -42.70 24.54
CA ARG D 202 6.78 -42.87 24.70
C ARG D 202 6.40 -44.28 24.25
N ASP D 203 6.07 -45.13 25.21
CA ASP D 203 5.69 -46.52 24.94
C ASP D 203 6.65 -47.18 23.96
N PRO D 204 7.93 -47.30 24.32
CA PRO D 204 8.92 -47.72 23.32
C PRO D 204 8.75 -49.19 22.94
N LEU D 205 9.00 -49.46 21.66
CA LEU D 205 9.01 -50.82 21.14
C LEU D 205 10.44 -51.34 21.19
N ALA D 206 10.65 -52.45 21.89
CA ALA D 206 11.96 -53.07 22.00
C ALA D 206 12.15 -54.08 20.87
N ILE D 207 13.19 -53.88 20.07
CA ILE D 207 13.52 -54.77 18.96
C ILE D 207 14.91 -55.32 19.24
N GLU D 208 14.97 -56.55 19.72
CA GLU D 208 16.23 -57.24 20.01
C GLU D 208 16.43 -58.30 18.93
N ILE D 209 17.12 -57.93 17.86
CA ILE D 209 17.40 -58.84 16.75
C ILE D 209 18.35 -59.93 17.22
N ASP D 210 19.60 -59.55 17.47
CA ASP D 210 20.61 -60.49 17.94
C ASP D 210 20.61 -60.53 19.46
N SER D 211 20.84 -61.73 19.99
CA SER D 211 20.92 -61.90 21.44
C SER D 211 22.13 -61.13 21.99
N THR D 212 22.17 -61.00 23.32
CA THR D 212 23.28 -60.30 23.96
C THR D 212 24.60 -61.05 23.78
N ASP D 213 24.55 -62.35 23.53
CA ASP D 213 25.74 -63.15 23.27
C ASP D 213 25.83 -63.61 21.81
N ALA D 214 25.04 -63.02 20.92
CA ALA D 214 25.07 -63.35 19.50
C ALA D 214 25.99 -62.34 18.81
N LEU D 215 27.23 -62.76 18.57
CA LEU D 215 28.28 -61.90 18.04
C LEU D 215 28.61 -62.24 16.60
N PRO D 216 29.19 -61.29 15.86
CA PRO D 216 29.66 -61.58 14.50
C PRO D 216 30.76 -62.63 14.51
N PRO D 217 31.12 -63.18 13.33
CA PRO D 217 32.14 -64.24 13.31
C PRO D 217 33.51 -63.80 13.82
N ILE D 218 33.62 -63.65 15.14
CA ILE D 218 34.85 -63.21 15.79
C ILE D 218 35.44 -64.38 16.56
N GLU D 219 36.68 -64.72 16.28
CA GLU D 219 37.40 -65.75 17.01
C GLU D 219 38.22 -65.10 18.12
N GLN D 220 38.08 -65.62 19.34
CA GLN D 220 38.73 -65.03 20.51
C GLN D 220 39.73 -66.01 21.11
N GLN D 221 40.94 -65.51 21.36
CA GLN D 221 41.99 -66.24 22.05
C GLN D 221 42.42 -65.45 23.28
N PHE D 222 42.76 -66.16 24.36
CA PHE D 222 43.19 -65.54 25.60
C PHE D 222 44.59 -66.02 25.96
N TYR D 223 45.47 -65.07 26.28
CA TYR D 223 46.87 -65.36 26.61
C TYR D 223 47.15 -65.08 28.07
N GLU D 224 47.84 -66.01 28.72
CA GLU D 224 48.24 -65.88 30.12
C GLU D 224 49.61 -65.21 30.18
N THR D 225 49.68 -64.06 30.85
CA THR D 225 50.94 -63.35 30.93
C THR D 225 50.99 -62.53 32.21
N SER D 226 52.20 -62.16 32.60
CA SER D 226 52.39 -61.28 33.74
C SER D 226 52.23 -59.83 33.29
N SER D 227 52.36 -58.90 34.24
CA SER D 227 52.22 -57.50 33.89
C SER D 227 53.45 -56.98 33.14
N LYS D 228 54.65 -57.39 33.56
CA LYS D 228 55.86 -56.92 32.89
C LYS D 228 55.97 -57.49 31.48
N GLY D 229 55.66 -58.77 31.30
CA GLY D 229 55.77 -59.43 30.03
C GLY D 229 54.68 -59.13 29.02
N LYS D 230 53.83 -58.15 29.29
CA LYS D 230 52.72 -57.85 28.38
C LYS D 230 53.23 -57.22 27.09
N ILE D 231 54.10 -56.22 27.21
CA ILE D 231 54.62 -55.51 26.04
C ILE D 231 55.50 -56.43 25.19
N PRO D 232 56.41 -57.24 25.78
CA PRO D 232 57.14 -58.20 24.94
C PRO D 232 56.22 -59.21 24.26
N LEU D 233 55.18 -59.68 24.96
CA LEU D 233 54.24 -60.61 24.35
C LEU D 233 53.50 -59.97 23.20
N LEU D 234 53.13 -58.68 23.34
CA LEU D 234 52.48 -57.99 22.25
C LEU D 234 53.41 -57.84 21.05
N GLN D 235 54.67 -57.47 21.29
CA GLN D 235 55.63 -57.35 20.20
C GLN D 235 55.86 -58.69 19.50
N ARG D 236 55.81 -59.80 20.25
CA ARG D 236 56.00 -61.10 19.64
C ARG D 236 54.78 -61.55 18.85
N LEU D 237 53.58 -61.35 19.40
CA LEU D 237 52.36 -61.74 18.71
C LEU D 237 52.11 -60.91 17.46
N LEU D 238 52.43 -59.61 17.51
CA LEU D 238 52.28 -58.77 16.32
C LEU D 238 53.21 -59.25 15.21
N SER D 239 54.45 -59.61 15.56
CA SER D 239 55.36 -60.16 14.57
C SER D 239 54.88 -61.51 14.07
N LEU D 240 54.25 -62.31 14.93
CA LEU D 240 53.86 -63.66 14.55
C LEU D 240 52.66 -63.63 13.60
N HIS D 241 51.63 -62.85 13.92
CA HIS D 241 50.46 -62.79 13.07
C HIS D 241 50.70 -61.95 11.82
N GLN D 242 51.62 -60.99 11.89
CA GLN D 242 51.94 -60.11 10.76
C GLN D 242 50.68 -59.49 10.16
N PRO D 243 49.89 -58.77 10.95
CA PRO D 243 48.62 -58.25 10.44
C PRO D 243 48.79 -56.97 9.66
N SER D 244 47.78 -56.68 8.84
CA SER D 244 47.74 -55.43 8.10
C SER D 244 47.05 -54.33 8.89
N SER D 245 46.00 -54.69 9.63
CA SER D 245 45.27 -53.75 10.48
C SER D 245 45.12 -54.37 11.87
N CYS D 246 45.53 -53.62 12.88
CA CYS D 246 45.43 -54.11 14.25
C CYS D 246 45.14 -52.94 15.18
N VAL D 247 44.19 -53.13 16.09
CA VAL D 247 43.84 -52.14 17.09
C VAL D 247 44.09 -52.74 18.47
N VAL D 248 44.85 -52.02 19.29
CA VAL D 248 45.24 -52.47 20.63
C VAL D 248 44.59 -51.54 21.64
N PHE D 249 43.74 -52.09 22.51
CA PHE D 249 42.99 -51.32 23.49
C PHE D 249 43.66 -51.40 24.86
N CYS D 250 43.78 -50.24 25.52
CA CYS D 250 44.34 -50.14 26.86
C CYS D 250 43.31 -49.50 27.79
N ASN D 251 43.54 -49.65 29.09
CA ASN D 251 42.58 -49.16 30.07
C ASN D 251 42.84 -47.74 30.54
N THR D 252 44.05 -47.22 30.36
CA THR D 252 44.36 -45.85 30.72
C THR D 252 45.06 -45.16 29.56
N LYS D 253 45.10 -43.82 29.61
CA LYS D 253 45.73 -43.06 28.55
C LYS D 253 47.25 -43.23 28.56
N LYS D 254 47.85 -43.26 29.76
CA LYS D 254 49.29 -43.40 29.84
C LYS D 254 49.75 -44.78 29.40
N ASP D 255 49.00 -45.83 29.76
CA ASP D 255 49.28 -47.15 29.23
C ASP D 255 49.17 -47.16 27.71
N CYS D 256 48.16 -46.47 27.17
CA CYS D 256 47.99 -46.38 25.72
C CYS D 256 49.23 -45.77 25.06
N GLN D 257 49.64 -44.60 25.54
CA GLN D 257 50.78 -43.92 24.93
C GLN D 257 52.07 -44.72 25.13
N ALA D 258 52.23 -45.39 26.26
CA ALA D 258 53.43 -46.19 26.50
C ALA D 258 53.49 -47.40 25.58
N VAL D 259 52.36 -48.09 25.39
CA VAL D 259 52.32 -49.22 24.48
C VAL D 259 52.63 -48.75 23.05
N CYS D 260 52.05 -47.62 22.65
CA CYS D 260 52.35 -47.09 21.33
C CYS D 260 53.83 -46.76 21.17
N ASP D 261 54.41 -46.13 22.19
CA ASP D 261 55.83 -45.79 22.15
C ASP D 261 56.69 -47.05 22.04
N ALA D 262 56.36 -48.10 22.79
CA ALA D 262 57.13 -49.33 22.71
C ALA D 262 57.03 -49.96 21.32
N LEU D 263 55.81 -50.02 20.78
CA LEU D 263 55.62 -50.57 19.44
C LEU D 263 56.40 -49.79 18.40
N ASN D 264 56.51 -48.47 18.58
CA ASN D 264 57.34 -47.68 17.66
C ASN D 264 58.82 -47.94 17.89
N GLU D 265 59.22 -48.16 19.15
CA GLU D 265 60.63 -48.41 19.46
C GLU D 265 61.10 -49.73 18.85
N VAL D 266 60.21 -50.69 18.69
CA VAL D 266 60.59 -51.93 18.01
C VAL D 266 60.37 -51.76 16.51
N GLY D 267 60.01 -50.55 16.10
CA GLY D 267 59.86 -50.24 14.69
C GLY D 267 58.71 -50.96 14.03
N GLN D 268 57.55 -50.98 14.70
CA GLN D 268 56.37 -51.67 14.18
C GLN D 268 55.27 -50.72 13.75
N SER D 269 55.58 -49.43 13.59
CA SER D 269 54.66 -48.43 13.02
C SER D 269 53.30 -48.43 13.71
N ALA D 270 53.19 -47.73 14.83
CA ALA D 270 51.95 -47.65 15.58
C ALA D 270 51.60 -46.19 15.82
N LEU D 271 50.31 -45.89 15.75
CA LEU D 271 49.77 -44.57 16.07
C LEU D 271 48.95 -44.67 17.35
N SER D 272 48.67 -43.51 17.94
CA SER D 272 48.04 -43.43 19.25
C SER D 272 46.77 -42.59 19.17
N LEU D 273 45.72 -43.03 19.87
CA LEU D 273 44.43 -42.33 19.90
C LEU D 273 43.93 -42.34 21.34
N HIS D 274 44.03 -41.21 22.03
CA HIS D 274 43.51 -41.10 23.38
C HIS D 274 43.11 -39.65 23.64
N GLY D 275 42.48 -39.43 24.79
CA GLY D 275 41.86 -38.16 25.12
C GLY D 275 42.78 -37.02 25.50
N ASP D 276 44.09 -37.25 25.61
CA ASP D 276 45.03 -36.21 25.95
C ASP D 276 45.74 -35.62 24.74
N LEU D 277 45.45 -36.12 23.54
CA LEU D 277 45.99 -35.57 22.31
C LEU D 277 45.11 -34.43 21.80
N GLU D 278 45.71 -33.59 20.96
CA GLU D 278 44.93 -32.58 20.27
C GLU D 278 43.90 -33.27 19.37
N GLN D 279 42.72 -32.64 19.24
CA GLN D 279 41.67 -33.23 18.42
C GLN D 279 42.11 -33.33 16.97
N ARG D 280 42.90 -32.36 16.49
CA ARG D 280 43.51 -32.46 15.18
C ARG D 280 44.34 -33.73 15.06
N ASP D 281 45.15 -34.02 16.08
CA ASP D 281 45.95 -35.23 16.09
C ASP D 281 45.07 -36.48 16.10
N ARG D 282 43.99 -36.46 16.89
CA ARG D 282 43.09 -37.61 16.94
C ARG D 282 42.48 -37.89 15.58
N ASP D 283 41.92 -36.85 14.94
CA ASP D 283 41.30 -37.01 13.63
C ASP D 283 42.31 -37.51 12.61
N GLN D 284 43.50 -36.90 12.59
CA GLN D 284 44.50 -37.31 11.61
C GLN D 284 45.01 -38.72 11.86
N THR D 285 45.11 -39.13 13.13
CA THR D 285 45.53 -40.49 13.44
C THR D 285 44.49 -41.50 12.99
N LEU D 286 43.21 -41.22 13.25
CA LEU D 286 42.17 -42.11 12.78
C LEU D 286 42.18 -42.21 11.26
N VAL D 287 42.35 -41.07 10.57
CA VAL D 287 42.40 -41.08 9.11
C VAL D 287 43.56 -41.94 8.63
N ARG D 288 44.76 -41.68 9.16
CA ARG D 288 45.95 -42.41 8.71
C ARG D 288 45.81 -43.90 8.95
N PHE D 289 45.30 -44.30 10.12
CA PHE D 289 45.12 -45.73 10.38
C PHE D 289 44.05 -46.32 9.45
N ALA D 290 43.02 -45.55 9.11
CA ALA D 290 41.98 -46.06 8.24
C ALA D 290 42.50 -46.29 6.83
N ASN D 291 43.26 -45.34 6.29
CA ASN D 291 43.72 -45.47 4.91
C ASN D 291 44.96 -46.35 4.77
N GLY D 292 45.49 -46.87 5.87
CA GLY D 292 46.63 -47.75 5.80
C GLY D 292 47.98 -47.10 6.03
N SER D 293 48.02 -45.93 6.64
CA SER D 293 49.29 -45.26 6.93
C SER D 293 49.93 -45.74 8.21
N ALA D 294 49.37 -46.75 8.87
CA ALA D 294 49.93 -47.32 10.08
C ALA D 294 49.39 -48.72 10.25
N ARG D 295 50.24 -49.63 10.73
CA ARG D 295 49.82 -51.01 10.90
C ARG D 295 49.05 -51.22 12.20
N VAL D 296 49.45 -50.52 13.26
CA VAL D 296 48.87 -50.70 14.59
C VAL D 296 48.31 -49.37 15.08
N LEU D 297 47.14 -49.43 15.72
CA LEU D 297 46.51 -48.28 16.35
C LEU D 297 46.28 -48.62 17.81
N VAL D 298 47.03 -47.99 18.71
CA VAL D 298 46.84 -48.14 20.14
C VAL D 298 45.88 -47.05 20.59
N ALA D 299 44.76 -47.47 21.19
CA ALA D 299 43.73 -46.52 21.58
C ALA D 299 43.15 -46.94 22.93
N THR D 300 42.58 -45.95 23.63
CA THR D 300 41.85 -46.22 24.86
C THR D 300 40.43 -46.64 24.51
N ASP D 301 39.51 -46.56 25.49
CA ASP D 301 38.13 -46.92 25.21
C ASP D 301 37.40 -45.90 24.37
N VAL D 302 38.07 -44.80 23.99
CA VAL D 302 37.44 -43.82 23.10
C VAL D 302 37.14 -44.44 21.75
N ALA D 303 37.97 -45.39 21.30
CA ALA D 303 37.79 -46.05 20.01
C ALA D 303 37.10 -47.39 20.16
N ALA D 304 36.43 -47.64 21.28
CA ALA D 304 35.81 -48.92 21.53
C ALA D 304 34.41 -49.04 20.96
N ARG D 305 33.70 -47.93 20.75
CA ARG D 305 32.31 -47.96 20.32
C ARG D 305 32.16 -47.27 18.96
N GLY D 306 31.40 -47.91 18.07
CA GLY D 306 30.90 -47.26 16.87
C GLY D 306 31.84 -47.16 15.69
N LEU D 307 33.15 -47.03 15.95
CA LEU D 307 34.10 -46.78 14.86
C LEU D 307 34.11 -47.93 13.87
N ASP D 308 33.96 -47.60 12.58
CA ASP D 308 33.85 -48.57 11.51
C ASP D 308 35.09 -48.49 10.62
N ILE D 309 36.06 -49.37 10.89
CA ILE D 309 37.29 -49.44 10.11
C ILE D 309 37.18 -50.62 9.16
N LYS D 310 37.32 -50.34 7.86
CA LYS D 310 37.08 -51.35 6.83
C LYS D 310 38.12 -52.46 6.88
N SER D 311 37.65 -53.69 7.03
CA SER D 311 38.50 -54.89 6.98
C SER D 311 39.61 -54.84 8.03
N LEU D 312 39.22 -54.58 9.27
CA LEU D 312 40.17 -54.65 10.38
C LEU D 312 40.53 -56.12 10.64
N GLU D 313 41.82 -56.40 10.70
CA GLU D 313 42.27 -57.79 10.78
C GLU D 313 42.38 -58.30 12.21
N LEU D 314 42.79 -57.45 13.16
CA LEU D 314 43.11 -57.95 14.50
C LEU D 314 42.75 -56.93 15.56
N VAL D 315 42.18 -57.43 16.66
CA VAL D 315 41.95 -56.65 17.87
C VAL D 315 42.73 -57.30 19.01
N VAL D 316 43.34 -56.47 19.86
CA VAL D 316 44.18 -56.93 20.96
C VAL D 316 43.77 -56.18 22.22
N ASN D 317 43.15 -56.90 23.15
CA ASN D 317 42.87 -56.40 24.50
C ASN D 317 44.14 -56.50 25.32
N PHE D 318 44.94 -55.43 25.30
CA PHE D 318 46.14 -55.37 26.14
C PHE D 318 45.77 -55.54 27.60
N GLU D 319 44.79 -54.78 28.07
CA GLU D 319 44.13 -55.01 29.35
C GLU D 319 42.66 -55.30 29.11
N LEU D 320 42.10 -56.19 29.91
CA LEU D 320 40.67 -56.45 29.82
C LEU D 320 39.89 -55.24 30.31
N ALA D 321 38.83 -54.90 29.58
CA ALA D 321 38.03 -53.72 29.91
C ALA D 321 37.38 -53.88 31.28
N TRP D 322 37.08 -52.75 31.91
CA TRP D 322 36.46 -52.79 33.24
C TRP D 322 35.07 -53.42 33.17
N ASP D 323 34.30 -53.09 32.15
CA ASP D 323 32.96 -53.63 31.95
C ASP D 323 32.94 -54.62 30.80
N PRO D 324 32.09 -55.66 30.87
CA PRO D 324 32.04 -56.62 29.76
C PRO D 324 31.42 -56.05 28.50
N GLU D 325 30.48 -55.11 28.63
CA GLU D 325 29.92 -54.47 27.45
C GLU D 325 30.99 -53.74 26.65
N VAL D 326 31.92 -53.08 27.34
CA VAL D 326 33.02 -52.40 26.65
C VAL D 326 33.90 -53.42 25.92
N HIS D 327 34.09 -54.59 26.51
CA HIS D 327 34.85 -55.65 25.84
C HIS D 327 34.16 -56.09 24.56
N VAL D 328 32.85 -56.33 24.63
CA VAL D 328 32.11 -56.73 23.43
C VAL D 328 32.22 -55.64 22.36
N HIS D 329 32.05 -54.38 22.76
CA HIS D 329 32.11 -53.28 21.80
C HIS D 329 33.48 -53.18 21.15
N ARG D 330 34.55 -53.29 21.95
CA ARG D 330 35.89 -53.10 21.39
C ARG D 330 36.35 -54.30 20.56
N ILE D 331 35.86 -55.51 20.85
CA ILE D 331 36.18 -56.62 19.97
C ILE D 331 35.30 -56.63 18.72
N GLY D 332 34.13 -55.99 18.77
CA GLY D 332 33.31 -55.90 17.58
C GLY D 332 33.82 -54.99 16.49
N ARG D 333 34.97 -54.34 16.69
CA ARG D 333 35.53 -53.48 15.66
C ARG D 333 36.06 -54.26 14.47
N THR D 334 36.37 -55.55 14.65
CA THR D 334 36.70 -56.43 13.54
C THR D 334 35.48 -57.29 13.18
N ALA D 335 35.60 -58.00 12.05
CA ALA D 335 34.54 -58.86 11.54
C ALA D 335 33.24 -58.10 11.34
N ARG D 336 33.33 -56.96 10.68
CA ARG D 336 32.17 -56.12 10.41
C ARG D 336 31.66 -56.37 8.99
N ALA D 337 30.35 -56.16 8.80
CA ALA D 337 29.71 -56.24 7.49
C ALA D 337 29.89 -57.61 6.86
N GLY D 338 29.84 -58.66 7.69
CA GLY D 338 29.88 -60.02 7.21
C GLY D 338 31.26 -60.64 7.08
N ASN D 339 32.32 -59.92 7.42
CA ASN D 339 33.66 -60.49 7.40
C ASN D 339 33.95 -61.21 8.71
N SER D 340 35.11 -61.84 8.78
CA SER D 340 35.59 -62.51 9.98
C SER D 340 36.68 -61.68 10.64
N GLY D 341 37.07 -62.07 11.84
CA GLY D 341 38.08 -61.33 12.57
C GLY D 341 38.65 -62.13 13.71
N LEU D 342 39.75 -61.61 14.28
CA LEU D 342 40.45 -62.23 15.38
C LEU D 342 40.61 -61.23 16.51
N ALA D 343 40.35 -61.69 17.74
CA ALA D 343 40.42 -60.85 18.93
C ALA D 343 41.22 -61.58 20.01
N ILE D 344 42.49 -61.20 20.14
CA ILE D 344 43.38 -61.72 21.18
C ILE D 344 43.28 -60.84 22.41
N SER D 345 43.28 -61.46 23.59
CA SER D 345 43.14 -60.74 24.85
C SER D 345 44.17 -61.24 25.86
N PHE D 346 44.97 -60.33 26.41
CA PHE D 346 45.90 -60.69 27.47
C PHE D 346 45.20 -60.66 28.82
N CYS D 347 45.46 -61.68 29.63
CA CYS D 347 44.87 -61.78 30.96
C CYS D 347 45.99 -61.99 31.98
N ALA D 348 46.30 -60.95 32.73
CA ALA D 348 47.23 -61.06 33.85
C ALA D 348 46.52 -61.69 35.04
N PRO D 349 47.27 -62.20 36.02
CA PRO D 349 46.62 -62.77 37.22
C PRO D 349 45.65 -61.82 37.91
N GLU D 350 45.86 -60.51 37.79
CA GLU D 350 44.96 -59.54 38.40
C GLU D 350 43.68 -59.33 37.61
N GLU D 351 43.55 -59.96 36.44
CA GLU D 351 42.41 -59.73 35.55
C GLU D 351 41.54 -60.96 35.38
N ALA D 352 41.81 -62.04 36.13
CA ALA D 352 41.04 -63.27 35.95
C ALA D 352 39.58 -63.08 36.30
N GLN D 353 39.27 -62.11 37.17
CA GLN D 353 37.88 -61.80 37.48
C GLN D 353 37.13 -61.37 36.22
N ARG D 354 37.63 -60.34 35.54
CA ARG D 354 36.94 -59.80 34.38
C ARG D 354 36.86 -60.81 33.24
N ALA D 355 37.85 -61.71 33.16
CA ALA D 355 37.79 -62.76 32.14
C ALA D 355 36.64 -63.72 32.37
N ASN D 356 36.27 -63.94 33.64
CA ASN D 356 35.12 -64.78 33.94
C ASN D 356 33.81 -64.04 33.70
N ILE D 357 33.75 -62.76 34.09
CA ILE D 357 32.58 -61.94 33.80
C ILE D 357 32.32 -61.92 32.30
N ILE D 358 33.38 -61.88 31.50
CA ILE D 358 33.25 -61.93 30.05
C ILE D 358 32.72 -63.30 29.62
N SER D 359 33.32 -64.38 30.15
CA SER D 359 32.89 -65.72 29.77
C SER D 359 31.43 -65.97 30.13
N ASP D 360 30.96 -65.38 31.23
CA ASP D 360 29.55 -65.53 31.59
C ASP D 360 28.65 -64.80 30.60
N MET D 361 29.10 -63.67 30.07
CA MET D 361 28.25 -62.87 29.20
C MET D 361 28.11 -63.49 27.82
N LEU D 362 29.20 -64.05 27.29
CA LEU D 362 29.17 -64.63 25.95
C LEU D 362 28.85 -66.12 25.95
N GLN D 363 28.87 -66.78 27.11
CA GLN D 363 28.60 -68.21 27.24
C GLN D 363 29.49 -69.03 26.30
N ILE D 364 30.80 -68.87 26.50
CA ILE D 364 31.80 -69.58 25.71
C ILE D 364 32.96 -69.97 26.62
N LYS D 365 33.60 -71.10 26.30
CA LYS D 365 34.81 -71.50 26.98
C LYS D 365 36.00 -70.77 26.39
N LEU D 366 36.88 -70.28 27.25
CA LEU D 366 37.99 -69.43 26.83
C LEU D 366 39.12 -70.27 26.26
N ASN D 367 39.49 -70.01 25.01
CA ASN D 367 40.60 -70.69 24.35
C ASN D 367 41.90 -70.06 24.85
N TRP D 368 42.51 -70.68 25.86
CA TRP D 368 43.78 -70.18 26.38
C TRP D 368 44.92 -70.71 25.54
N GLN D 369 45.64 -69.80 24.90
CA GLN D 369 46.68 -70.16 23.95
C GLN D 369 48.04 -70.29 24.62
N THR D 370 48.90 -71.10 24.02
CA THR D 370 50.28 -71.25 24.49
C THR D 370 51.21 -70.65 23.45
N PRO D 371 51.94 -69.58 23.77
CA PRO D 371 52.85 -68.98 22.78
C PRO D 371 54.00 -69.90 22.47
N PRO D 372 54.73 -69.67 21.39
CA PRO D 372 55.90 -70.50 21.08
C PRO D 372 56.96 -70.39 22.18
N ALA D 373 57.85 -71.39 22.19
CA ALA D 373 58.94 -71.37 23.16
C ALA D 373 59.75 -70.10 23.05
N ASN D 374 59.97 -69.62 21.82
CA ASN D 374 60.55 -68.30 21.58
C ASN D 374 60.33 -67.95 20.12
N SER D 375 59.94 -66.70 19.88
CA SER D 375 59.81 -66.18 18.53
C SER D 375 60.44 -64.80 18.47
N SER D 376 61.09 -64.49 17.34
CA SER D 376 61.74 -63.20 17.18
C SER D 376 60.68 -62.10 17.05
N ILE D 377 61.16 -60.87 16.93
CA ILE D 377 60.30 -59.71 16.76
C ILE D 377 60.66 -59.05 15.45
N ALA D 378 59.76 -59.15 14.47
CA ALA D 378 59.96 -58.53 13.17
C ALA D 378 59.36 -57.12 13.16
N THR D 379 59.82 -56.32 12.20
CA THR D 379 59.28 -54.99 12.03
C THR D 379 57.95 -55.06 11.29
N LEU D 380 57.21 -53.95 11.32
CA LEU D 380 55.94 -53.82 10.61
C LEU D 380 55.95 -52.45 9.93
N GLU D 381 56.17 -52.44 8.61
CA GLU D 381 56.26 -51.20 7.86
C GLU D 381 54.90 -50.86 7.26
N ALA D 382 54.53 -49.58 7.36
CA ALA D 382 53.27 -49.11 6.79
C ALA D 382 53.33 -49.12 5.28
N GLU D 383 52.23 -49.57 4.65
CA GLU D 383 52.22 -49.72 3.20
C GLU D 383 52.25 -48.38 2.49
N MET D 384 51.75 -47.32 3.11
CA MET D 384 51.67 -46.04 2.44
C MET D 384 51.55 -44.94 3.48
N ALA D 385 51.73 -43.70 3.03
CA ALA D 385 51.64 -42.52 3.86
C ALA D 385 50.43 -41.68 3.45
N THR D 386 50.25 -40.54 4.11
CA THR D 386 49.07 -39.70 3.92
C THR D 386 49.50 -38.25 3.73
N LEU D 387 48.87 -37.59 2.75
CA LEU D 387 49.07 -36.18 2.49
C LEU D 387 47.81 -35.41 2.89
N CYS D 388 48.01 -34.28 3.54
CA CYS D 388 46.94 -33.39 3.95
C CYS D 388 47.01 -32.13 3.11
N ILE D 389 45.94 -31.88 2.34
CA ILE D 389 45.84 -30.73 1.45
C ILE D 389 44.85 -29.76 2.06
N ASP D 390 45.29 -28.51 2.26
CA ASP D 390 44.41 -27.50 2.82
C ASP D 390 43.29 -27.17 1.83
N GLY D 391 42.11 -26.90 2.38
CA GLY D 391 40.95 -26.60 1.56
C GLY D 391 39.68 -27.23 2.11
N GLY D 392 39.49 -28.52 1.84
CA GLY D 392 38.32 -29.20 2.36
C GLY D 392 37.07 -28.75 1.65
N LYS D 393 36.06 -28.37 2.45
CA LYS D 393 34.80 -27.88 1.89
C LYS D 393 34.79 -26.37 1.69
N LYS D 394 35.75 -25.65 2.27
CA LYS D 394 35.87 -24.22 1.99
C LYS D 394 36.15 -23.98 0.51
N ALA D 395 37.06 -24.76 -0.06
CA ALA D 395 37.33 -24.71 -1.49
C ALA D 395 36.46 -25.67 -2.29
N LYS D 396 35.48 -26.30 -1.64
CA LYS D 396 34.60 -27.28 -2.28
C LYS D 396 35.41 -28.36 -2.99
N MET D 397 36.39 -28.91 -2.27
CA MET D 397 37.23 -29.95 -2.83
C MET D 397 36.43 -31.23 -2.99
N ARG D 398 36.52 -31.82 -4.17
CA ARG D 398 35.84 -33.07 -4.50
C ARG D 398 36.86 -34.17 -4.73
N PRO D 399 36.52 -35.43 -4.44
CA PRO D 399 37.50 -36.52 -4.68
C PRO D 399 37.99 -36.58 -6.12
N GLY D 400 37.10 -36.36 -7.10
CA GLY D 400 37.54 -36.32 -8.48
C GLY D 400 38.60 -35.26 -8.72
N ASP D 401 38.48 -34.12 -8.03
CA ASP D 401 39.47 -33.06 -8.18
C ASP D 401 40.86 -33.53 -7.74
N VAL D 402 40.95 -34.10 -6.54
CA VAL D 402 42.24 -34.54 -6.01
C VAL D 402 42.81 -35.65 -6.88
N LEU D 403 41.96 -36.58 -7.32
CA LEU D 403 42.44 -37.68 -8.15
C LEU D 403 42.97 -37.17 -9.49
N GLY D 404 42.20 -36.31 -10.17
CA GLY D 404 42.64 -35.76 -11.43
C GLY D 404 43.86 -34.87 -11.30
N ALA D 405 44.07 -34.27 -10.13
CA ALA D 405 45.28 -33.49 -9.91
C ALA D 405 46.49 -34.39 -9.74
N LEU D 406 46.37 -35.42 -8.88
CA LEU D 406 47.49 -36.32 -8.62
C LEU D 406 47.95 -37.08 -9.85
N THR D 407 47.08 -37.30 -10.83
CA THR D 407 47.44 -38.02 -12.04
C THR D 407 47.91 -37.04 -13.12
N GLY D 408 48.88 -37.49 -13.92
CA GLY D 408 49.37 -36.69 -15.02
C GLY D 408 50.14 -35.44 -14.63
N ASP D 409 49.48 -34.54 -13.87
CA ASP D 409 50.10 -33.29 -13.48
C ASP D 409 51.30 -33.50 -12.57
N ILE D 410 51.39 -34.65 -11.90
CA ILE D 410 52.54 -34.98 -11.06
C ILE D 410 53.27 -36.21 -11.55
N GLY D 411 52.54 -37.23 -12.01
CA GLY D 411 53.17 -38.38 -12.62
C GLY D 411 52.61 -39.72 -12.20
N LEU D 412 52.39 -39.89 -10.90
CA LEU D 412 51.95 -41.18 -10.39
C LEU D 412 50.55 -41.52 -10.90
N ASP D 413 50.34 -42.78 -11.24
CA ASP D 413 49.06 -43.24 -11.75
C ASP D 413 48.09 -43.50 -10.60
N GLY D 414 46.85 -43.83 -10.95
CA GLY D 414 45.81 -44.03 -9.95
C GLY D 414 46.03 -45.24 -9.06
N ALA D 415 46.85 -46.20 -9.50
CA ALA D 415 47.09 -47.39 -8.70
C ALA D 415 47.87 -47.08 -7.43
N ASP D 416 48.61 -45.98 -7.39
CA ASP D 416 49.41 -45.61 -6.24
C ASP D 416 48.69 -44.68 -5.27
N ILE D 417 47.39 -44.48 -5.46
CA ILE D 417 46.60 -43.56 -4.64
C ILE D 417 45.58 -44.37 -3.85
N GLY D 418 45.53 -44.14 -2.54
CA GLY D 418 44.64 -44.87 -1.68
C GLY D 418 43.30 -44.20 -1.47
N LYS D 419 42.83 -44.19 -0.22
CA LYS D 419 41.53 -43.62 0.11
C LYS D 419 41.62 -42.10 0.16
N ILE D 420 40.66 -41.44 -0.48
CA ILE D 420 40.56 -39.98 -0.46
C ILE D 420 39.40 -39.61 0.45
N ALA D 421 39.69 -38.83 1.50
CA ALA D 421 38.69 -38.43 2.49
C ALA D 421 38.60 -36.92 2.50
N VAL D 422 37.41 -36.40 2.22
CA VAL D 422 37.17 -34.97 2.18
C VAL D 422 36.60 -34.54 3.53
N HIS D 423 37.36 -33.71 4.24
CA HIS D 423 37.01 -33.17 5.53
C HIS D 423 36.64 -31.68 5.41
N PRO D 424 36.10 -31.07 6.48
CA PRO D 424 35.71 -29.65 6.39
C PRO D 424 36.81 -28.71 5.94
N ALA D 425 37.92 -28.68 6.68
CA ALA D 425 38.99 -27.71 6.40
C ALA D 425 40.16 -28.30 5.61
N HIS D 426 40.22 -29.61 5.46
CA HIS D 426 41.33 -30.27 4.78
C HIS D 426 40.80 -31.46 3.99
N VAL D 427 41.68 -32.05 3.19
CA VAL D 427 41.37 -33.29 2.47
C VAL D 427 42.60 -34.19 2.55
N TYR D 428 42.39 -35.44 2.93
CA TYR D 428 43.48 -36.38 3.16
C TYR D 428 43.50 -37.46 2.07
N VAL D 429 44.70 -37.78 1.59
CA VAL D 429 44.84 -38.73 0.50
C VAL D 429 46.00 -39.68 0.81
N ALA D 430 45.75 -40.98 0.67
CA ALA D 430 46.76 -42.00 0.90
C ALA D 430 47.55 -42.29 -0.37
N VAL D 431 48.87 -42.34 -0.25
CA VAL D 431 49.76 -42.58 -1.39
C VAL D 431 50.86 -43.53 -0.95
N ARG D 432 51.20 -44.49 -1.83
CA ARG D 432 52.25 -45.46 -1.56
C ARG D 432 53.51 -44.79 -1.00
N GLN D 433 54.18 -45.49 -0.09
CA GLN D 433 55.33 -44.92 0.59
C GLN D 433 56.44 -44.53 -0.37
N ALA D 434 56.58 -45.27 -1.48
CA ALA D 434 57.63 -44.97 -2.44
C ALA D 434 57.35 -43.65 -3.16
N VAL D 435 56.13 -43.47 -3.64
CA VAL D 435 55.77 -42.30 -4.42
C VAL D 435 55.12 -41.26 -3.50
N ALA D 436 55.43 -41.32 -2.21
CA ALA D 436 54.86 -40.38 -1.26
C ALA D 436 55.57 -39.04 -1.30
N HIS D 437 56.90 -39.05 -1.20
CA HIS D 437 57.64 -37.79 -1.16
C HIS D 437 57.70 -37.15 -2.54
N LYS D 438 57.78 -37.95 -3.60
CA LYS D 438 57.70 -37.39 -4.94
C LYS D 438 56.38 -36.65 -5.13
N ALA D 439 55.28 -37.26 -4.68
CA ALA D 439 53.98 -36.61 -4.76
C ALA D 439 53.96 -35.33 -3.93
N TRP D 440 54.48 -35.38 -2.71
CA TRP D 440 54.49 -34.20 -1.86
C TRP D 440 55.24 -33.05 -2.52
N LYS D 441 56.44 -33.33 -3.04
CA LYS D 441 57.30 -32.26 -3.51
C LYS D 441 56.97 -31.80 -4.92
N GLN D 442 56.23 -32.60 -5.69
CA GLN D 442 55.68 -32.10 -6.95
C GLN D 442 54.33 -31.42 -6.75
N LEU D 443 53.64 -31.70 -5.65
CA LEU D 443 52.41 -31.01 -5.30
C LEU D 443 52.64 -29.62 -4.73
N GLN D 444 53.90 -29.23 -4.50
CA GLN D 444 54.19 -27.92 -3.93
C GLN D 444 53.89 -26.77 -4.89
N GLY D 445 53.70 -27.06 -6.17
CA GLY D 445 53.32 -26.02 -7.12
C GLY D 445 51.95 -25.45 -6.82
N GLY D 446 50.92 -26.28 -6.93
CA GLY D 446 49.58 -25.85 -6.56
C GLY D 446 48.56 -25.98 -7.68
N LYS D 447 48.65 -27.06 -8.46
CA LYS D 447 47.69 -27.30 -9.53
C LYS D 447 46.53 -28.14 -8.99
N ILE D 448 45.74 -27.49 -8.13
CA ILE D 448 44.62 -28.13 -7.43
C ILE D 448 43.41 -27.25 -7.65
N LYS D 449 42.70 -27.46 -8.77
CA LYS D 449 41.47 -26.73 -9.10
C LYS D 449 41.74 -25.23 -9.25
N GLY D 450 42.81 -24.91 -9.99
CA GLY D 450 43.13 -23.52 -10.25
C GLY D 450 43.44 -22.67 -9.04
N LYS D 451 43.72 -23.31 -7.90
CA LYS D 451 44.05 -22.61 -6.66
C LYS D 451 45.18 -23.36 -5.97
N THR D 452 46.30 -22.68 -5.78
CA THR D 452 47.46 -23.31 -5.14
C THR D 452 47.14 -23.60 -3.67
N CYS D 453 47.27 -24.86 -3.27
CA CYS D 453 46.93 -25.31 -1.94
C CYS D 453 48.17 -25.83 -1.22
N ARG D 454 48.29 -25.50 0.06
CA ARG D 454 49.37 -26.02 0.90
C ARG D 454 49.15 -27.51 1.16
N VAL D 455 50.10 -28.33 0.73
CA VAL D 455 50.06 -29.77 0.97
C VAL D 455 51.17 -30.13 1.95
N ARG D 456 50.90 -31.13 2.78
CA ARG D 456 51.87 -31.54 3.79
C ARG D 456 51.87 -33.05 3.98
N LEU D 457 53.07 -33.60 4.15
CA LEU D 457 53.23 -35.01 4.47
C LEU D 457 53.05 -35.15 5.98
N LEU D 458 52.06 -35.95 6.40
CA LEU D 458 51.67 -35.97 7.80
C LEU D 458 52.75 -36.56 8.70
N LYS D 459 53.51 -37.55 8.21
CA LYS D 459 54.68 -38.07 8.90
C LYS D 459 54.40 -38.45 10.36
PB ADP I . 19.26 21.86 21.98
O1B ADP I . 18.33 22.08 20.68
O2B ADP I . 18.70 22.62 23.12
O3B ADP I . 19.31 20.30 22.35
PA ADP I . 21.67 21.25 21.11
O1A ADP I . 20.83 20.30 20.12
O2A ADP I . 22.21 20.44 22.23
O3A ADP I . 20.74 22.43 21.68
O5' ADP I . 22.89 21.89 20.29
C5' ADP I . 23.50 22.87 21.11
C4' ADP I . 24.77 23.34 20.40
O4' ADP I . 25.62 24.10 21.29
C3' ADP I . 25.60 22.12 19.96
O3' ADP I . 26.44 22.47 18.86
C2' ADP I . 26.44 21.84 21.23
O2' ADP I . 27.64 21.14 20.89
C1' ADP I . 26.74 23.28 21.71
N9 ADP I . 26.84 23.34 23.16
C8 ADP I . 26.09 22.62 24.05
N7 ADP I . 26.44 22.93 25.27
C5 ADP I . 27.43 23.87 25.24
C6 ADP I . 28.16 24.56 26.21
N6 ADP I . 27.95 24.33 27.55
N1 ADP I . 29.08 25.43 25.81
C2 ADP I . 29.29 25.65 24.52
N3 ADP I . 28.63 25.02 23.58
C4 ADP I . 27.69 24.13 23.88
BE BEF J . 17.24 21.59 19.95
F1 BEF J . 17.64 20.11 20.13
F2 BEF J . 16.13 22.02 20.96
F3 BEF J . 16.67 21.80 18.53
MG MG K . 17.74 18.41 21.00
PB ADP L . -23.36 22.40 -50.26
O1B ADP L . -24.50 21.62 -51.09
O2B ADP L . -23.14 23.73 -50.86
O3B ADP L . -23.84 22.57 -48.74
PA ADP L . -21.26 21.51 -48.91
O1A ADP L . -22.11 20.57 -47.91
O2A ADP L . -21.13 22.86 -48.34
O3A ADP L . -21.98 21.57 -50.35
O5' ADP L . -19.80 20.87 -49.09
C5' ADP L . -19.07 21.74 -49.97
C4' ADP L . -17.65 21.19 -50.10
O4' ADP L . -16.74 22.21 -50.56
C3' ADP L . -17.15 20.74 -48.71
O3' ADP L . -16.22 19.66 -48.84
C2' ADP L . -16.46 22.02 -48.19
O2' ADP L . -15.46 21.69 -47.23
C1' ADP L . -15.84 22.58 -49.49
N9 ADP L . -15.76 24.04 -49.42
C8 ADP L . -16.75 24.89 -49.03
N7 ADP L . -16.34 26.11 -49.09
C5 ADP L . -15.06 26.14 -49.53
C6 ADP L . -14.12 27.17 -49.78
N6 ADP L . -14.46 28.49 -49.58
N1 ADP L . -12.91 26.82 -50.21
C2 ADP L . -12.59 25.55 -50.40
N3 ADP L . -13.43 24.57 -50.18
C4 ADP L . -14.67 24.80 -49.74
BE BEF M . -25.43 21.14 -50.16
F1 BEF M . -24.97 20.39 -48.90
F2 BEF M . -26.83 21.80 -49.96
F3 BEF M . -25.57 20.14 -51.34
MG MG N . -25.84 21.42 -47.42
PB ADP O . -37.67 10.94 21.89
O1B ADP O . -38.86 11.06 22.76
O2B ADP O . -36.66 12.15 22.20
O3B ADP O . -38.14 11.00 20.35
PA ADP O . -36.39 8.85 20.87
O1A ADP O . -37.51 8.23 20.11
O2A ADP O . -35.66 9.94 19.93
O3A ADP O . -36.94 9.53 22.22
O5' ADP O . -35.32 7.71 21.24
C5' ADP O . -35.82 6.98 22.36
C4' ADP O . -34.93 5.75 22.56
O4' ADP O . -35.71 4.65 23.10
C3' ADP O . -34.38 5.29 21.19
O3' ADP O . -33.05 4.77 21.32
C2' ADP O . -35.37 4.17 20.78
O2' ADP O . -34.72 3.22 19.94
C1' ADP O . -35.74 3.56 22.15
N9 ADP O . -37.08 2.97 22.10
C8 ADP O . -38.12 3.37 21.32
N7 ADP O . -39.16 2.62 21.53
C5 ADP O . -38.85 1.68 22.47
C6 ADP O . -39.55 0.64 23.08
N6 ADP O . -40.88 0.38 22.75
N1 ADP O . -38.92 -0.11 23.98
C2 ADP O . -37.67 0.13 24.31
N3 ADP O . -36.97 1.10 23.75
C4 ADP O . -37.51 1.89 22.84
BE BEF P . -36.74 13.21 21.28
F1 BEF P . -35.63 12.96 20.24
F2 BEF P . -38.06 13.74 20.62
F3 BEF P . -36.28 14.28 22.28
MG MG Q . -36.82 12.68 18.73
PB ADP R . 26.85 -51.00 13.44
O1B ADP R . 26.01 -52.21 13.67
O2B ADP R . 27.96 -50.91 14.60
O3B ADP R . 25.91 -49.70 13.49
PA ADP R . 27.55 -49.75 11.20
O1A ADP R . 26.20 -49.45 10.69
O2A ADP R . 28.05 -48.56 12.16
O3A ADP R . 27.56 -51.15 12.00
O5' ADP R . 28.56 -49.87 9.95
C5' ADP R . 28.29 -51.11 9.29
C4' ADP R . 29.15 -51.18 8.03
O4' ADP R . 28.48 -51.97 7.01
C3' ADP R . 29.32 -49.77 7.44
O3' ADP R . 30.52 -49.68 6.67
C2' ADP R . 28.08 -49.65 6.53
O2' ADP R . 28.32 -48.71 5.48
C1' ADP R . 27.98 -51.09 5.98
N9 ADP R . 26.59 -51.41 5.67
C8 ADP R . 25.48 -50.92 6.30
N7 ADP R . 24.41 -51.44 5.78
C5 ADP R . 24.75 -52.28 4.77
C6 ADP R . 24.05 -53.10 3.88
N6 ADP R . 22.67 -53.14 3.90
N1 ADP R . 24.74 -53.82 2.99
C2 ADP R . 26.06 -53.79 2.96
N3 ADP R . 26.76 -53.04 3.79
C4 ADP R . 26.16 -52.28 4.70
BE BEF S . 27.98 -49.96 15.63
F1 BEF S . 28.44 -48.58 15.13
F2 BEF S . 26.86 -49.85 16.71
F3 BEF S . 29.16 -50.70 16.29
MG MG T . 26.73 -47.63 15.25
P PO4 U . 19.58 -5.96 3.64
O1 PO4 U . 18.55 -4.91 3.30
O2 PO4 U . 19.61 -6.93 2.48
O3 PO4 U . 19.11 -6.64 4.92
O4 PO4 U . 20.90 -5.23 3.81
P PO4 V . -19.34 20.71 -3.32
O1 PO4 V . -20.70 20.84 -3.97
O2 PO4 V . -18.30 21.42 -4.14
O3 PO4 V . -18.95 19.25 -3.11
O4 PO4 V . -19.40 21.39 -1.96
P PO4 W . -30.99 3.35 -24.14
O1 PO4 W . -31.41 3.01 -25.55
O2 PO4 W . -31.55 2.28 -23.23
O3 PO4 W . -31.56 4.70 -23.80
O4 PO4 W . -29.47 3.37 -24.10
P PO4 X . 38.88 -20.65 20.43
O1 PO4 X . 37.43 -20.67 20.80
O2 PO4 X . 39.53 -19.33 20.80
O3 PO4 X . 39.09 -20.96 18.95
O4 PO4 X . 39.59 -21.73 21.22
#